data_9HZE
#
_entry.id   9HZE
#
_entity_poly.entity_id   1
_entity_poly.type   'polypeptide(L)'
_entity_poly.pdbx_seq_one_letter_code
;MPIIQPFMASRRFTSTLGAGTGTGAAFAIAATACLNDAGTTATAFPTFTYYNLYVNGILQPSVNSSVTTGPTGAITIPGG
DALDGGIPITIEFIVT
;
_entity_poly.pdbx_strand_id   C,D,E,F,G,H,I,J,K,L,M,N,O,P,Q,R,S,T,U,V,W,X,Y,Z
#
# COMPACT_ATOMS: atom_id res chain seq x y z
N PRO A 2 -71.90 24.73 -54.92
CA PRO A 2 -71.71 24.84 -56.37
C PRO A 2 -70.40 25.55 -56.73
N ILE A 3 -70.11 25.65 -58.02
CA ILE A 3 -68.89 26.30 -58.47
C ILE A 3 -69.09 27.81 -58.43
N ILE A 4 -68.20 28.50 -57.74
CA ILE A 4 -68.28 29.96 -57.64
C ILE A 4 -67.89 30.58 -58.97
N GLN A 5 -68.69 31.54 -59.43
CA GLN A 5 -68.45 32.22 -60.69
C GLN A 5 -68.29 33.71 -60.47
N PRO A 6 -67.56 34.40 -61.34
CA PRO A 6 -67.41 35.85 -61.18
C PRO A 6 -68.75 36.57 -61.24
N PHE A 7 -68.90 37.60 -60.42
CA PHE A 7 -70.13 38.36 -60.34
C PHE A 7 -70.12 39.50 -61.34
N MET A 8 -71.22 39.64 -62.09
CA MET A 8 -71.37 40.73 -63.04
C MET A 8 -72.85 41.03 -63.16
N ALA A 9 -73.17 42.32 -63.28
CA ALA A 9 -74.55 42.75 -63.30
C ALA A 9 -74.70 43.99 -64.17
N SER A 10 -75.86 44.12 -64.80
CA SER A 10 -76.18 45.24 -65.67
C SER A 10 -77.33 46.02 -65.08
N ARG A 11 -77.12 47.32 -64.87
CA ARG A 11 -78.16 48.22 -64.38
C ARG A 11 -78.57 49.16 -65.51
N ARG A 12 -79.84 49.13 -65.88
CA ARG A 12 -80.35 49.89 -67.01
C ARG A 12 -81.34 50.93 -66.52
N PHE A 13 -81.12 52.19 -66.91
CA PHE A 13 -81.99 53.30 -66.58
C PHE A 13 -82.58 53.86 -67.87
N THR A 14 -83.90 54.08 -67.87
CA THR A 14 -84.61 54.53 -69.05
C THR A 14 -85.26 55.88 -68.80
N SER A 15 -85.13 56.78 -69.76
CA SER A 15 -85.72 58.11 -69.70
C SER A 15 -85.91 58.62 -71.12
N THR A 16 -86.18 59.92 -71.25
CA THR A 16 -86.37 60.56 -72.54
C THR A 16 -85.56 61.85 -72.59
N LEU A 17 -85.28 62.31 -73.81
CA LEU A 17 -84.52 63.55 -73.98
C LEU A 17 -85.31 64.78 -73.58
N GLY A 18 -86.62 64.64 -73.35
CA GLY A 18 -87.45 65.75 -72.93
C GLY A 18 -87.42 66.07 -71.45
N ALA A 19 -86.63 65.35 -70.67
CA ALA A 19 -86.50 65.56 -69.24
C ALA A 19 -85.11 66.06 -68.88
N GLY A 20 -84.54 66.93 -69.72
CA GLY A 20 -83.23 67.48 -69.50
C GLY A 20 -83.29 68.93 -69.01
N THR A 21 -82.14 69.40 -68.54
CA THR A 21 -82.00 70.75 -68.01
C THR A 21 -80.88 71.49 -68.73
N GLY A 22 -81.09 72.78 -68.98
CA GLY A 22 -80.09 73.60 -69.62
C GLY A 22 -80.00 73.36 -71.11
N THR A 23 -79.06 74.08 -71.74
CA THR A 23 -78.81 73.95 -73.17
C THR A 23 -77.30 73.96 -73.42
N GLY A 24 -76.90 73.39 -74.54
CA GLY A 24 -75.49 73.35 -74.90
C GLY A 24 -74.83 72.11 -74.35
N ALA A 25 -73.68 72.28 -73.70
CA ALA A 25 -72.94 71.19 -73.10
C ALA A 25 -73.38 70.89 -71.67
N ALA A 26 -74.37 71.62 -71.17
CA ALA A 26 -74.90 71.38 -69.82
C ALA A 26 -76.16 70.54 -69.82
N PHE A 27 -76.60 70.06 -70.97
CA PHE A 27 -77.79 69.21 -71.04
C PHE A 27 -77.56 67.91 -70.28
N ALA A 28 -78.29 67.74 -69.18
CA ALA A 28 -78.09 66.59 -68.31
C ALA A 28 -79.44 66.02 -67.90
N ILE A 29 -79.52 64.69 -67.85
CA ILE A 29 -80.71 64.00 -67.37
C ILE A 29 -80.44 63.55 -65.93
N ALA A 30 -81.23 64.09 -64.99
CA ALA A 30 -81.02 63.80 -63.59
C ALA A 30 -81.33 62.33 -63.28
N ALA A 31 -80.62 61.81 -62.28
CA ALA A 31 -80.85 60.43 -61.84
C ALA A 31 -82.21 60.25 -61.19
N THR A 32 -82.83 61.33 -60.72
CA THR A 32 -84.15 61.26 -60.11
C THR A 32 -85.28 61.31 -61.13
N ALA A 33 -84.95 61.43 -62.41
CA ALA A 33 -85.95 61.43 -63.49
C ALA A 33 -85.67 60.30 -64.48
N CYS A 34 -85.05 59.22 -64.01
CA CYS A 34 -84.70 58.08 -64.85
C CYS A 34 -85.25 56.83 -64.21
N LEU A 35 -86.11 56.11 -64.94
CA LEU A 35 -86.66 54.86 -64.43
C LEU A 35 -85.64 53.74 -64.58
N ASN A 36 -85.40 53.01 -63.49
CA ASN A 36 -84.42 51.93 -63.49
C ASN A 36 -85.03 50.68 -64.12
N ASP A 37 -84.34 49.55 -63.99
CA ASP A 37 -84.78 48.28 -64.57
C ASP A 37 -85.95 47.65 -63.82
N ALA A 38 -86.61 48.34 -62.90
CA ALA A 38 -87.75 47.79 -62.18
C ALA A 38 -89.08 48.40 -62.59
N GLY A 39 -89.09 49.64 -63.09
CA GLY A 39 -90.31 50.27 -63.53
C GLY A 39 -90.77 51.38 -62.61
N THR A 40 -89.86 51.87 -61.77
CA THR A 40 -90.15 52.93 -60.81
C THR A 40 -89.12 54.04 -60.95
N THR A 41 -89.39 55.15 -60.26
CA THR A 41 -88.46 56.27 -60.26
C THR A 41 -87.24 55.92 -59.42
N ALA A 42 -86.06 55.95 -60.03
CA ALA A 42 -84.83 55.60 -59.34
C ALA A 42 -84.38 56.75 -58.43
N THR A 43 -83.28 56.52 -57.73
CA THR A 43 -82.73 57.51 -56.80
C THR A 43 -81.30 57.91 -57.07
N ALA A 44 -80.41 56.98 -57.39
CA ALA A 44 -79.00 57.31 -57.57
C ALA A 44 -78.38 56.37 -58.60
N PHE A 45 -77.49 56.90 -59.41
CA PHE A 45 -76.74 56.08 -60.36
C PHE A 45 -75.68 55.28 -59.61
N PRO A 46 -75.65 53.96 -59.73
CA PRO A 46 -74.68 53.16 -58.98
C PRO A 46 -73.29 53.21 -59.60
N THR A 47 -72.30 52.81 -58.82
CA THR A 47 -70.93 52.74 -59.30
C THR A 47 -70.81 51.68 -60.39
N PHE A 48 -69.88 51.93 -61.31
CA PHE A 48 -69.74 51.07 -62.49
C PHE A 48 -68.27 50.97 -62.85
N THR A 49 -68.00 50.18 -63.90
CA THR A 49 -66.69 50.12 -64.52
C THR A 49 -66.68 50.74 -65.91
N TYR A 50 -67.69 50.43 -66.73
CA TYR A 50 -67.91 51.11 -68.00
C TYR A 50 -69.40 51.14 -68.27
N TYR A 51 -69.85 52.18 -68.96
CA TYR A 51 -71.26 52.41 -69.20
C TYR A 51 -71.52 52.61 -70.68
N ASN A 52 -72.72 52.22 -71.11
CA ASN A 52 -73.17 52.35 -72.49
C ASN A 52 -74.40 53.24 -72.54
N LEU A 53 -74.44 54.15 -73.50
CA LEU A 53 -75.57 55.05 -73.71
C LEU A 53 -76.26 54.68 -75.02
N TYR A 54 -77.58 54.51 -74.96
CA TYR A 54 -78.39 54.14 -76.12
C TYR A 54 -79.39 55.26 -76.40
N VAL A 55 -79.12 56.04 -77.43
CA VAL A 55 -80.03 57.10 -77.86
C VAL A 55 -80.87 56.54 -79.01
N ASN A 56 -82.17 56.36 -78.75
CA ASN A 56 -83.10 55.80 -79.73
C ASN A 56 -82.67 54.43 -80.22
N GLY A 57 -82.07 53.64 -79.32
CA GLY A 57 -81.61 52.30 -79.65
C GLY A 57 -80.24 52.24 -80.31
N ILE A 58 -79.58 53.38 -80.51
CA ILE A 58 -78.28 53.43 -81.16
C ILE A 58 -77.20 53.62 -80.09
N LEU A 59 -76.20 52.75 -80.11
CA LEU A 59 -75.10 52.83 -79.15
C LEU A 59 -74.22 54.03 -79.47
N GLN A 60 -74.14 54.97 -78.54
CA GLN A 60 -73.35 56.17 -78.75
C GLN A 60 -71.91 55.96 -78.28
N PRO A 61 -70.95 56.69 -78.86
CA PRO A 61 -69.56 56.59 -78.40
C PRO A 61 -69.37 57.16 -77.00
N SER A 62 -68.13 57.13 -76.51
CA SER A 62 -67.81 57.59 -75.17
C SER A 62 -67.54 59.08 -75.10
N VAL A 63 -67.63 59.79 -76.23
CA VAL A 63 -67.35 61.23 -76.24
C VAL A 63 -68.62 62.08 -76.23
N ASN A 64 -69.79 61.47 -76.45
CA ASN A 64 -71.05 62.20 -76.48
C ASN A 64 -71.83 62.09 -75.18
N SER A 65 -71.19 61.62 -74.10
CA SER A 65 -71.89 61.47 -72.83
C SER A 65 -70.89 61.54 -71.69
N SER A 66 -71.40 61.93 -70.52
CA SER A 66 -70.59 62.00 -69.30
C SER A 66 -71.53 61.77 -68.12
N VAL A 67 -71.29 60.68 -67.38
CA VAL A 67 -72.18 60.24 -66.31
C VAL A 67 -71.46 60.37 -64.97
N THR A 68 -72.19 60.84 -63.96
CA THR A 68 -71.71 60.94 -62.61
C THR A 68 -72.59 60.09 -61.69
N THR A 69 -71.98 59.45 -60.70
CA THR A 69 -72.71 58.58 -59.78
C THR A 69 -73.19 59.39 -58.58
N GLY A 70 -73.71 58.69 -57.57
CA GLY A 70 -74.20 59.33 -56.37
C GLY A 70 -75.64 59.76 -56.47
N PRO A 71 -76.22 60.21 -55.35
CA PRO A 71 -77.61 60.68 -55.38
C PRO A 71 -77.83 61.85 -56.31
N THR A 72 -76.85 62.73 -56.47
CA THR A 72 -76.95 63.89 -57.35
C THR A 72 -76.37 63.60 -58.74
N GLY A 73 -76.39 62.34 -59.16
CA GLY A 73 -75.84 61.99 -60.45
C GLY A 73 -76.70 62.49 -61.60
N ALA A 74 -76.05 62.72 -62.73
CA ALA A 74 -76.72 63.22 -63.92
C ALA A 74 -75.87 62.92 -65.14
N ILE A 75 -76.46 62.26 -66.13
CA ILE A 75 -75.76 61.95 -67.37
C ILE A 75 -75.74 63.19 -68.25
N THR A 76 -74.53 63.67 -68.57
CA THR A 76 -74.35 64.90 -69.35
C THR A 76 -74.28 64.53 -70.83
N ILE A 77 -75.37 64.76 -71.55
CA ILE A 77 -75.42 64.49 -72.98
C ILE A 77 -75.43 65.81 -73.74
N PRO A 78 -74.28 66.28 -74.22
CA PRO A 78 -74.27 67.56 -74.95
C PRO A 78 -74.92 67.43 -76.32
N GLY A 79 -75.54 68.51 -76.76
CA GLY A 79 -76.20 68.55 -78.04
C GLY A 79 -77.58 67.96 -78.09
N GLY A 80 -78.11 67.50 -76.96
CA GLY A 80 -79.43 66.89 -76.93
C GLY A 80 -80.58 67.89 -76.95
N ASP A 81 -80.30 69.18 -76.75
CA ASP A 81 -81.36 70.17 -76.78
C ASP A 81 -81.97 70.30 -78.16
N ALA A 82 -81.14 70.27 -79.21
CA ALA A 82 -81.65 70.39 -80.57
C ALA A 82 -82.47 69.18 -81.01
N LEU A 83 -82.27 68.03 -80.36
CA LEU A 83 -83.01 66.84 -80.72
C LEU A 83 -84.44 66.91 -80.18
N ASP A 84 -85.28 65.96 -80.62
CA ASP A 84 -86.66 65.93 -80.19
C ASP A 84 -86.75 65.50 -78.71
N GLY A 85 -87.88 65.83 -78.10
CA GLY A 85 -88.13 65.51 -76.71
C GLY A 85 -88.66 64.13 -76.44
N GLY A 86 -89.00 63.36 -77.47
CA GLY A 86 -89.50 62.02 -77.31
C GLY A 86 -88.49 60.92 -77.55
N ILE A 87 -87.23 61.26 -77.80
CA ILE A 87 -86.20 60.26 -78.06
C ILE A 87 -85.91 59.48 -76.78
N PRO A 88 -86.07 58.16 -76.79
CA PRO A 88 -85.76 57.38 -75.59
C PRO A 88 -84.27 57.36 -75.29
N ILE A 89 -83.96 57.21 -74.00
CA ILE A 89 -82.59 57.09 -73.53
C ILE A 89 -82.47 55.84 -72.69
N THR A 90 -81.44 55.05 -72.95
CA THR A 90 -81.18 53.80 -72.21
C THR A 90 -79.73 53.82 -71.75
N ILE A 91 -79.53 53.93 -70.45
CA ILE A 91 -78.20 54.00 -69.87
C ILE A 91 -77.92 52.68 -69.15
N GLU A 92 -76.90 51.96 -69.60
CA GLU A 92 -76.57 50.64 -69.07
C GLU A 92 -75.25 50.72 -68.32
N PHE A 93 -75.27 50.35 -67.04
CA PHE A 93 -74.07 50.31 -66.22
C PHE A 93 -73.68 48.85 -65.97
N ILE A 94 -72.41 48.54 -66.20
CA ILE A 94 -71.86 47.21 -65.97
C ILE A 94 -71.11 47.25 -64.66
N VAL A 95 -71.73 46.74 -63.60
CA VAL A 95 -71.15 46.74 -62.27
C VAL A 95 -70.45 45.39 -62.07
N THR A 96 -69.13 45.40 -62.06
CA THR A 96 -68.35 44.18 -61.87
C THR A 96 -67.39 44.33 -60.69
N PRO B 2 -43.16 6.80 -42.85
CA PRO B 2 -42.82 7.70 -43.97
C PRO B 2 -42.03 8.92 -43.52
N ILE B 3 -41.62 9.76 -44.47
CA ILE B 3 -40.85 10.95 -44.14
C ILE B 3 -41.80 12.02 -43.63
N ILE B 4 -41.50 12.55 -42.44
CA ILE B 4 -42.34 13.59 -41.85
C ILE B 4 -42.11 14.90 -42.60
N GLN B 5 -43.21 15.58 -42.94
CA GLN B 5 -43.15 16.83 -43.66
C GLN B 5 -43.82 17.94 -42.87
N PRO B 6 -43.42 19.20 -43.07
CA PRO B 6 -44.06 20.29 -42.33
C PRO B 6 -45.55 20.38 -42.65
N PHE B 7 -46.33 20.71 -41.62
CA PHE B 7 -47.78 20.79 -41.74
C PHE B 7 -48.19 22.19 -42.15
N MET B 8 -49.07 22.26 -43.16
CA MET B 8 -49.61 23.53 -43.62
C MET B 8 -51.00 23.28 -44.18
N ALA B 9 -51.90 24.22 -43.91
CA ALA B 9 -53.29 24.04 -44.30
C ALA B 9 -53.90 25.39 -44.64
N SER B 10 -54.86 25.38 -45.56
CA SER B 10 -55.56 26.57 -46.01
C SER B 10 -57.04 26.44 -45.65
N ARG B 11 -57.56 27.43 -44.92
CA ARG B 11 -58.97 27.48 -44.56
C ARG B 11 -59.61 28.63 -45.32
N ARG B 12 -60.61 28.32 -46.14
CA ARG B 12 -61.26 29.29 -47.01
C ARG B 12 -62.71 29.48 -46.58
N PHE B 13 -63.09 30.73 -46.37
CA PHE B 13 -64.45 31.10 -46.01
C PHE B 13 -65.04 31.97 -47.11
N THR B 14 -66.26 31.65 -47.53
CA THR B 14 -66.91 32.32 -48.64
C THR B 14 -68.19 33.01 -48.17
N SER B 15 -68.38 34.24 -48.61
CA SER B 15 -69.58 35.03 -48.29
C SER B 15 -69.77 36.07 -49.38
N THR B 16 -70.64 37.04 -49.11
CA THR B 16 -70.93 38.12 -50.04
C THR B 16 -70.90 39.45 -49.30
N LEU B 17 -70.70 40.53 -50.06
CA LEU B 17 -70.67 41.86 -49.45
C LEU B 17 -72.04 42.31 -48.95
N GLY B 18 -73.10 41.60 -49.30
CA GLY B 18 -74.44 41.94 -48.87
C GLY B 18 -74.80 41.45 -47.48
N ALA B 19 -73.89 40.79 -46.78
CA ALA B 19 -74.12 40.27 -45.44
C ALA B 19 -73.25 41.00 -44.42
N GLY B 20 -73.08 42.31 -44.59
CA GLY B 20 -72.28 43.13 -43.70
C GLY B 20 -73.15 43.97 -42.78
N THR B 21 -72.49 44.54 -41.77
CA THR B 21 -73.15 45.37 -40.77
C THR B 21 -72.46 46.73 -40.69
N GLY B 22 -73.26 47.77 -40.49
CA GLY B 22 -72.73 49.11 -40.35
C GLY B 22 -72.30 49.71 -41.67
N THR B 23 -71.78 50.94 -41.58
CA THR B 23 -71.28 51.66 -42.74
C THR B 23 -69.98 52.36 -42.37
N GLY B 24 -69.17 52.64 -43.39
CA GLY B 24 -67.89 53.32 -43.18
C GLY B 24 -66.79 52.33 -42.91
N ALA B 25 -66.01 52.57 -41.86
CA ALA B 25 -64.92 51.70 -41.47
C ALA B 25 -65.35 50.57 -40.54
N ALA B 26 -66.65 50.50 -40.22
CA ALA B 26 -67.18 49.45 -39.37
C ALA B 26 -67.82 48.31 -40.15
N PHE B 27 -67.77 48.36 -41.48
CA PHE B 27 -68.33 47.30 -42.30
C PHE B 27 -67.59 45.98 -42.05
N ALA B 28 -68.29 45.02 -41.46
CA ALA B 28 -67.67 43.75 -41.07
C ALA B 28 -68.58 42.60 -41.45
N ILE B 29 -67.98 41.51 -41.92
CA ILE B 29 -68.71 40.29 -42.24
C ILE B 29 -68.48 39.32 -41.07
N ALA B 30 -69.57 38.96 -40.39
CA ALA B 30 -69.46 38.10 -39.22
C ALA B 30 -69.03 36.69 -39.62
N ALA B 31 -68.31 36.04 -38.69
CA ALA B 31 -67.87 34.67 -38.92
C ALA B 31 -69.03 33.68 -38.94
N THR B 32 -70.18 34.05 -38.39
CA THR B 32 -71.36 33.18 -38.40
C THR B 32 -72.18 33.32 -39.67
N ALA B 33 -71.76 34.20 -40.59
CA ALA B 33 -72.43 34.36 -41.88
C ALA B 33 -71.46 34.09 -43.03
N CYS B 34 -70.47 33.25 -42.80
CA CYS B 34 -69.45 32.92 -43.80
C CYS B 34 -69.39 31.41 -43.93
N LEU B 35 -69.62 30.90 -45.14
CA LEU B 35 -69.53 29.47 -45.38
C LEU B 35 -68.08 29.06 -45.53
N ASN B 36 -67.67 28.03 -44.80
CA ASN B 36 -66.29 27.57 -44.82
C ASN B 36 -66.07 26.68 -46.05
N ASP B 37 -64.93 26.00 -46.09
CA ASP B 37 -64.56 25.14 -47.22
C ASP B 37 -65.34 23.83 -47.27
N ALA B 38 -66.40 23.66 -46.48
CA ALA B 38 -67.20 22.44 -46.51
C ALA B 38 -68.57 22.62 -47.14
N GLY B 39 -69.13 23.83 -47.10
CA GLY B 39 -70.42 24.09 -47.71
C GLY B 39 -71.52 24.32 -46.68
N THR B 40 -71.13 24.61 -45.45
CA THR B 40 -72.07 24.83 -44.36
C THR B 40 -71.74 26.14 -43.67
N THR B 41 -72.65 26.56 -42.78
CA THR B 41 -72.43 27.78 -42.01
C THR B 41 -71.35 27.53 -40.96
N ALA B 42 -70.27 28.31 -41.02
CA ALA B 42 -69.17 28.15 -40.10
C ALA B 42 -69.51 28.75 -38.74
N THR B 43 -68.57 28.64 -37.81
CA THR B 43 -68.76 29.13 -36.44
C THR B 43 -67.71 30.13 -35.98
N ALA B 44 -66.43 29.89 -36.26
CA ALA B 44 -65.38 30.76 -35.75
C ALA B 44 -64.22 30.79 -36.74
N PHE B 45 -63.60 31.95 -36.88
CA PHE B 45 -62.40 32.07 -37.71
C PHE B 45 -61.22 31.48 -36.96
N PRO B 46 -60.50 30.52 -37.54
CA PRO B 46 -59.39 29.89 -36.84
C PRO B 46 -58.15 30.76 -36.81
N THR B 47 -57.23 30.42 -35.93
CA THR B 47 -55.96 31.13 -35.84
C THR B 47 -55.14 30.90 -37.10
N PHE B 48 -54.33 31.91 -37.45
CA PHE B 48 -53.60 31.89 -38.70
C PHE B 48 -52.24 32.56 -38.50
N THR B 49 -51.45 32.57 -39.56
CA THR B 49 -50.21 33.33 -39.62
C THR B 49 -50.31 34.52 -40.56
N TYR B 50 -50.87 34.32 -41.76
CA TYR B 50 -51.20 35.40 -42.67
C TYR B 50 -52.43 35.01 -43.46
N TYR B 51 -53.24 36.00 -43.82
CA TYR B 51 -54.52 35.76 -44.47
C TYR B 51 -54.61 36.57 -45.76
N ASN B 52 -55.36 36.04 -46.72
CA ASN B 52 -55.59 36.67 -48.01
C ASN B 52 -57.08 36.91 -48.20
N LEU B 53 -57.42 38.10 -48.68
CA LEU B 53 -58.80 38.48 -48.96
C LEU B 53 -58.99 38.60 -50.47
N TYR B 54 -60.03 37.95 -50.99
CA TYR B 54 -60.35 37.93 -52.42
C TYR B 54 -61.71 38.58 -52.62
N VAL B 55 -61.73 39.81 -53.10
CA VAL B 55 -62.97 40.50 -53.42
C VAL B 55 -63.22 40.35 -54.91
N ASN B 56 -64.26 39.59 -55.26
CA ASN B 56 -64.61 39.30 -56.65
C ASN B 56 -63.46 38.64 -57.41
N GLY B 57 -62.70 37.79 -56.71
CA GLY B 57 -61.57 37.10 -57.31
C GLY B 57 -60.29 37.89 -57.37
N ILE B 58 -60.27 39.12 -56.87
CA ILE B 58 -59.10 39.99 -56.91
C ILE B 58 -58.45 40.00 -55.52
N LEU B 59 -57.15 39.72 -55.48
CA LEU B 59 -56.42 39.69 -54.21
C LEU B 59 -56.24 41.12 -53.71
N GLN B 60 -56.80 41.41 -52.53
CA GLN B 60 -56.71 42.74 -51.97
C GLN B 60 -55.46 42.88 -51.10
N PRO B 61 -54.93 44.10 -50.97
CA PRO B 61 -53.77 44.30 -50.09
C PRO B 61 -54.12 44.11 -48.62
N SER B 62 -53.14 44.31 -47.74
CA SER B 62 -53.32 44.10 -46.31
C SER B 62 -53.86 45.33 -45.60
N VAL B 63 -54.12 46.43 -46.32
CA VAL B 63 -54.61 47.65 -45.70
C VAL B 63 -56.12 47.83 -45.86
N ASN B 64 -56.77 47.03 -46.71
CA ASN B 64 -58.20 47.13 -46.95
C ASN B 64 -59.01 46.10 -46.18
N SER B 65 -58.39 45.43 -45.20
CA SER B 65 -59.10 44.40 -44.45
C SER B 65 -58.48 44.25 -43.07
N SER B 66 -59.29 43.78 -42.13
CA SER B 66 -58.84 43.51 -40.76
C SER B 66 -59.68 42.38 -40.21
N VAL B 67 -59.04 41.25 -39.89
CA VAL B 67 -59.74 40.04 -39.47
C VAL B 67 -59.41 39.73 -38.02
N THR B 68 -60.43 39.30 -37.27
CA THR B 68 -60.28 38.87 -35.89
C THR B 68 -60.74 37.42 -35.78
N THR B 69 -60.06 36.65 -34.95
CA THR B 69 -60.36 35.24 -34.77
C THR B 69 -61.37 35.07 -33.63
N GLY B 70 -61.62 33.82 -33.23
CA GLY B 70 -62.53 33.54 -32.16
C GLY B 70 -63.96 33.37 -32.63
N PRO B 71 -64.86 32.93 -31.74
CA PRO B 71 -66.27 32.79 -32.11
C PRO B 71 -66.91 34.09 -32.56
N THR B 72 -66.50 35.22 -31.98
CA THR B 72 -67.04 36.53 -32.35
C THR B 72 -66.19 37.22 -33.41
N GLY B 73 -65.50 36.45 -34.24
CA GLY B 73 -64.65 37.05 -35.26
C GLY B 73 -65.45 37.70 -36.37
N ALA B 74 -64.84 38.69 -37.00
CA ALA B 74 -65.48 39.42 -38.08
C ALA B 74 -64.42 40.13 -38.90
N ILE B 75 -64.42 39.91 -40.21
CA ILE B 75 -63.48 40.56 -41.11
C ILE B 75 -63.95 41.98 -41.38
N THR B 76 -63.13 42.97 -41.02
CA THR B 76 -63.49 44.37 -41.16
C THR B 76 -63.00 44.86 -42.53
N ILE B 77 -63.93 45.00 -43.47
CA ILE B 77 -63.61 45.49 -44.80
C ILE B 77 -64.18 46.90 -44.95
N PRO B 78 -63.37 47.94 -44.75
CA PRO B 78 -63.89 49.31 -44.90
C PRO B 78 -64.16 49.66 -46.35
N GLY B 79 -65.18 50.49 -46.55
CA GLY B 79 -65.55 50.93 -47.87
C GLY B 79 -66.42 49.96 -48.66
N GLY B 80 -66.80 48.83 -48.08
CA GLY B 80 -67.61 47.86 -48.78
C GLY B 80 -69.08 48.22 -48.87
N ASP B 81 -69.54 49.21 -48.11
CA ASP B 81 -70.94 49.61 -48.17
C ASP B 81 -71.31 50.18 -49.53
N ALA B 82 -70.42 50.99 -50.12
CA ALA B 82 -70.70 51.58 -51.41
C ALA B 82 -70.70 50.57 -52.54
N LEU B 83 -70.05 49.42 -52.35
CA LEU B 83 -70.02 48.39 -53.37
C LEU B 83 -71.34 47.63 -53.43
N ASP B 84 -71.50 46.82 -54.47
CA ASP B 84 -72.72 46.05 -54.64
C ASP B 84 -72.81 44.94 -53.59
N GLY B 85 -74.03 44.46 -53.38
CA GLY B 85 -74.30 43.42 -52.41
C GLY B 85 -74.07 42.01 -52.89
N GLY B 86 -73.82 41.81 -54.18
CA GLY B 86 -73.58 40.49 -54.73
C GLY B 86 -72.12 40.13 -54.96
N ILE B 87 -71.19 41.00 -54.57
CA ILE B 87 -69.76 40.75 -54.76
C ILE B 87 -69.33 39.60 -53.85
N PRO B 88 -68.78 38.52 -54.42
CA PRO B 88 -68.31 37.42 -53.58
C PRO B 88 -67.10 37.81 -52.75
N ILE B 89 -66.95 37.16 -51.60
CA ILE B 89 -65.81 37.35 -50.72
C ILE B 89 -65.20 35.99 -50.43
N THR B 90 -63.88 35.89 -50.56
CA THR B 90 -63.15 34.65 -50.29
C THR B 90 -62.00 34.98 -49.34
N ILE B 91 -62.09 34.47 -48.12
CA ILE B 91 -61.08 34.74 -47.10
C ILE B 91 -60.29 33.45 -46.87
N GLU B 92 -58.99 33.50 -47.13
CA GLU B 92 -58.12 32.33 -47.05
C GLU B 92 -57.16 32.51 -45.88
N PHE B 93 -57.19 31.57 -44.93
CA PHE B 93 -56.29 31.56 -43.79
C PHE B 93 -55.25 30.47 -43.97
N ILE B 94 -53.98 30.81 -43.80
CA ILE B 94 -52.88 29.88 -43.90
C ILE B 94 -52.46 29.52 -42.47
N VAL B 95 -52.89 28.34 -42.02
CA VAL B 95 -52.61 27.89 -40.65
C VAL B 95 -51.36 27.00 -40.72
N THR B 96 -50.25 27.50 -40.21
CA THR B 96 -49.00 26.75 -40.20
C THR B 96 -48.45 26.63 -38.78
N PRO C 2 -11.58 -2.45 -28.33
CA PRO C 2 -11.58 -1.07 -28.81
C PRO C 2 -11.60 -0.05 -27.67
N ILE C 3 -11.54 1.24 -28.02
CA ILE C 3 -11.55 2.29 -27.01
C ILE C 3 -12.98 2.51 -26.53
N ILE C 4 -13.19 2.43 -25.23
CA ILE C 4 -14.52 2.63 -24.65
C ILE C 4 -14.88 4.10 -24.72
N GLN C 5 -16.10 4.39 -25.17
CA GLN C 5 -16.58 5.76 -25.31
C GLN C 5 -17.83 5.96 -24.47
N PRO C 6 -18.11 7.18 -24.02
CA PRO C 6 -19.32 7.42 -23.24
C PRO C 6 -20.57 7.09 -24.04
N PHE C 7 -21.56 6.53 -23.34
CA PHE C 7 -22.80 6.11 -23.97
C PHE C 7 -23.81 7.25 -23.96
N MET C 8 -24.43 7.49 -25.11
CA MET C 8 -25.46 8.50 -25.24
C MET C 8 -26.42 8.07 -26.33
N ALA C 9 -27.71 8.33 -26.11
CA ALA C 9 -28.73 7.86 -27.04
C ALA C 9 -29.89 8.85 -27.05
N SER C 10 -30.54 8.95 -28.20
CA SER C 10 -31.67 9.84 -28.40
C SER C 10 -32.91 9.01 -28.71
N ARG C 11 -33.97 9.21 -27.93
CA ARG C 11 -35.24 8.54 -28.14
C ARG C 11 -36.26 9.57 -28.61
N ARG C 12 -36.81 9.37 -29.80
CA ARG C 12 -37.72 10.32 -30.41
C ARG C 12 -39.11 9.71 -30.54
N PHE C 13 -40.11 10.43 -30.04
CA PHE C 13 -41.51 10.02 -30.11
C PHE C 13 -42.27 11.03 -30.95
N THR C 14 -43.08 10.54 -31.89
CA THR C 14 -43.79 11.39 -32.83
C THR C 14 -45.30 11.19 -32.67
N SER C 15 -46.03 12.31 -32.65
CA SER C 15 -47.47 12.30 -32.54
C SER C 15 -48.02 13.59 -33.15
N THR C 16 -49.29 13.89 -32.90
CA THR C 16 -49.93 15.09 -33.40
C THR C 16 -50.71 15.76 -32.26
N LEU C 17 -50.97 17.05 -32.44
CA LEU C 17 -51.71 17.79 -31.42
C LEU C 17 -53.18 17.37 -31.34
N GLY C 18 -53.66 16.60 -32.31
CA GLY C 18 -55.04 16.13 -32.32
C GLY C 18 -55.31 14.91 -31.47
N ALA C 19 -54.31 14.40 -30.77
CA ALA C 19 -54.45 13.24 -29.91
C ALA C 19 -54.25 13.60 -28.45
N GLY C 20 -54.74 14.77 -28.04
CA GLY C 20 -54.62 15.25 -26.69
C GLY C 20 -55.94 15.11 -25.92
N THR C 21 -55.83 15.29 -24.60
CA THR C 21 -56.96 15.18 -23.70
C THR C 21 -57.09 16.44 -22.87
N GLY C 22 -58.33 16.86 -22.62
CA GLY C 22 -58.59 18.02 -21.80
C GLY C 22 -58.32 19.33 -22.54
N THR C 23 -58.52 20.43 -21.81
CA THR C 23 -58.29 21.76 -22.34
C THR C 23 -57.60 22.61 -21.27
N GLY C 24 -56.90 23.65 -21.71
CA GLY C 24 -56.21 24.53 -20.80
C GLY C 24 -54.80 24.05 -20.52
N ALA C 25 -54.43 23.99 -19.25
CA ALA C 25 -53.13 23.52 -18.83
C ALA C 25 -53.06 22.02 -18.62
N ALA C 26 -54.17 21.32 -18.87
CA ALA C 26 -54.22 19.87 -18.73
C ALA C 26 -54.06 19.15 -20.07
N PHE C 27 -53.83 19.88 -21.15
CA PHE C 27 -53.63 19.26 -22.46
C PHE C 27 -52.38 18.39 -22.45
N ALA C 28 -52.57 17.08 -22.57
CA ALA C 28 -51.46 16.14 -22.47
C ALA C 28 -51.58 15.08 -23.57
N ILE C 29 -50.44 14.71 -24.14
CA ILE C 29 -50.39 13.63 -25.14
C ILE C 29 -49.88 12.38 -24.43
N ALA C 30 -50.72 11.35 -24.39
CA ALA C 30 -50.37 10.13 -23.68
C ALA C 30 -49.22 9.40 -24.37
N ALA C 31 -48.44 8.70 -23.55
CA ALA C 31 -47.32 7.92 -24.08
C ALA C 31 -47.79 6.73 -24.91
N THR C 32 -49.04 6.30 -24.74
CA THR C 32 -49.60 5.20 -25.52
C THR C 32 -50.15 5.64 -26.86
N ALA C 33 -50.11 6.93 -27.16
CA ALA C 33 -50.56 7.47 -28.45
C ALA C 33 -49.42 8.21 -29.15
N CYS C 34 -48.19 7.81 -28.88
CA CYS C 34 -47.01 8.44 -29.47
C CYS C 34 -46.15 7.37 -30.12
N LEU C 35 -45.91 7.49 -31.42
CA LEU C 35 -45.07 6.54 -32.12
C LEU C 35 -43.60 6.84 -31.84
N ASN C 36 -42.85 5.81 -31.44
CA ASN C 36 -41.44 5.98 -31.11
C ASN C 36 -40.61 6.00 -32.39
N ASP C 37 -39.28 5.92 -32.25
CA ASP C 37 -38.36 5.98 -33.38
C ASP C 37 -38.35 4.69 -34.20
N ALA C 38 -39.27 3.76 -34.01
CA ALA C 38 -39.32 2.52 -34.78
C ALA C 38 -40.47 2.48 -35.77
N GLY C 39 -41.57 3.18 -35.51
CA GLY C 39 -42.70 3.20 -36.42
C GLY C 39 -43.90 2.46 -35.89
N THR C 40 -43.91 2.20 -34.59
CA THR C 40 -44.99 1.46 -33.93
C THR C 40 -45.50 2.26 -32.73
N THR C 41 -46.62 1.79 -32.17
CA THR C 41 -47.17 2.42 -30.99
C THR C 41 -46.30 2.11 -29.78
N ALA C 42 -45.78 3.15 -29.13
CA ALA C 42 -44.90 2.97 -27.99
C ALA C 42 -45.72 2.62 -26.74
N THR C 43 -45.01 2.41 -25.64
CA THR C 43 -45.64 2.03 -24.37
C THR C 43 -45.33 2.96 -23.21
N ALA C 44 -44.08 3.40 -23.04
CA ALA C 44 -43.72 4.22 -21.89
C ALA C 44 -42.60 5.17 -22.28
N PHE C 45 -42.65 6.38 -21.74
CA PHE C 45 -41.57 7.33 -21.94
C PHE C 45 -40.37 6.94 -21.08
N PRO C 46 -39.19 6.77 -21.65
CA PRO C 46 -38.04 6.33 -20.86
C PRO C 46 -37.44 7.46 -20.04
N THR C 47 -36.63 7.10 -19.07
CA THR C 47 -35.93 8.07 -18.25
C THR C 47 -34.92 8.84 -19.10
N PHE C 48 -34.70 10.10 -18.71
CA PHE C 48 -33.87 11.01 -19.50
C PHE C 48 -33.10 11.92 -18.56
N THR C 49 -32.27 12.77 -19.17
CA THR C 49 -31.60 13.86 -18.46
C THR C 49 -32.14 15.23 -18.86
N TYR C 50 -32.33 15.46 -20.15
CA TYR C 50 -33.01 16.64 -20.65
C TYR C 50 -33.74 16.26 -21.93
N TYR C 51 -34.87 16.92 -22.18
CA TYR C 51 -35.73 16.59 -23.31
C TYR C 51 -36.02 17.84 -24.13
N ASN C 52 -36.23 17.62 -25.43
CA ASN C 52 -36.54 18.69 -26.38
C ASN C 52 -37.90 18.41 -27.01
N LEU C 53 -38.72 19.45 -27.12
CA LEU C 53 -40.04 19.37 -27.74
C LEU C 53 -40.02 20.15 -29.05
N TYR C 54 -40.49 19.51 -30.12
CA TYR C 54 -40.52 20.11 -31.46
C TYR C 54 -41.98 20.19 -31.91
N VAL C 55 -42.54 21.39 -31.86
CA VAL C 55 -43.90 21.64 -32.35
C VAL C 55 -43.79 22.17 -33.77
N ASN C 56 -44.23 21.37 -34.75
CA ASN C 56 -44.17 21.72 -36.16
C ASN C 56 -42.73 22.02 -36.61
N GLY C 57 -41.77 21.30 -36.05
CA GLY C 57 -40.37 21.49 -36.38
C GLY C 57 -39.67 22.62 -35.65
N ILE C 58 -40.37 23.33 -34.76
CA ILE C 58 -39.81 24.46 -34.03
C ILE C 58 -39.49 24.00 -32.61
N LEU C 59 -38.25 24.24 -32.18
CA LEU C 59 -37.82 23.86 -30.84
C LEU C 59 -38.47 24.78 -29.81
N GLN C 60 -39.28 24.20 -28.92
CA GLN C 60 -39.97 24.98 -27.91
C GLN C 60 -39.12 25.12 -26.65
N PRO C 61 -39.32 26.19 -25.88
CA PRO C 61 -38.59 26.34 -24.62
C PRO C 61 -39.01 25.32 -23.58
N SER C 62 -38.41 25.39 -22.40
CA SER C 62 -38.68 24.44 -21.32
C SER C 62 -39.88 24.83 -20.47
N VAL C 63 -40.55 25.95 -20.77
CA VAL C 63 -41.69 26.40 -19.98
C VAL C 63 -43.02 26.05 -20.63
N ASN C 64 -43.03 25.62 -21.89
CA ASN C 64 -44.26 25.29 -22.60
C ASN C 64 -44.53 23.79 -22.64
N SER C 65 -43.83 23.00 -21.83
CA SER C 65 -44.02 21.56 -21.83
C SER C 65 -43.63 20.98 -20.49
N SER C 66 -44.22 19.83 -20.17
CA SER C 66 -43.91 19.10 -18.94
C SER C 66 -44.14 17.62 -19.21
N VAL C 67 -43.07 16.83 -19.11
CA VAL C 67 -43.11 15.42 -19.48
C VAL C 67 -42.90 14.56 -18.24
N THR C 68 -43.65 13.47 -18.15
CA THR C 68 -43.52 12.49 -17.08
C THR C 68 -43.19 11.14 -17.69
N THR C 69 -42.35 10.38 -17.01
CA THR C 69 -41.92 9.07 -17.49
C THR C 69 -42.87 7.98 -16.98
N GLY C 70 -42.50 6.72 -17.19
CA GLY C 70 -43.29 5.61 -16.74
C GLY C 70 -44.34 5.19 -17.75
N PRO C 71 -45.01 4.06 -17.49
CA PRO C 71 -46.08 3.61 -18.40
C PRO C 71 -47.21 4.61 -18.54
N THR C 72 -47.53 5.34 -17.48
CA THR C 72 -48.60 6.34 -17.51
C THR C 72 -48.07 7.74 -17.83
N GLY C 73 -46.96 7.82 -18.56
CA GLY C 73 -46.39 9.12 -18.87
C GLY C 73 -47.23 9.88 -19.88
N ALA C 74 -47.12 11.20 -19.81
CA ALA C 74 -47.87 12.08 -20.70
C ALA C 74 -47.20 13.45 -20.73
N ILE C 75 -46.89 13.93 -21.93
CA ILE C 75 -46.28 15.24 -22.09
C ILE C 75 -47.36 16.30 -21.98
N THR C 76 -47.22 17.20 -20.99
CA THR C 76 -48.22 18.23 -20.73
C THR C 76 -47.86 19.48 -21.51
N ILE C 77 -48.56 19.71 -22.62
CA ILE C 77 -48.33 20.90 -23.45
C ILE C 77 -49.51 21.85 -23.27
N PRO C 78 -49.39 22.86 -22.41
CA PRO C 78 -50.50 23.80 -22.22
C PRO C 78 -50.68 24.71 -23.42
N GLY C 79 -51.94 25.07 -23.68
CA GLY C 79 -52.27 25.95 -24.78
C GLY C 79 -52.38 25.27 -26.13
N GLY C 80 -52.22 23.95 -26.20
CA GLY C 80 -52.30 23.25 -27.47
C GLY C 80 -53.72 23.02 -27.97
N ASP C 81 -54.72 23.24 -27.13
CA ASP C 81 -56.11 23.04 -27.56
C ASP C 81 -56.49 24.04 -28.65
N ALA C 82 -56.07 25.30 -28.51
CA ALA C 82 -56.41 26.32 -29.49
C ALA C 82 -55.71 26.10 -30.83
N LEU C 83 -54.61 25.35 -30.84
CA LEU C 83 -53.89 25.09 -32.08
C LEU C 83 -54.62 24.03 -32.92
N ASP C 84 -54.16 23.87 -34.15
CA ASP C 84 -54.78 22.90 -35.05
C ASP C 84 -54.45 21.47 -34.60
N GLY C 85 -55.27 20.53 -35.07
CA GLY C 85 -55.11 19.13 -34.73
C GLY C 85 -54.13 18.36 -35.57
N GLY C 86 -53.61 18.96 -36.65
CA GLY C 86 -52.65 18.31 -37.50
C GLY C 86 -51.20 18.70 -37.28
N ILE C 87 -50.92 19.52 -36.26
CA ILE C 87 -49.56 19.95 -35.98
C ILE C 87 -48.73 18.77 -35.48
N PRO C 88 -47.64 18.42 -36.14
CA PRO C 88 -46.82 17.31 -35.66
C PRO C 88 -46.11 17.66 -34.35
N ILE C 89 -45.83 16.62 -33.57
CA ILE C 89 -45.10 16.75 -32.31
C ILE C 89 -43.94 15.77 -32.33
N THR C 90 -42.75 16.26 -31.97
CA THR C 90 -41.55 15.44 -31.94
C THR C 90 -40.88 15.64 -30.57
N ILE C 91 -40.89 14.60 -29.76
CA ILE C 91 -40.34 14.66 -28.41
C ILE C 91 -39.05 13.85 -28.39
N GLU C 92 -37.93 14.50 -28.10
CA GLU C 92 -36.62 13.88 -28.12
C GLU C 92 -36.08 13.78 -26.71
N PHE C 93 -35.78 12.56 -26.27
CA PHE C 93 -35.18 12.32 -24.96
C PHE C 93 -33.71 11.95 -25.13
N ILE C 94 -32.85 12.61 -24.37
CA ILE C 94 -31.42 12.34 -24.39
C ILE C 94 -31.12 11.50 -23.15
N VAL C 95 -30.95 10.20 -23.35
CA VAL C 95 -30.68 9.26 -22.26
C VAL C 95 -29.17 9.07 -22.17
N THR C 96 -28.57 9.62 -21.12
CA THR C 96 -27.13 9.50 -20.92
C THR C 96 -26.82 8.89 -19.56
N PRO D 2 17.55 -5.15 -7.43
CA PRO D 2 16.93 -3.83 -7.33
C PRO D 2 16.21 -3.62 -6.00
N ILE D 3 15.67 -2.42 -5.79
CA ILE D 3 14.96 -2.12 -4.55
C ILE D 3 13.56 -2.73 -4.61
N ILE D 4 13.23 -3.54 -3.61
CA ILE D 4 11.91 -4.18 -3.56
C ILE D 4 10.87 -3.14 -3.21
N GLN D 5 9.76 -3.14 -3.95
CA GLN D 5 8.69 -2.19 -3.74
C GLN D 5 7.38 -2.93 -3.43
N PRO D 6 6.46 -2.30 -2.70
CA PRO D 6 5.18 -2.97 -2.40
C PRO D 6 4.42 -3.30 -3.68
N PHE D 7 3.76 -4.44 -3.68
CA PHE D 7 3.02 -4.92 -4.84
C PHE D 7 1.59 -4.41 -4.79
N MET D 8 1.13 -3.88 -5.92
CA MET D 8 -0.25 -3.42 -6.04
C MET D 8 -0.67 -3.56 -7.50
N ALA D 9 -1.92 -3.96 -7.69
CA ALA D 9 -2.40 -4.23 -9.04
C ALA D 9 -3.88 -3.89 -9.13
N SER D 10 -4.30 -3.47 -10.32
CA SER D 10 -5.69 -3.11 -10.59
C SER D 10 -6.26 -4.06 -11.63
N ARG D 11 -7.37 -4.70 -11.28
CA ARG D 11 -8.09 -5.59 -12.20
C ARG D 11 -9.40 -4.93 -12.61
N ARG D 12 -9.57 -4.70 -13.90
CA ARG D 12 -10.73 -3.99 -14.42
C ARG D 12 -11.57 -4.92 -15.27
N PHE D 13 -12.86 -4.98 -14.97
CA PHE D 13 -13.83 -5.79 -15.71
C PHE D 13 -14.86 -4.87 -16.34
N THR D 14 -15.14 -5.06 -17.62
CA THR D 14 -16.03 -4.21 -18.38
C THR D 14 -17.24 -5.00 -18.88
N SER D 15 -18.42 -4.42 -18.74
CA SER D 15 -19.66 -5.03 -19.19
C SER D 15 -20.68 -3.91 -19.44
N THR D 16 -21.94 -4.29 -19.60
CA THR D 16 -23.02 -3.35 -19.82
C THR D 16 -24.19 -3.70 -18.91
N LEU D 17 -25.06 -2.71 -18.68
CA LEU D 17 -26.22 -2.92 -17.82
C LEU D 17 -27.25 -3.84 -18.47
N GLY D 18 -27.12 -4.13 -19.76
CA GLY D 18 -28.04 -4.99 -20.46
C GLY D 18 -27.78 -6.47 -20.30
N ALA D 19 -26.78 -6.86 -19.51
CA ALA D 19 -26.44 -8.25 -19.27
C ALA D 19 -26.68 -8.63 -17.82
N GLY D 20 -27.76 -8.11 -17.23
CA GLY D 20 -28.13 -8.39 -15.86
C GLY D 20 -29.28 -9.38 -15.76
N THR D 21 -29.48 -9.87 -14.54
CA THR D 21 -30.53 -10.83 -14.24
C THR D 21 -31.42 -10.32 -13.12
N GLY D 22 -32.71 -10.59 -13.23
CA GLY D 22 -33.66 -10.20 -12.21
C GLY D 22 -33.98 -8.72 -12.24
N THR D 23 -34.82 -8.31 -11.30
CA THR D 23 -35.23 -6.91 -11.15
C THR D 23 -35.24 -6.54 -9.67
N GLY D 24 -35.11 -5.25 -9.40
CA GLY D 24 -35.12 -4.76 -8.04
C GLY D 24 -33.72 -4.76 -7.45
N ALA D 25 -33.59 -5.30 -6.24
CA ALA D 25 -32.31 -5.38 -5.57
C ALA D 25 -31.52 -6.64 -5.93
N ALA D 26 -32.07 -7.48 -6.81
CA ALA D 26 -31.38 -8.68 -7.25
C ALA D 26 -30.67 -8.50 -8.59
N PHE D 27 -30.67 -7.30 -9.16
CA PHE D 27 -29.99 -7.06 -10.42
C PHE D 27 -28.49 -7.26 -10.25
N ALA D 28 -27.96 -8.29 -10.91
CA ALA D 28 -26.56 -8.66 -10.76
C ALA D 28 -25.95 -8.96 -12.12
N ILE D 29 -24.70 -8.53 -12.32
CA ILE D 29 -23.96 -8.83 -13.53
C ILE D 29 -23.00 -9.98 -13.20
N ALA D 30 -23.19 -11.12 -13.87
CA ALA D 30 -22.38 -12.29 -13.59
C ALA D 30 -20.93 -12.07 -14.00
N ALA D 31 -20.03 -12.73 -13.28
CA ALA D 31 -18.61 -12.66 -13.60
C ALA D 31 -18.27 -13.34 -14.91
N THR D 32 -19.13 -14.23 -15.40
CA THR D 32 -18.92 -14.90 -16.68
C THR D 32 -19.41 -14.08 -17.86
N ALA D 33 -19.99 -12.91 -17.61
CA ALA D 33 -20.44 -12.01 -18.69
C ALA D 33 -19.75 -10.66 -18.58
N CYS D 34 -18.53 -10.63 -18.03
CA CYS D 34 -17.77 -9.41 -17.84
C CYS D 34 -16.40 -9.59 -18.46
N LEU D 35 -16.06 -8.74 -19.43
CA LEU D 35 -14.74 -8.81 -20.05
C LEU D 35 -13.69 -8.16 -19.15
N ASN D 36 -12.61 -8.88 -18.90
CA ASN D 36 -11.55 -8.38 -18.02
C ASN D 36 -10.66 -7.41 -18.79
N ASP D 37 -9.53 -7.05 -18.19
CA ASP D 37 -8.59 -6.10 -18.79
C ASP D 37 -7.79 -6.67 -19.95
N ALA D 38 -8.13 -7.84 -20.48
CA ALA D 38 -7.42 -8.42 -21.61
C ALA D 38 -8.21 -8.39 -22.90
N GLY D 39 -9.55 -8.38 -22.84
CA GLY D 39 -10.36 -8.33 -24.04
C GLY D 39 -11.08 -9.64 -24.32
N THR D 40 -11.17 -10.50 -23.31
CA THR D 40 -11.80 -11.80 -23.44
C THR D 40 -12.83 -11.98 -22.32
N THR D 41 -13.62 -13.04 -22.44
CA THR D 41 -14.61 -13.37 -21.42
C THR D 41 -13.90 -13.90 -20.18
N ALA D 42 -14.08 -13.22 -19.04
CA ALA D 42 -13.42 -13.61 -17.82
C ALA D 42 -14.13 -14.82 -17.19
N THR D 43 -13.60 -15.27 -16.06
CA THR D 43 -14.13 -16.45 -15.37
C THR D 43 -14.53 -16.20 -13.92
N ALA D 44 -13.72 -15.47 -13.15
CA ALA D 44 -14.02 -15.29 -11.73
C ALA D 44 -13.49 -13.94 -11.28
N PHE D 45 -14.24 -13.29 -10.40
CA PHE D 45 -13.78 -12.04 -9.80
C PHE D 45 -12.71 -12.34 -8.76
N PRO D 46 -11.53 -11.74 -8.86
CA PRO D 46 -10.46 -12.04 -7.92
C PRO D 46 -10.66 -11.35 -6.58
N THR D 47 -9.93 -11.83 -5.58
CA THR D 47 -9.97 -11.23 -4.25
C THR D 47 -9.38 -9.82 -4.30
N PHE D 48 -9.89 -8.96 -3.43
CA PHE D 48 -9.54 -7.55 -3.45
C PHE D 48 -9.49 -7.01 -2.02
N THR D 49 -9.13 -5.74 -1.90
CA THR D 49 -9.24 -5.01 -0.65
C THR D 49 -10.33 -3.94 -0.68
N TYR D 50 -10.40 -3.18 -1.77
CA TYR D 50 -11.52 -2.26 -2.01
C TYR D 50 -11.73 -2.18 -3.51
N TYR D 51 -12.97 -1.97 -3.91
CA TYR D 51 -13.35 -1.98 -5.32
C TYR D 51 -14.11 -0.70 -5.67
N ASN D 52 -13.98 -0.28 -6.93
CA ASN D 52 -14.64 0.91 -7.45
C ASN D 52 -15.54 0.51 -8.60
N LEU D 53 -16.75 1.06 -8.62
CA LEU D 53 -17.73 0.82 -9.69
C LEU D 53 -17.91 2.09 -10.50
N TYR D 54 -17.81 1.96 -11.82
CA TYR D 54 -17.94 3.10 -12.74
C TYR D 54 -19.14 2.84 -13.65
N VAL D 55 -20.24 3.54 -13.38
CA VAL D 55 -21.43 3.46 -14.23
C VAL D 55 -21.39 4.64 -15.18
N ASN D 56 -21.20 4.34 -16.47
CA ASN D 56 -21.10 5.36 -17.52
C ASN D 56 -19.98 6.35 -17.24
N GLY D 57 -18.88 5.88 -16.66
CA GLY D 57 -17.74 6.71 -16.35
C GLY D 57 -17.85 7.48 -15.04
N ILE D 58 -18.93 7.32 -14.29
CA ILE D 58 -19.15 8.04 -13.05
C ILE D 58 -18.86 7.08 -11.89
N LEU D 59 -18.02 7.51 -10.97
CA LEU D 59 -17.66 6.70 -9.80
C LEU D 59 -18.85 6.65 -8.84
N GLN D 60 -19.37 5.45 -8.61
CA GLN D 60 -20.52 5.29 -7.72
C GLN D 60 -20.07 5.07 -6.28
N PRO D 61 -20.90 5.44 -5.31
CA PRO D 61 -20.55 5.19 -3.90
C PRO D 61 -20.55 3.71 -3.56
N SER D 62 -20.26 3.39 -2.31
CA SER D 62 -20.17 2.01 -1.85
C SER D 62 -21.52 1.43 -1.43
N VAL D 63 -22.60 2.20 -1.54
CA VAL D 63 -23.92 1.73 -1.13
C VAL D 63 -24.78 1.28 -2.32
N ASN D 64 -24.37 1.58 -3.56
CA ASN D 64 -25.12 1.22 -4.74
C ASN D 64 -24.58 -0.02 -5.43
N SER D 65 -23.71 -0.79 -4.76
CA SER D 65 -23.14 -1.97 -5.38
C SER D 65 -22.72 -2.96 -4.30
N SER D 66 -22.68 -4.24 -4.69
CA SER D 66 -22.25 -5.31 -3.79
C SER D 66 -21.64 -6.40 -4.65
N VAL D 67 -20.35 -6.67 -4.46
CA VAL D 67 -19.60 -7.59 -5.32
C VAL D 67 -19.18 -8.81 -4.49
N THR D 68 -19.28 -9.99 -5.11
CA THR D 68 -18.83 -11.24 -4.52
C THR D 68 -17.76 -11.85 -5.41
N THR D 69 -16.76 -12.48 -4.79
CA THR D 69 -15.66 -13.08 -5.52
C THR D 69 -15.99 -14.54 -5.85
N GLY D 70 -15.00 -15.28 -6.36
CA GLY D 70 -15.18 -16.67 -6.69
C GLY D 70 -15.69 -16.88 -8.09
N PRO D 71 -15.72 -18.13 -8.55
CA PRO D 71 -16.24 -18.42 -9.89
C PRO D 71 -17.69 -18.00 -10.08
N THR D 72 -18.51 -18.08 -9.03
CA THR D 72 -19.92 -17.70 -9.08
C THR D 72 -20.14 -16.26 -8.64
N GLY D 73 -19.12 -15.40 -8.80
CA GLY D 73 -19.25 -14.02 -8.38
C GLY D 73 -20.19 -13.23 -9.26
N ALA D 74 -20.79 -12.20 -8.67
CA ALA D 74 -21.72 -11.34 -9.39
C ALA D 74 -21.85 -10.02 -8.66
N ILE D 75 -21.65 -8.92 -9.37
CA ILE D 75 -21.78 -7.59 -8.79
C ILE D 75 -23.25 -7.23 -8.72
N THR D 76 -23.75 -6.98 -7.50
CA THR D 76 -25.16 -6.69 -7.27
C THR D 76 -25.37 -5.19 -7.34
N ILE D 77 -25.91 -4.71 -8.46
CA ILE D 77 -26.19 -3.29 -8.63
C ILE D 77 -27.70 -3.08 -8.58
N PRO D 78 -28.26 -2.69 -7.43
CA PRO D 78 -29.70 -2.48 -7.35
C PRO D 78 -30.13 -1.23 -8.10
N GLY D 79 -31.33 -1.28 -8.66
CA GLY D 79 -31.89 -0.17 -9.39
C GLY D 79 -31.43 -0.05 -10.83
N GLY D 80 -30.61 -0.98 -11.32
CA GLY D 80 -30.13 -0.92 -12.68
C GLY D 80 -31.12 -1.37 -13.73
N ASP D 81 -32.22 -2.01 -13.32
CA ASP D 81 -33.22 -2.45 -14.29
C ASP D 81 -33.89 -1.28 -14.98
N ALA D 82 -34.19 -0.20 -14.23
CA ALA D 82 -34.84 0.96 -14.82
C ALA D 82 -33.93 1.73 -15.77
N LEU D 83 -32.61 1.57 -15.64
CA LEU D 83 -31.68 2.26 -16.51
C LEU D 83 -31.62 1.58 -17.88
N ASP D 84 -30.96 2.26 -18.83
CA ASP D 84 -30.85 1.73 -20.18
C ASP D 84 -29.92 0.52 -20.20
N GLY D 85 -30.06 -0.28 -21.25
CA GLY D 85 -29.26 -1.48 -21.43
C GLY D 85 -27.90 -1.28 -22.05
N GLY D 86 -27.60 -0.08 -22.54
CA GLY D 86 -26.32 0.21 -23.15
C GLY D 86 -25.34 0.93 -22.26
N ILE D 87 -25.67 1.17 -21.00
CA ILE D 87 -24.78 1.88 -20.07
C ILE D 87 -23.56 1.01 -19.77
N PRO D 88 -22.36 1.48 -20.05
CA PRO D 88 -21.17 0.69 -19.73
C PRO D 88 -20.95 0.56 -18.23
N ILE D 89 -20.32 -0.54 -17.84
CA ILE D 89 -19.96 -0.80 -16.45
C ILE D 89 -18.48 -1.11 -16.39
N THR D 90 -17.78 -0.47 -15.45
CA THR D 90 -16.34 -0.67 -15.27
C THR D 90 -16.10 -0.96 -13.78
N ILE D 91 -15.70 -2.19 -13.48
CA ILE D 91 -15.48 -2.62 -12.11
C ILE D 91 -13.97 -2.77 -11.90
N GLU D 92 -13.41 -1.99 -10.99
CA GLU D 92 -11.97 -1.97 -10.74
C GLU D 92 -11.70 -2.56 -9.37
N PHE D 93 -10.88 -3.62 -9.33
CA PHE D 93 -10.46 -4.25 -8.09
C PHE D 93 -9.00 -3.90 -7.81
N ILE D 94 -8.73 -3.45 -6.59
CA ILE D 94 -7.38 -3.12 -6.15
C ILE D 94 -6.88 -4.28 -5.31
N VAL D 95 -6.05 -5.13 -5.90
CA VAL D 95 -5.52 -6.31 -5.22
C VAL D 95 -4.16 -5.93 -4.64
N THR D 96 -4.09 -5.81 -3.32
CA THR D 96 -2.84 -5.46 -2.64
C THR D 96 -2.48 -6.51 -1.60
N PRO E 2 40.31 -6.90 20.37
CA PRO E 2 39.09 -6.17 20.70
C PRO E 2 38.17 -6.95 21.64
N ILE E 3 37.06 -6.33 22.04
CA ILE E 3 36.12 -7.00 22.94
C ILE E 3 35.26 -7.96 22.13
N ILE E 4 35.23 -9.23 22.56
CA ILE E 4 34.43 -10.23 21.87
C ILE E 4 32.96 -10.00 22.15
N GLN E 5 32.14 -10.04 21.10
CA GLN E 5 30.72 -9.81 21.22
C GLN E 5 29.94 -11.03 20.71
N PRO E 6 28.73 -11.26 21.21
CA PRO E 6 27.94 -12.40 20.73
C PRO E 6 27.67 -12.30 19.23
N PHE E 7 27.70 -13.45 18.56
CA PHE E 7 27.50 -13.51 17.13
C PHE E 7 26.02 -13.67 16.80
N MET E 8 25.53 -12.86 15.87
CA MET E 8 24.15 -12.95 15.42
C MET E 8 24.10 -12.47 13.97
N ALA E 9 23.27 -13.16 13.17
CA ALA E 9 23.22 -12.86 11.75
C ALA E 9 21.80 -13.12 11.24
N SER E 10 21.42 -12.34 10.23
CA SER E 10 20.11 -12.44 9.60
C SER E 10 20.27 -12.87 8.15
N ARG E 11 19.61 -13.96 7.78
CA ARG E 11 19.60 -14.44 6.41
C ARG E 11 18.22 -14.23 5.82
N ARG E 12 18.15 -13.46 4.73
CA ARG E 12 16.89 -13.07 4.12
C ARG E 12 16.79 -13.68 2.73
N PHE E 13 15.68 -14.37 2.48
CA PHE E 13 15.40 -14.98 1.18
C PHE E 13 14.15 -14.33 0.60
N THR E 14 14.22 -13.94 -0.67
CA THR E 14 13.15 -13.23 -1.35
C THR E 14 12.61 -14.04 -2.51
N SER E 15 11.29 -14.10 -2.63
CA SER E 15 10.63 -14.81 -3.72
C SER E 15 9.23 -14.20 -3.89
N THR E 16 8.39 -14.89 -4.65
CA THR E 16 7.02 -14.46 -4.91
C THR E 16 6.07 -15.62 -4.70
N LEU E 17 4.80 -15.29 -4.47
CA LEU E 17 3.79 -16.33 -4.27
C LEU E 17 3.48 -17.10 -5.55
N GLY E 18 3.95 -16.62 -6.70
CA GLY E 18 3.72 -17.29 -7.97
C GLY E 18 4.67 -18.42 -8.28
N ALA E 19 5.59 -18.74 -7.37
CA ALA E 19 6.55 -19.82 -7.55
C ALA E 19 6.31 -20.94 -6.55
N GLY E 20 5.04 -21.23 -6.27
CA GLY E 20 4.67 -22.28 -5.35
C GLY E 20 4.18 -23.53 -6.07
N THR E 21 4.06 -24.61 -5.29
CA THR E 21 3.63 -25.90 -5.80
C THR E 21 2.44 -26.40 -4.99
N GLY E 22 1.50 -27.04 -5.68
CA GLY E 22 0.34 -27.61 -5.02
C GLY E 22 -0.68 -26.57 -4.63
N THR E 23 -1.75 -27.04 -4.00
CA THR E 23 -2.83 -26.19 -3.52
C THR E 23 -3.26 -26.66 -2.13
N GLY E 24 -3.86 -25.74 -1.37
CA GLY E 24 -4.33 -26.06 -0.04
C GLY E 24 -3.24 -25.82 1.00
N ALA E 25 -3.04 -26.82 1.87
CA ALA E 25 -2.02 -26.74 2.89
C ALA E 25 -0.66 -27.24 2.43
N ALA E 26 -0.55 -27.64 1.16
CA ALA E 26 0.71 -28.10 0.59
C ALA E 26 1.43 -27.01 -0.20
N PHE E 27 0.90 -25.79 -0.24
CA PHE E 27 1.55 -24.71 -0.96
C PHE E 27 2.90 -24.38 -0.31
N ALA E 28 3.97 -24.65 -1.05
CA ALA E 28 5.33 -24.48 -0.53
C ALA E 28 6.20 -23.80 -1.56
N ILE E 29 7.07 -22.90 -1.10
CA ILE E 29 8.05 -22.24 -1.95
C ILE E 29 9.39 -22.95 -1.74
N ALA E 30 9.91 -23.56 -2.79
CA ALA E 30 11.15 -24.31 -2.68
C ALA E 30 12.33 -23.39 -2.40
N ALA E 31 13.32 -23.93 -1.69
CA ALA E 31 14.53 -23.18 -1.39
C ALA E 31 15.37 -22.90 -2.64
N THR E 32 15.17 -23.67 -3.70
CA THR E 32 15.89 -23.47 -4.95
C THR E 32 15.25 -22.41 -5.84
N ALA E 33 14.12 -21.85 -5.42
CA ALA E 33 13.46 -20.77 -6.16
C ALA E 33 13.33 -19.53 -5.31
N CYS E 34 14.25 -19.33 -4.37
CA CYS E 34 14.25 -18.18 -3.47
C CYS E 34 15.60 -17.50 -3.54
N LEU E 35 15.60 -16.22 -3.91
CA LEU E 35 16.85 -15.46 -3.97
C LEU E 35 17.26 -15.03 -2.57
N ASN E 36 18.51 -15.30 -2.21
CA ASN E 36 19.01 -14.96 -0.88
C ASN E 36 19.39 -13.48 -0.83
N ASP E 37 20.07 -13.09 0.24
CA ASP E 37 20.46 -11.69 0.45
C ASP E 37 21.61 -11.25 -0.45
N ALA E 38 22.00 -12.02 -1.46
CA ALA E 38 23.08 -11.62 -2.36
C ALA E 38 22.60 -11.24 -3.75
N GLY E 39 21.46 -11.77 -4.20
CA GLY E 39 20.92 -11.44 -5.50
C GLY E 39 21.03 -12.57 -6.49
N THR E 40 21.24 -13.79 -6.00
CA THR E 40 21.39 -14.97 -6.83
C THR E 40 20.44 -16.06 -6.34
N THR E 41 20.33 -17.12 -7.14
CA THR E 41 19.50 -18.25 -6.76
C THR E 41 20.18 -19.04 -5.64
N ALA E 42 19.50 -19.16 -4.50
CA ALA E 42 20.06 -19.84 -3.35
C ALA E 42 19.98 -21.35 -3.53
N THR E 43 20.49 -22.08 -2.55
CA THR E 43 20.54 -23.54 -2.60
C THR E 43 19.84 -24.23 -1.43
N ALA E 44 20.03 -23.76 -0.19
CA ALA E 44 19.47 -24.44 0.96
C ALA E 44 19.15 -23.42 2.04
N PHE E 45 18.05 -23.65 2.75
CA PHE E 45 17.71 -22.81 3.89
C PHE E 45 18.60 -23.16 5.07
N PRO E 46 19.31 -22.21 5.66
CA PRO E 46 20.22 -22.52 6.75
C PRO E 46 19.49 -22.74 8.07
N THR E 47 20.19 -23.34 9.01
CA THR E 47 19.64 -23.55 10.34
C THR E 47 19.42 -22.22 11.05
N PHE E 48 18.42 -22.18 11.91
CA PHE E 48 18.00 -20.94 12.55
C PHE E 48 17.55 -21.25 13.97
N THR E 49 17.18 -20.18 14.69
CA THR E 49 16.52 -20.28 15.98
C THR E 49 15.06 -19.85 15.93
N TYR E 50 14.77 -18.74 15.27
CA TYR E 50 13.41 -18.32 14.97
C TYR E 50 13.42 -17.57 13.65
N TYR E 51 12.32 -17.67 12.91
CA TYR E 51 12.22 -17.11 11.58
C TYR E 51 10.99 -16.22 11.47
N ASN E 52 11.08 -15.21 10.61
CA ASN E 52 10.00 -14.27 10.35
C ASN E 52 9.62 -14.34 8.88
N LEU E 53 8.31 -14.36 8.61
CA LEU E 53 7.79 -14.37 7.25
C LEU E 53 7.11 -13.04 6.95
N TYR E 54 7.46 -12.43 5.82
CA TYR E 54 6.92 -11.13 5.42
C TYR E 54 6.18 -11.32 4.10
N VAL E 55 4.85 -11.32 4.16
CA VAL E 55 4.01 -11.40 2.97
C VAL E 55 3.59 -9.99 2.60
N ASN E 56 4.11 -9.49 1.47
CA ASN E 56 3.84 -8.13 1.00
C ASN E 56 4.23 -7.08 2.03
N GLY E 57 5.31 -7.34 2.76
CA GLY E 57 5.80 -6.42 3.78
C GLY E 57 5.12 -6.53 5.12
N ILE E 58 4.16 -7.44 5.29
CA ILE E 58 3.41 -7.60 6.52
C ILE E 58 3.96 -8.82 7.26
N LEU E 59 4.32 -8.63 8.53
CA LEU E 59 4.85 -9.72 9.34
C LEU E 59 3.72 -10.69 9.69
N GLN E 60 3.86 -11.94 9.24
CA GLN E 60 2.84 -12.94 9.50
C GLN E 60 3.11 -13.67 10.81
N PRO E 61 2.06 -14.18 11.46
CA PRO E 61 2.26 -14.97 12.69
C PRO E 61 2.96 -16.29 12.43
N SER E 62 3.17 -17.07 13.49
CA SER E 62 3.88 -18.33 13.40
C SER E 62 2.97 -19.50 13.02
N VAL E 63 1.68 -19.26 12.80
CA VAL E 63 0.74 -20.33 12.47
C VAL E 63 0.44 -20.39 10.98
N ASN E 64 0.82 -19.38 10.20
CA ASN E 64 0.55 -19.34 8.77
C ASN E 64 1.75 -19.75 7.93
N SER E 65 2.77 -20.35 8.55
CA SER E 65 3.96 -20.75 7.80
C SER E 65 4.65 -21.90 8.51
N SER E 66 5.39 -22.68 7.73
CA SER E 66 6.17 -23.81 8.25
C SER E 66 7.37 -24.00 7.35
N VAL E 67 8.58 -23.81 7.91
CA VAL E 67 9.82 -23.82 7.14
C VAL E 67 10.66 -25.02 7.53
N THR E 68 11.27 -25.66 6.54
CA THR E 68 12.19 -26.76 6.74
C THR E 68 13.56 -26.39 6.16
N THR E 69 14.63 -26.81 6.84
CA THR E 69 15.98 -26.49 6.42
C THR E 69 16.49 -27.58 5.48
N GLY E 70 17.79 -27.52 5.15
CA GLY E 70 18.40 -28.50 4.28
C GLY E 70 18.29 -28.14 2.82
N PRO E 71 18.98 -28.89 1.96
CA PRO E 71 18.89 -28.63 0.52
C PRO E 71 17.48 -28.77 -0.04
N THR E 72 16.67 -29.66 0.51
CA THR E 72 15.29 -29.86 0.07
C THR E 72 14.31 -29.05 0.90
N GLY E 73 14.75 -27.92 1.46
CA GLY E 73 13.87 -27.12 2.29
C GLY E 73 12.81 -26.41 1.47
N ALA E 74 11.68 -26.13 2.12
CA ALA E 74 10.57 -25.45 1.48
C ALA E 74 9.67 -24.85 2.53
N ILE E 75 9.39 -23.56 2.41
CA ILE E 75 8.51 -22.87 3.35
C ILE E 75 7.07 -23.18 2.98
N THR E 76 6.34 -23.79 3.92
CA THR E 76 4.96 -24.21 3.68
C THR E 76 4.02 -23.09 4.11
N ILE E 77 3.49 -22.35 3.13
CA ILE E 77 2.56 -21.26 3.40
C ILE E 77 1.17 -21.70 2.95
N PRO E 78 0.32 -22.19 3.86
CA PRO E 78 -1.03 -22.60 3.45
C PRO E 78 -1.91 -21.41 3.12
N GLY E 79 -2.81 -21.62 2.17
CA GLY E 79 -3.73 -20.59 1.74
C GLY E 79 -3.18 -19.60 0.74
N GLY E 80 -1.94 -19.76 0.30
CA GLY E 80 -1.34 -18.84 -0.65
C GLY E 80 -1.79 -19.03 -2.08
N ASP E 81 -2.46 -20.15 -2.39
CA ASP E 81 -2.92 -20.38 -3.76
C ASP E 81 -3.98 -19.37 -4.16
N ALA E 82 -4.90 -19.03 -3.25
CA ALA E 82 -5.94 -18.07 -3.56
C ALA E 82 -5.43 -16.66 -3.74
N LEU E 83 -4.25 -16.35 -3.19
CA LEU E 83 -3.68 -15.03 -3.31
C LEU E 83 -3.08 -14.83 -4.71
N ASP E 84 -2.71 -13.58 -5.01
CA ASP E 84 -2.14 -13.27 -6.30
C ASP E 84 -0.72 -13.85 -6.42
N GLY E 85 -0.27 -13.98 -7.66
CA GLY E 85 1.04 -14.53 -7.95
C GLY E 85 2.19 -13.54 -7.89
N GLY E 86 1.90 -12.25 -7.74
CA GLY E 86 2.93 -11.24 -7.66
C GLY E 86 3.26 -10.75 -6.26
N ILE E 87 2.66 -11.35 -5.24
CA ILE E 87 2.90 -10.93 -3.85
C ILE E 87 4.32 -11.30 -3.45
N PRO E 88 5.15 -10.33 -3.05
CA PRO E 88 6.51 -10.67 -2.63
C PRO E 88 6.52 -11.45 -1.32
N ILE E 89 7.57 -12.25 -1.16
CA ILE E 89 7.78 -13.03 0.06
C ILE E 89 9.18 -12.74 0.56
N THR E 90 9.29 -12.46 1.86
CA THR E 90 10.60 -12.18 2.49
C THR E 90 10.71 -13.06 3.73
N ILE E 91 11.63 -14.02 3.68
CA ILE E 91 11.81 -14.97 4.78
C ILE E 91 13.14 -14.63 5.46
N GLU E 92 13.07 -14.27 6.74
CA GLU E 92 14.23 -13.84 7.51
C GLU E 92 14.56 -14.88 8.56
N PHE E 93 15.78 -15.42 8.51
CA PHE E 93 16.26 -16.38 9.49
C PHE E 93 17.27 -15.71 10.41
N ILE E 94 17.08 -15.88 11.71
CA ILE E 94 17.99 -15.33 12.72
C ILE E 94 18.87 -16.47 13.19
N VAL E 95 20.10 -16.52 12.70
CA VAL E 95 21.04 -17.58 13.04
C VAL E 95 21.91 -17.07 14.19
N THR E 96 21.70 -17.63 15.38
CA THR E 96 22.47 -17.23 16.55
C THR E 96 23.15 -18.44 17.18
N PRO F 2 56.09 -13.83 51.93
CA PRO F 2 54.63 -13.88 52.02
C PRO F 2 54.11 -15.31 52.18
N ILE F 3 52.79 -15.45 52.33
CA ILE F 3 52.19 -16.78 52.49
C ILE F 3 52.09 -17.43 51.12
N ILE F 4 52.64 -18.64 51.00
CA ILE F 4 52.59 -19.37 49.74
C ILE F 4 51.18 -19.89 49.51
N GLN F 5 50.67 -19.69 48.29
CA GLN F 5 49.33 -20.11 47.92
C GLN F 5 49.38 -21.09 46.75
N PRO F 6 48.39 -21.97 46.63
CA PRO F 6 48.39 -22.91 45.50
C PRO F 6 48.33 -22.18 44.17
N PHE F 7 49.05 -22.71 43.19
CA PHE F 7 49.14 -22.11 41.87
C PHE F 7 48.02 -22.63 40.98
N MET F 8 47.34 -21.71 40.30
CA MET F 8 46.30 -22.07 39.35
C MET F 8 46.24 -20.99 38.28
N ALA F 9 46.00 -21.43 37.04
CA ALA F 9 46.03 -20.50 35.92
C ALA F 9 45.04 -20.96 34.86
N SER F 10 44.49 -20.00 34.14
CA SER F 10 43.52 -20.25 33.08
C SER F 10 44.11 -19.78 31.75
N ARG F 11 44.16 -20.68 30.77
CA ARG F 11 44.62 -20.37 29.43
C ARG F 11 43.43 -20.42 28.49
N ARG F 12 43.15 -19.29 27.83
CA ARG F 12 41.98 -19.16 26.97
C ARG F 12 42.43 -18.97 25.53
N PHE F 13 41.89 -19.78 24.63
CA PHE F 13 42.15 -19.71 23.20
C PHE F 13 40.86 -19.38 22.47
N THR F 14 40.92 -18.40 21.57
CA THR F 14 39.76 -17.92 20.86
C THR F 14 39.90 -18.15 19.36
N SER F 15 38.84 -18.64 18.74
CA SER F 15 38.79 -18.88 17.30
C SER F 15 37.34 -18.85 16.85
N THR F 16 37.09 -19.32 15.63
CA THR F 16 35.76 -19.36 15.06
C THR F 16 35.52 -20.72 14.44
N LEU F 17 34.24 -21.07 14.27
CA LEU F 17 33.89 -22.35 13.67
C LEU F 17 34.22 -22.42 12.18
N GLY F 18 34.55 -21.28 11.57
CA GLY F 18 34.89 -21.25 10.16
C GLY F 18 36.32 -21.61 9.84
N ALA F 19 37.12 -21.97 10.84
CA ALA F 19 38.52 -22.36 10.65
C ALA F 19 38.72 -23.82 11.00
N GLY F 20 37.76 -24.68 10.63
CA GLY F 20 37.83 -26.09 10.89
C GLY F 20 38.17 -26.88 9.63
N THR F 21 38.50 -28.15 9.85
CA THR F 21 38.87 -29.06 8.78
C THR F 21 38.00 -30.31 8.82
N GLY F 22 37.65 -30.81 7.64
CA GLY F 22 36.85 -32.03 7.54
C GLY F 22 35.39 -31.79 7.88
N THR F 23 34.63 -32.88 7.83
CA THR F 23 33.20 -32.86 8.15
C THR F 23 32.86 -34.09 8.99
N GLY F 24 31.78 -33.98 9.74
CA GLY F 24 31.33 -35.09 10.57
C GLY F 24 31.96 -35.03 11.95
N ALA F 25 32.51 -36.15 12.40
CA ALA F 25 33.17 -36.24 13.69
C ALA F 25 34.65 -35.88 13.62
N ALA F 26 35.14 -35.50 12.44
CA ALA F 26 36.54 -35.10 12.27
C ALA F 26 36.72 -33.58 12.28
N PHE F 27 35.65 -32.82 12.49
CA PHE F 27 35.75 -31.38 12.54
C PHE F 27 36.63 -30.94 13.71
N ALA F 28 37.78 -30.37 13.39
CA ALA F 28 38.76 -30.00 14.42
C ALA F 28 39.31 -28.62 14.12
N ILE F 29 39.52 -27.83 15.18
CA ILE F 29 40.14 -26.51 15.07
C ILE F 29 41.60 -26.67 15.51
N ALA F 30 42.52 -26.41 14.58
CA ALA F 30 43.94 -26.59 14.86
C ALA F 30 44.42 -25.57 15.89
N ALA F 31 45.42 -25.99 16.68
CA ALA F 31 46.02 -25.10 17.67
C ALA F 31 46.78 -23.94 17.04
N THR F 32 47.17 -24.07 15.77
CA THR F 32 47.87 -23.01 15.06
C THR F 32 46.93 -21.98 14.45
N ALA F 33 45.62 -22.17 14.60
CA ALA F 33 44.62 -21.22 14.10
C ALA F 33 43.74 -20.73 15.24
N CYS F 34 44.28 -20.70 16.46
CA CYS F 34 43.54 -20.27 17.65
C CYS F 34 44.35 -19.20 18.35
N LEU F 35 43.76 -18.02 18.52
CA LEU F 35 44.44 -16.93 19.21
C LEU F 35 44.34 -17.15 20.72
N ASN F 36 45.48 -17.08 21.40
CA ASN F 36 45.53 -17.31 22.84
C ASN F 36 45.09 -16.03 23.57
N ASP F 37 45.29 -16.01 24.89
CA ASP F 37 44.87 -14.89 25.73
C ASP F 37 45.76 -13.66 25.57
N ALA F 38 46.64 -13.60 24.58
CA ALA F 38 47.49 -12.43 24.37
C ALA F 38 47.10 -11.61 23.15
N GLY F 39 46.48 -12.22 22.15
CA GLY F 39 46.06 -11.50 20.95
C GLY F 39 46.88 -11.84 19.73
N THR F 40 47.61 -12.96 19.78
CA THR F 40 48.46 -13.40 18.70
C THR F 40 48.15 -14.84 18.35
N THR F 41 48.72 -15.30 17.25
CA THR F 41 48.55 -16.69 16.82
C THR F 41 49.33 -17.61 17.75
N ALA F 42 48.65 -18.53 18.41
CA ALA F 42 49.28 -19.43 19.35
C ALA F 42 50.03 -20.54 18.60
N THR F 43 50.67 -21.43 19.36
CA THR F 43 51.46 -22.51 18.79
C THR F 43 51.05 -23.89 19.26
N ALA F 44 50.77 -24.09 20.56
CA ALA F 44 50.46 -25.42 21.07
C ALA F 44 49.50 -25.30 22.24
N PHE F 45 48.58 -26.24 22.34
CA PHE F 45 47.68 -26.30 23.49
C PHE F 45 48.44 -26.84 24.69
N PRO F 46 48.45 -26.13 25.81
CA PRO F 46 49.21 -26.58 26.98
C PRO F 46 48.50 -27.69 27.73
N THR F 47 49.25 -28.38 28.58
CA THR F 47 48.70 -29.42 29.41
C THR F 47 47.72 -28.82 30.42
N PHE F 48 46.71 -29.61 30.78
CA PHE F 48 45.63 -29.13 31.63
C PHE F 48 45.17 -30.26 32.55
N THR F 49 44.21 -29.93 33.41
CA THR F 49 43.50 -30.91 34.22
C THR F 49 42.06 -31.09 33.77
N TYR F 50 41.35 -30.00 33.52
CA TYR F 50 40.03 -30.05 32.91
C TYR F 50 39.86 -28.78 32.07
N TYR F 51 39.10 -28.91 30.98
CA TYR F 51 38.93 -27.83 30.02
C TYR F 51 37.46 -27.54 29.79
N ASN F 52 37.16 -26.29 29.46
CA ASN F 52 35.80 -25.83 29.19
C ASN F 52 35.74 -25.29 27.77
N LEU F 53 34.69 -25.65 27.04
CA LEU F 53 34.47 -25.18 25.68
C LEU F 53 33.25 -24.25 25.67
N TYR F 54 33.42 -23.07 25.07
CA TYR F 54 32.36 -22.06 25.00
C TYR F 54 32.03 -21.81 23.53
N VAL F 55 30.91 -22.34 23.08
CA VAL F 55 30.42 -22.12 21.71
C VAL F 55 29.40 -20.98 21.77
N ASN F 56 29.76 -19.84 21.19
CA ASN F 56 28.91 -18.64 21.20
C ASN F 56 28.55 -18.20 22.61
N GLY F 57 29.48 -18.37 23.54
CA GLY F 57 29.26 -17.99 24.92
C GLY F 57 28.53 -19.01 25.77
N ILE F 58 28.16 -20.16 25.20
CA ILE F 58 27.42 -21.19 25.91
C ILE F 58 28.40 -22.30 26.29
N LEU F 59 28.40 -22.67 27.57
CA LEU F 59 29.28 -23.72 28.06
C LEU F 59 28.77 -25.07 27.57
N GLN F 60 29.59 -25.76 26.78
CA GLN F 60 29.19 -27.06 26.24
C GLN F 60 29.59 -28.19 27.18
N PRO F 61 28.86 -29.31 27.15
CA PRO F 61 29.24 -30.47 27.97
C PRO F 61 30.55 -31.10 27.53
N SER F 62 30.96 -32.16 28.22
CA SER F 62 32.22 -32.83 27.94
C SER F 62 32.11 -33.88 26.85
N VAL F 63 30.92 -34.08 26.26
CA VAL F 63 30.73 -35.08 25.23
C VAL F 63 30.74 -34.49 23.82
N ASN F 64 30.67 -33.17 23.68
CA ASN F 64 30.64 -32.51 22.39
C ASN F 64 32.01 -31.95 21.97
N SER F 65 33.07 -32.35 22.66
CA SER F 65 34.40 -31.84 22.34
C SER F 65 35.45 -32.84 22.77
N SER F 66 36.61 -32.77 22.10
CA SER F 66 37.76 -33.60 22.43
C SER F 66 39.02 -32.84 22.05
N VAL F 67 39.85 -32.54 23.04
CA VAL F 67 41.02 -31.69 22.86
C VAL F 67 42.29 -32.50 23.08
N THR F 68 43.29 -32.26 22.23
CA THR F 68 44.59 -32.88 22.34
C THR F 68 45.65 -31.78 22.52
N THR F 69 46.66 -32.05 23.33
CA THR F 69 47.71 -31.08 23.61
C THR F 69 48.85 -31.26 22.60
N GLY F 70 49.96 -30.56 22.84
CA GLY F 70 51.11 -30.65 21.99
C GLY F 70 51.07 -29.67 20.83
N PRO F 71 52.17 -29.56 20.08
CA PRO F 71 52.19 -28.66 18.92
C PRO F 71 51.15 -29.01 17.87
N THR F 72 50.83 -30.29 17.70
CA THR F 72 49.85 -30.74 16.72
C THR F 72 48.46 -30.90 17.35
N GLY F 73 48.18 -30.14 18.41
CA GLY F 73 46.90 -30.26 19.07
C GLY F 73 45.76 -29.69 18.24
N ALA F 74 44.57 -30.23 18.47
CA ALA F 74 43.38 -29.80 17.74
C ALA F 74 42.14 -30.21 18.53
N ILE F 75 41.26 -29.25 18.80
CA ILE F 75 40.02 -29.52 19.51
C ILE F 75 39.02 -30.12 18.53
N THR F 76 38.57 -31.34 18.82
CA THR F 76 37.65 -32.06 17.94
C THR F 76 36.22 -31.75 18.36
N ILE F 77 35.55 -30.89 17.60
CA ILE F 77 34.16 -30.52 17.88
C ILE F 77 33.28 -31.16 16.81
N PRO F 78 32.67 -32.31 17.08
CA PRO F 78 31.81 -32.94 16.07
C PRO F 78 30.51 -32.17 15.89
N GLY F 79 30.00 -32.20 14.66
CA GLY F 79 28.76 -31.53 14.33
C GLY F 79 28.88 -30.05 14.06
N GLY F 80 30.08 -29.49 14.10
CA GLY F 80 30.26 -28.06 13.86
C GLY F 80 30.20 -27.65 12.40
N ASP F 81 30.26 -28.61 11.48
CA ASP F 81 30.19 -28.28 10.06
C ASP F 81 28.85 -27.67 9.69
N ALA F 82 27.77 -28.22 10.23
CA ALA F 82 26.43 -27.72 9.92
C ALA F 82 26.18 -26.33 10.49
N LEU F 83 26.93 -25.93 11.53
CA LEU F 83 26.76 -24.63 12.12
C LEU F 83 27.38 -23.54 11.24
N ASP F 84 27.10 -22.29 11.59
CA ASP F 84 27.62 -21.16 10.83
C ASP F 84 29.14 -21.03 11.05
N GLY F 85 29.78 -20.33 10.13
CA GLY F 85 31.21 -20.12 10.18
C GLY F 85 31.67 -18.96 11.03
N GLY F 86 30.75 -18.14 11.52
CA GLY F 86 31.09 -17.01 12.36
C GLY F 86 30.90 -17.21 13.84
N ILE F 87 30.53 -18.42 14.27
CA ILE F 87 30.31 -18.70 15.68
C ILE F 87 31.64 -18.66 16.43
N PRO F 88 31.78 -17.81 17.44
CA PRO F 88 33.03 -17.76 18.20
C PRO F 88 33.24 -19.03 19.02
N ILE F 89 34.50 -19.35 19.26
CA ILE F 89 34.89 -20.49 20.08
C ILE F 89 35.86 -20.00 21.15
N THR F 90 35.61 -20.40 22.40
CA THR F 90 36.46 -20.01 23.53
C THR F 90 36.81 -21.27 24.30
N ILE F 91 38.09 -21.65 24.25
CA ILE F 91 38.56 -22.87 24.90
C ILE F 91 39.39 -22.45 26.11
N GLU F 92 38.95 -22.85 27.30
CA GLU F 92 39.60 -22.47 28.55
C GLU F 92 40.24 -23.70 29.17
N PHE F 93 41.56 -23.62 29.40
CA PHE F 93 42.30 -24.69 30.06
C PHE F 93 42.67 -24.26 31.47
N ILE F 94 42.39 -25.12 32.44
CA ILE F 94 42.71 -24.86 33.84
C ILE F 94 43.98 -25.66 34.15
N VAL F 95 45.11 -24.99 34.19
CA VAL F 95 46.40 -25.62 34.44
C VAL F 95 46.70 -25.49 35.93
N THR F 96 46.61 -26.60 36.66
CA THR F 96 46.89 -26.60 38.09
C THR F 96 47.97 -27.60 38.45
N PRO G 2 68.04 -29.29 82.12
CA PRO G 2 66.81 -29.93 81.63
C PRO G 2 67.08 -31.31 81.04
N ILE G 3 66.01 -31.99 80.61
CA ILE G 3 66.15 -33.31 80.03
C ILE G 3 66.62 -33.18 78.58
N ILE G 4 67.72 -33.84 78.24
CA ILE G 4 68.25 -33.79 76.89
C ILE G 4 67.35 -34.60 75.96
N GLN G 5 67.01 -34.03 74.81
CA GLN G 5 66.15 -34.67 73.83
C GLN G 5 66.88 -34.81 72.50
N PRO G 6 66.52 -35.81 71.69
CA PRO G 6 67.17 -35.96 70.39
C PRO G 6 66.96 -34.74 69.51
N PHE G 7 67.99 -34.39 68.75
CA PHE G 7 67.96 -33.22 67.89
C PHE G 7 67.42 -33.59 66.52
N MET G 8 66.48 -32.79 66.03
CA MET G 8 65.93 -32.98 64.69
C MET G 8 65.49 -31.62 64.16
N ALA G 9 65.71 -31.42 62.86
CA ALA G 9 65.44 -30.12 62.27
C ALA G 9 65.01 -30.31 60.82
N SER G 10 64.16 -29.40 60.35
CA SER G 10 63.63 -29.43 58.99
C SER G 10 64.10 -28.17 58.26
N ARG G 11 64.75 -28.36 57.12
CA ARG G 11 65.20 -27.26 56.27
C ARG G 11 64.36 -27.26 55.00
N ARG G 12 63.66 -26.16 54.76
CA ARG G 12 62.73 -26.06 53.63
C ARG G 12 63.24 -25.02 52.65
N PHE G 13 63.33 -25.40 51.38
CA PHE G 13 63.75 -24.51 50.31
C PHE G 13 62.60 -24.38 49.31
N THR G 14 62.29 -23.13 48.93
CA THR G 14 61.17 -22.84 48.06
C THR G 14 61.65 -22.21 46.76
N SER G 15 61.09 -22.67 45.65
CA SER G 15 61.42 -22.15 44.33
C SER G 15 60.23 -22.43 43.41
N THR G 16 60.45 -22.26 42.10
CA THR G 16 59.44 -22.51 41.09
C THR G 16 60.03 -23.34 39.96
N LEU G 17 59.14 -24.01 39.22
CA LEU G 17 59.60 -24.83 38.10
C LEU G 17 60.14 -24.00 36.95
N GLY G 18 59.94 -22.69 36.96
CA GLY G 18 60.43 -21.82 35.91
C GLY G 18 61.88 -21.40 36.05
N ALA G 19 62.58 -21.90 37.07
CA ALA G 19 63.98 -21.57 37.30
C ALA G 19 64.86 -22.80 37.12
N GLY G 20 64.53 -23.64 36.14
CA GLY G 20 65.28 -24.84 35.86
C GLY G 20 66.17 -24.69 34.62
N THR G 21 67.06 -25.66 34.46
CA THR G 21 68.01 -25.68 33.36
C THR G 21 67.90 -27.00 32.61
N GLY G 22 68.04 -26.93 31.29
CA GLY G 22 68.00 -28.12 30.46
C GLY G 22 66.59 -28.66 30.27
N THR G 23 66.52 -29.77 29.53
CA THR G 23 65.26 -30.45 29.26
C THR G 23 65.47 -31.95 29.39
N GLY G 24 64.37 -32.66 29.66
CA GLY G 24 64.42 -34.11 29.79
C GLY G 24 64.71 -34.52 31.21
N ALA G 25 65.68 -35.42 31.39
CA ALA G 25 66.08 -35.89 32.70
C ALA G 25 67.16 -35.01 33.34
N ALA G 26 67.57 -33.94 32.67
CA ALA G 26 68.56 -33.03 33.21
C ALA G 26 67.94 -31.79 33.84
N PHE G 27 66.62 -31.71 33.90
CA PHE G 27 65.95 -30.56 34.51
C PHE G 27 66.29 -30.49 35.99
N ALA G 28 67.04 -29.45 36.38
CA ALA G 28 67.51 -29.31 37.75
C ALA G 28 67.32 -27.89 38.23
N ILE G 29 66.92 -27.73 39.49
CA ILE G 29 66.80 -26.42 40.12
C ILE G 29 68.04 -26.22 40.99
N ALA G 30 68.83 -25.20 40.66
CA ALA G 30 70.07 -24.95 41.37
C ALA G 30 69.80 -24.51 42.80
N ALA G 31 70.74 -24.84 43.69
CA ALA G 31 70.63 -24.44 45.08
C ALA G 31 70.78 -22.94 45.26
N THR G 32 71.38 -22.24 44.29
CA THR G 32 71.54 -20.79 44.35
C THR G 32 70.31 -20.05 43.86
N ALA G 33 69.28 -20.76 43.41
CA ALA G 33 68.03 -20.14 42.97
C ALA G 33 66.85 -20.67 43.78
N CYS G 34 67.10 -21.07 45.03
CA CYS G 34 66.08 -21.61 45.91
C CYS G 34 66.10 -20.83 47.22
N LEU G 35 64.97 -20.22 47.56
CA LEU G 35 64.88 -19.48 48.81
C LEU G 35 64.68 -20.45 49.97
N ASN G 36 65.50 -20.30 51.01
CA ASN G 36 65.43 -21.20 52.16
C ASN G 36 64.29 -20.75 53.08
N ASP G 37 64.24 -21.32 54.29
CA ASP G 37 63.19 -21.03 55.26
C ASP G 37 63.33 -19.66 55.92
N ALA G 38 64.21 -18.78 55.43
CA ALA G 38 64.36 -17.45 56.01
C ALA G 38 63.80 -16.34 55.14
N GLY G 39 63.75 -16.54 53.82
CA GLY G 39 63.21 -15.54 52.92
C GLY G 39 64.27 -14.87 52.07
N THR G 40 65.44 -15.49 51.98
CA THR G 40 66.56 -14.96 51.22
C THR G 40 67.08 -16.03 50.27
N THR G 41 67.98 -15.61 49.37
CA THR G 41 68.60 -16.54 48.44
C THR G 41 69.60 -17.43 49.19
N ALA G 42 69.38 -18.74 49.14
CA ALA G 42 70.24 -19.67 49.84
C ALA G 42 71.55 -19.87 49.09
N THR G 43 72.42 -20.70 49.64
CA THR G 43 73.74 -20.96 49.06
C THR G 43 74.02 -22.43 48.79
N ALA G 44 73.68 -23.34 49.71
CA ALA G 44 74.02 -24.75 49.54
C ALA G 44 72.96 -25.60 50.22
N PHE G 45 72.65 -26.73 49.60
CA PHE G 45 71.74 -27.69 50.21
C PHE G 45 72.47 -28.44 51.32
N PRO G 46 71.94 -28.45 52.54
CA PRO G 46 72.63 -29.10 53.64
C PRO G 46 72.48 -30.62 53.60
N THR G 47 73.34 -31.30 54.35
CA THR G 47 73.27 -32.74 54.46
C THR G 47 71.97 -33.16 55.17
N PHE G 48 71.47 -34.34 54.80
CA PHE G 48 70.18 -34.79 55.28
C PHE G 48 70.23 -36.30 55.47
N THR G 49 69.11 -36.84 55.95
CA THR G 49 68.88 -38.29 56.01
C THR G 49 67.83 -38.74 55.01
N TYR G 50 66.70 -38.03 54.93
CA TYR G 50 65.71 -38.25 53.90
C TYR G 50 65.06 -36.91 53.58
N TYR G 51 64.64 -36.74 52.33
CA TYR G 51 64.11 -35.48 51.85
C TYR G 51 62.75 -35.69 51.20
N ASN G 52 61.90 -34.67 51.28
CA ASN G 52 60.56 -34.68 50.69
C ASN G 52 60.46 -33.57 49.67
N LEU G 53 59.87 -33.87 48.51
CA LEU G 53 59.65 -32.89 47.45
C LEU G 53 58.15 -32.62 47.33
N TYR G 54 57.79 -31.35 47.31
CA TYR G 54 56.38 -30.91 47.23
C TYR G 54 56.21 -30.10 45.95
N VAL G 55 55.60 -30.71 44.94
CA VAL G 55 55.29 -30.03 43.69
C VAL G 55 53.84 -29.56 43.77
N ASN G 56 53.65 -28.24 43.84
CA ASN G 56 52.32 -27.64 43.95
C ASN G 56 51.57 -28.14 45.17
N GLY G 57 52.29 -28.40 46.27
CA GLY G 57 51.70 -28.89 47.49
C GLY G 57 51.47 -30.38 47.55
N ILE G 58 51.83 -31.12 46.51
CA ILE G 58 51.62 -32.56 46.44
C ILE G 58 52.96 -33.25 46.73
N LEU G 59 52.94 -34.18 47.68
CA LEU G 59 54.15 -34.92 48.04
C LEU G 59 54.49 -35.91 46.92
N GLN G 60 55.65 -35.74 46.32
CA GLN G 60 56.07 -36.61 45.22
C GLN G 60 56.83 -37.83 45.75
N PRO G 61 56.80 -38.94 45.04
CA PRO G 61 57.58 -40.12 45.45
C PRO G 61 59.08 -39.89 45.35
N SER G 62 59.86 -40.91 45.68
CA SER G 62 61.31 -40.82 45.69
C SER G 62 61.92 -41.12 44.33
N VAL G 63 61.11 -41.43 43.31
CA VAL G 63 61.63 -41.75 41.98
C VAL G 63 61.56 -40.57 41.01
N ASN G 64 60.84 -39.50 41.36
CA ASN G 64 60.68 -38.35 40.49
C ASN G 64 61.61 -37.20 40.87
N SER G 65 62.62 -37.45 41.71
CA SER G 65 63.52 -36.39 42.13
C SER G 65 64.86 -36.99 42.53
N SER G 66 65.89 -36.17 42.43
CA SER G 66 67.25 -36.55 42.83
C SER G 66 67.98 -35.30 43.27
N VAL G 67 68.37 -35.25 44.55
CA VAL G 67 68.96 -34.06 45.15
C VAL G 67 70.41 -34.33 45.51
N THR G 68 71.27 -33.34 45.27
CA THR G 68 72.67 -33.38 45.64
C THR G 68 72.97 -32.22 46.58
N THR G 69 73.83 -32.47 47.56
CA THR G 69 74.19 -31.47 48.54
C THR G 69 75.40 -30.66 48.07
N GLY G 70 75.94 -29.83 48.95
CA GLY G 70 77.10 -29.02 48.63
C GLY G 70 76.74 -27.70 48.00
N PRO G 71 77.73 -26.82 47.82
CA PRO G 71 77.47 -25.53 47.18
C PRO G 71 76.94 -25.65 45.76
N THR G 72 77.35 -26.67 45.02
CA THR G 72 76.89 -26.90 43.65
C THR G 72 75.71 -27.86 43.60
N GLY G 73 74.92 -27.92 44.67
CA GLY G 73 73.79 -28.83 44.70
C GLY G 73 72.68 -28.40 43.77
N ALA G 74 71.90 -29.38 43.31
CA ALA G 74 70.79 -29.11 42.41
C ALA G 74 69.83 -30.29 42.45
N ILE G 75 68.56 -30.01 42.70
CA ILE G 75 67.53 -31.05 42.74
C ILE G 75 67.14 -31.39 41.30
N THR G 76 67.34 -32.66 40.92
CA THR G 76 67.07 -33.11 39.56
C THR G 76 65.64 -33.63 39.49
N ILE G 77 64.75 -32.82 38.91
CA ILE G 77 63.35 -33.21 38.75
C ILE G 77 63.10 -33.49 37.27
N PRO G 78 63.13 -34.74 36.84
CA PRO G 78 62.87 -35.05 35.42
C PRO G 78 61.41 -34.84 35.06
N GLY G 79 61.19 -34.43 33.82
CA GLY G 79 59.86 -34.21 33.31
C GLY G 79 59.23 -32.88 33.68
N GLY G 80 59.96 -32.01 34.38
CA GLY G 80 59.42 -30.72 34.77
C GLY G 80 59.39 -29.68 33.67
N ASP G 81 60.07 -29.94 32.54
CA ASP G 81 60.07 -28.98 31.44
C ASP G 81 58.68 -28.83 30.84
N ALA G 82 57.96 -29.94 30.68
CA ALA G 82 56.62 -29.89 30.09
C ALA G 82 55.61 -29.20 31.01
N LEU G 83 55.88 -29.14 32.31
CA LEU G 83 54.97 -28.48 33.24
C LEU G 83 55.09 -26.96 33.13
N ASP G 84 54.15 -26.27 33.78
CA ASP G 84 54.14 -24.82 33.75
C ASP G 84 55.31 -24.26 34.56
N GLY G 85 55.65 -23.00 34.29
CA GLY G 85 56.74 -22.33 34.95
C GLY G 85 56.40 -21.69 36.28
N GLY G 86 55.13 -21.65 36.64
CA GLY G 86 54.70 -21.07 37.90
C GLY G 86 54.42 -22.05 39.01
N ILE G 87 54.66 -23.34 38.79
CA ILE G 87 54.40 -24.36 39.80
C ILE G 87 55.38 -24.21 40.95
N PRO G 88 54.90 -24.00 42.18
CA PRO G 88 55.83 -23.89 43.31
C PRO G 88 56.52 -25.21 43.61
N ILE G 89 57.72 -25.11 44.17
CA ILE G 89 58.50 -26.26 44.60
C ILE G 89 58.90 -26.06 46.06
N THR G 90 58.69 -27.09 46.87
CA THR G 90 59.03 -27.04 48.31
C THR G 90 59.86 -28.29 48.62
N ILE G 91 61.13 -28.07 48.93
CA ILE G 91 62.05 -29.17 49.20
C ILE G 91 62.36 -29.15 50.70
N GLU G 92 62.01 -30.23 51.40
CA GLU G 92 62.16 -30.32 52.84
C GLU G 92 63.23 -31.35 53.16
N PHE G 93 64.27 -30.92 53.88
CA PHE G 93 65.34 -31.79 54.33
C PHE G 93 65.21 -32.04 55.83
N ILE G 94 65.26 -33.30 56.23
CA ILE G 94 65.20 -33.69 57.63
C ILE G 94 66.62 -34.00 58.07
N VAL G 95 67.22 -33.07 58.79
CA VAL G 95 68.61 -33.20 59.25
C VAL G 95 68.54 -33.75 60.69
N THR G 96 68.93 -35.01 60.86
CA THR G 96 68.93 -35.64 62.17
C THR G 96 70.31 -36.18 62.52
N PRO H 2 81.30 -52.12 106.55
CA PRO H 2 80.67 -52.82 105.42
C PRO H 2 81.69 -53.48 104.51
N ILE H 3 81.21 -54.19 103.49
CA ILE H 3 82.11 -54.88 102.56
C ILE H 3 82.65 -53.86 101.57
N ILE H 4 83.98 -53.80 101.45
CA ILE H 4 84.60 -52.87 100.52
C ILE H 4 84.41 -53.37 99.09
N GLN H 5 84.01 -52.46 98.20
CA GLN H 5 83.77 -52.79 96.81
C GLN H 5 84.66 -51.95 95.91
N PRO H 6 84.98 -52.46 94.71
CA PRO H 6 85.82 -51.66 93.80
C PRO H 6 85.14 -50.35 93.42
N PHE H 7 85.97 -49.30 93.30
CA PHE H 7 85.47 -47.98 92.99
C PHE H 7 85.42 -47.77 91.49
N MET H 8 84.29 -47.25 91.01
CA MET H 8 84.13 -46.93 89.60
C MET H 8 83.16 -45.77 89.49
N ALA H 9 83.44 -44.86 88.55
CA ALA H 9 82.64 -43.66 88.42
C ALA H 9 82.60 -43.24 86.96
N SER H 10 81.49 -42.62 86.57
CA SER H 10 81.27 -42.14 85.21
C SER H 10 81.14 -40.63 85.23
N ARG H 11 81.97 -39.95 84.45
CA ARG H 11 81.91 -38.49 84.31
C ARG H 11 81.41 -38.17 82.92
N ARG H 12 80.28 -37.45 82.84
CA ARG H 12 79.63 -37.15 81.57
C ARG H 12 79.67 -35.66 81.32
N PHE H 13 80.15 -35.27 80.14
CA PHE H 13 80.22 -33.88 79.71
C PHE H 13 79.33 -33.70 78.48
N THR H 14 78.50 -32.66 78.49
CA THR H 14 77.53 -32.41 77.45
C THR H 14 77.82 -31.08 76.76
N SER H 15 77.76 -31.09 75.43
CA SER H 15 77.97 -29.88 74.63
C SER H 15 77.26 -30.08 73.29
N THR H 16 77.57 -29.21 72.33
CA THR H 16 76.99 -29.27 71.00
C THR H 16 78.10 -29.13 69.96
N LEU H 17 77.80 -29.59 68.75
CA LEU H 17 78.78 -29.49 67.67
C LEU H 17 79.00 -28.06 67.20
N GLY H 18 78.15 -27.13 67.62
CA GLY H 18 78.28 -25.74 67.25
C GLY H 18 79.28 -24.94 68.07
N ALA H 19 79.96 -25.57 69.02
CA ALA H 19 80.95 -24.91 69.86
C ALA H 19 82.34 -25.45 69.60
N GLY H 20 82.65 -25.72 68.33
CA GLY H 20 83.94 -26.24 67.92
C GLY H 20 84.80 -25.16 67.27
N THR H 21 86.09 -25.50 67.12
CA THR H 21 87.07 -24.60 66.54
C THR H 21 87.77 -25.28 65.37
N GLY H 22 88.05 -24.51 64.33
CA GLY H 22 88.76 -25.02 63.16
C GLY H 22 87.88 -25.87 62.27
N THR H 23 88.49 -26.39 61.21
CA THR H 23 87.81 -27.25 60.25
C THR H 23 88.73 -28.41 59.88
N GLY H 24 88.13 -29.51 59.43
CA GLY H 24 88.89 -30.67 59.03
C GLY H 24 89.13 -31.61 60.20
N ALA H 25 90.38 -32.03 60.38
CA ALA H 25 90.76 -32.91 61.46
C ALA H 25 91.12 -32.15 62.75
N ALA H 26 91.03 -30.82 62.73
CA ALA H 26 91.31 -30.01 63.90
C ALA H 26 90.05 -29.60 64.66
N PHE H 27 88.88 -30.07 64.23
CA PHE H 27 87.64 -29.73 64.92
C PHE H 27 87.66 -30.30 66.34
N ALA H 28 87.70 -29.42 67.33
CA ALA H 28 87.81 -29.84 68.73
C ALA H 28 86.85 -29.03 69.58
N ILE H 29 86.24 -29.71 70.56
CA ILE H 29 85.37 -29.05 71.53
C ILE H 29 86.17 -28.87 72.82
N ALA H 30 86.38 -27.61 73.20
CA ALA H 30 87.19 -27.32 74.37
C ALA H 30 86.51 -27.80 75.65
N ALA H 31 87.33 -28.16 76.64
CA ALA H 31 86.81 -28.60 77.92
C ALA H 31 86.15 -27.46 78.69
N THR H 32 86.45 -26.21 78.35
CA THR H 32 85.84 -25.05 79.00
C THR H 32 84.49 -24.68 78.40
N ALA H 33 84.06 -25.39 77.36
CA ALA H 33 82.76 -25.16 76.73
C ALA H 33 81.90 -26.42 76.78
N CYS H 34 82.12 -27.27 77.78
CA CYS H 34 81.40 -28.52 77.94
C CYS H 34 80.81 -28.57 79.35
N LEU H 35 79.49 -28.70 79.44
CA LEU H 35 78.84 -28.79 80.74
C LEU H 35 78.98 -30.21 81.28
N ASN H 36 79.43 -30.32 82.53
CA ASN H 36 79.65 -31.62 83.15
C ASN H 36 78.32 -32.17 83.66
N ASP H 37 78.39 -33.24 84.45
CA ASP H 37 77.19 -33.90 84.98
C ASP H 37 76.51 -33.12 86.11
N ALA H 38 76.88 -31.86 86.35
CA ALA H 38 76.24 -31.06 87.39
C ALA H 38 75.34 -29.97 86.84
N GLY H 39 75.60 -29.47 85.63
CA GLY H 39 74.77 -28.44 85.04
C GLY H 39 75.46 -27.10 84.97
N THR H 40 76.78 -27.09 85.11
CA THR H 40 77.58 -25.87 85.09
C THR H 40 78.71 -26.02 84.09
N THR H 41 79.39 -24.91 83.83
CA THR H 41 80.54 -24.93 82.92
C THR H 41 81.72 -25.62 83.61
N ALA H 42 82.21 -26.70 83.00
CA ALA H 42 83.30 -27.46 83.58
C ALA H 42 84.63 -26.73 83.36
N THR H 43 85.71 -27.34 83.86
CA THR H 43 87.04 -26.75 83.77
C THR H 43 88.07 -27.64 83.11
N ALA H 44 88.11 -28.94 83.42
CA ALA H 44 89.14 -29.82 82.88
C ALA H 44 88.58 -31.23 82.73
N PHE H 45 88.99 -31.91 81.67
CA PHE H 45 88.61 -33.30 81.49
C PHE H 45 89.43 -34.18 82.43
N PRO H 46 88.81 -35.00 83.26
CA PRO H 46 89.55 -35.81 84.22
C PRO H 46 90.20 -37.02 83.56
N THR H 47 91.16 -37.60 84.27
CA THR H 47 91.82 -38.80 83.81
C THR H 47 90.83 -39.97 83.76
N PHE H 48 91.06 -40.88 82.82
CA PHE H 48 90.13 -41.97 82.56
C PHE H 48 90.90 -43.22 82.19
N THR H 49 90.17 -44.30 81.97
CA THR H 49 90.70 -45.53 81.40
C THR H 49 90.19 -45.78 79.99
N TYR H 50 88.90 -45.61 79.75
CA TYR H 50 88.33 -45.63 78.42
C TYR H 50 87.14 -44.67 78.40
N TYR H 51 86.90 -44.07 77.24
CA TYR H 51 85.88 -43.04 77.10
C TYR H 51 84.94 -43.39 75.95
N ASN H 52 83.69 -42.94 76.07
CA ASN H 52 82.66 -43.16 75.06
C ASN H 52 82.16 -41.81 74.57
N LEU H 53 82.00 -41.69 73.26
CA LEU H 53 81.48 -40.47 72.64
C LEU H 53 80.09 -40.76 72.06
N TYR H 54 79.13 -39.90 72.38
CA TYR H 54 77.75 -40.05 71.93
C TYR H 54 77.38 -38.84 71.08
N VAL H 55 77.33 -39.02 69.78
CA VAL H 55 76.92 -37.98 68.85
C VAL H 55 75.44 -38.20 68.54
N ASN H 56 74.60 -37.28 69.00
CA ASN H 56 73.15 -37.36 68.83
C ASN H 56 72.58 -38.67 69.39
N GLY H 57 73.15 -39.14 70.49
CA GLY H 57 72.70 -40.36 71.13
C GLY H 57 73.26 -41.64 70.54
N ILE H 58 74.11 -41.55 69.52
CA ILE H 58 74.68 -42.71 68.85
C ILE H 58 76.11 -42.90 69.34
N LEU H 59 76.43 -44.10 69.80
CA LEU H 59 77.78 -44.41 70.28
C LEU H 59 78.74 -44.48 69.11
N GLN H 60 79.73 -43.61 69.10
CA GLN H 60 80.70 -43.57 68.01
C GLN H 60 81.88 -44.50 68.30
N PRO H 61 82.54 -45.02 67.26
CA PRO H 61 83.73 -45.85 67.48
C PRO H 61 84.90 -45.05 68.04
N SER H 62 86.02 -45.73 68.25
CA SER H 62 87.21 -45.11 68.83
C SER H 62 88.10 -44.43 67.80
N VAL H 63 87.72 -44.45 66.52
CA VAL H 63 88.53 -43.84 65.47
C VAL H 63 88.01 -42.46 65.06
N ASN H 64 86.81 -42.08 65.47
CA ASN H 64 86.23 -40.79 65.11
C ASN H 64 86.37 -39.75 66.20
N SER H 65 87.21 -39.99 67.21
CA SER H 65 87.37 -39.05 68.30
C SER H 65 88.75 -39.21 68.92
N SER H 66 89.22 -38.13 69.54
CA SER H 66 90.50 -38.12 70.25
C SER H 66 90.40 -37.09 71.37
N VAL H 67 90.51 -37.56 72.62
CA VAL H 67 90.30 -36.71 73.79
C VAL H 67 91.61 -36.57 74.55
N THR H 68 91.87 -35.35 75.03
CA THR H 68 93.02 -35.04 75.86
C THR H 68 92.54 -34.52 77.21
N THR H 69 93.25 -34.88 78.28
CA THR H 69 92.87 -34.47 79.62
C THR H 69 93.56 -33.15 79.97
N GLY H 70 93.45 -32.75 81.24
CA GLY H 70 94.07 -31.52 81.70
C GLY H 70 93.19 -30.31 81.51
N PRO H 71 93.61 -29.16 82.07
CA PRO H 71 92.82 -27.93 81.90
C PRO H 71 92.66 -27.51 80.45
N THR H 72 93.65 -27.78 79.60
CA THR H 72 93.59 -27.44 78.18
C THR H 72 93.09 -28.60 77.33
N GLY H 73 92.29 -29.48 77.92
CA GLY H 73 91.79 -30.63 77.18
C GLY H 73 90.77 -30.23 76.12
N ALA H 74 90.69 -31.06 75.08
CA ALA H 74 89.76 -30.81 73.99
C ALA H 74 89.54 -32.11 73.22
N ILE H 75 88.28 -32.49 73.06
CA ILE H 75 87.94 -33.70 72.31
C ILE H 75 88.01 -33.39 70.82
N THR H 76 88.88 -34.10 70.11
CA THR H 76 89.10 -33.87 68.68
C THR H 76 88.16 -34.76 67.89
N ILE H 77 87.09 -34.17 67.36
CA ILE H 77 86.13 -34.92 66.54
C ILE H 77 86.29 -34.48 65.09
N PRO H 78 87.03 -35.23 64.27
CA PRO H 78 87.18 -34.84 62.87
C PRO H 78 85.90 -35.05 62.08
N GLY H 79 85.70 -34.18 61.09
CA GLY H 79 84.53 -34.25 60.24
C GLY H 79 83.27 -33.63 60.81
N GLY H 80 83.33 -33.04 62.00
CA GLY H 80 82.16 -32.45 62.60
C GLY H 80 81.78 -31.09 62.04
N ASP H 81 82.66 -30.47 61.25
CA ASP H 81 82.34 -29.16 60.67
C ASP H 81 81.19 -29.26 59.68
N ALA H 82 81.16 -30.32 58.87
CA ALA H 82 80.09 -30.49 57.88
C ALA H 82 78.75 -30.79 58.52
N LEU H 83 78.74 -31.29 59.76
CA LEU H 83 77.49 -31.61 60.43
C LEU H 83 76.84 -30.32 60.96
N ASP H 84 75.59 -30.47 61.40
CA ASP H 84 74.84 -29.33 61.91
C ASP H 84 75.42 -28.87 63.25
N GLY H 85 75.11 -27.62 63.61
CA GLY H 85 75.59 -27.02 64.83
C GLY H 85 74.76 -27.33 66.06
N GLY H 86 73.60 -27.97 65.91
CA GLY H 86 72.75 -28.31 67.03
C GLY H 86 72.84 -29.74 67.50
N ILE H 87 73.74 -30.54 66.93
CA ILE H 87 73.88 -31.95 67.29
C ILE H 87 74.45 -32.03 68.71
N PRO H 88 73.76 -32.68 69.64
CA PRO H 88 74.30 -32.82 70.99
C PRO H 88 75.51 -33.75 71.03
N ILE H 89 76.37 -33.50 72.01
CA ILE H 89 77.56 -34.32 72.23
C ILE H 89 77.56 -34.74 73.69
N THR H 90 77.79 -36.03 73.92
CA THR H 90 77.83 -36.60 75.27
C THR H 90 79.12 -37.41 75.40
N ILE H 91 80.04 -36.93 76.23
CA ILE H 91 81.33 -37.57 76.41
C ILE H 91 81.35 -38.20 77.80
N GLU H 92 81.50 -39.52 77.86
CA GLU H 92 81.45 -40.27 79.11
C GLU H 92 82.83 -40.82 79.41
N PHE H 93 83.38 -40.47 80.57
CA PHE H 93 84.66 -40.97 81.03
C PHE H 93 84.44 -41.97 82.17
N ILE H 94 85.06 -43.13 82.05
CA ILE H 94 84.98 -44.18 83.06
C ILE H 94 86.28 -44.11 83.87
N VAL H 95 86.20 -43.52 85.06
CA VAL H 95 87.37 -43.34 85.92
C VAL H 95 87.36 -44.51 86.92
N THR H 96 88.30 -45.44 86.74
CA THR H 96 88.43 -46.58 87.63
C THR H 96 89.82 -46.67 88.24
N PRO I 2 -48.48 32.34 -73.50
CA PRO I 2 -48.98 33.73 -73.48
C PRO I 2 -49.59 34.11 -72.14
N ILE I 3 -50.02 35.38 -72.02
CA ILE I 3 -50.61 35.85 -70.78
C ILE I 3 -52.06 35.37 -70.70
N ILE I 4 -52.41 34.69 -69.62
CA ILE I 4 -53.76 34.19 -69.44
C ILE I 4 -54.69 35.36 -69.13
N GLN I 5 -55.84 35.40 -69.81
CA GLN I 5 -56.82 36.46 -69.64
C GLN I 5 -58.16 35.87 -69.19
N PRO I 6 -58.97 36.65 -68.48
CA PRO I 6 -60.28 36.14 -68.06
C PRO I 6 -61.14 35.77 -69.25
N PHE I 7 -61.90 34.69 -69.11
CA PHE I 7 -62.75 34.19 -70.17
C PHE I 7 -64.12 34.84 -70.10
N MET I 8 -64.61 35.31 -71.25
CA MET I 8 -65.94 35.88 -71.34
C MET I 8 -66.45 35.65 -72.75
N ALA I 9 -67.76 35.36 -72.85
CA ALA I 9 -68.34 35.02 -74.14
C ALA I 9 -69.78 35.49 -74.18
N SER I 10 -70.24 35.84 -75.38
CA SER I 10 -71.60 36.32 -75.61
C SER I 10 -72.32 35.33 -76.52
N ARG I 11 -73.46 34.82 -76.07
CA ARG I 11 -74.30 33.93 -76.86
C ARG I 11 -75.57 34.67 -77.26
N ARG I 12 -75.80 34.80 -78.55
CA ARG I 12 -76.92 35.58 -79.08
C ARG I 12 -77.89 34.66 -79.79
N PHE I 13 -79.17 34.74 -79.41
CA PHE I 13 -80.23 33.97 -80.03
C PHE I 13 -81.22 34.93 -80.68
N THR I 14 -81.59 34.64 -81.93
CA THR I 14 -82.45 35.51 -82.72
C THR I 14 -83.75 34.79 -83.08
N SER I 15 -84.86 35.50 -82.93
CA SER I 15 -86.18 34.97 -83.27
C SER I 15 -87.10 36.15 -83.56
N THR I 16 -88.40 35.88 -83.62
CA THR I 16 -89.41 36.89 -83.87
C THR I 16 -90.55 36.75 -82.87
N LEU I 17 -91.31 37.82 -82.69
CA LEU I 17 -92.43 37.80 -81.76
C LEU I 17 -93.57 36.94 -82.26
N GLY I 18 -93.55 36.52 -83.53
CA GLY I 18 -94.58 35.69 -84.09
C GLY I 18 -94.45 34.21 -83.80
N ALA I 19 -93.45 33.81 -83.03
CA ALA I 19 -93.22 32.41 -82.68
C ALA I 19 -93.41 32.19 -81.18
N GLY I 20 -94.39 32.87 -80.60
CA GLY I 20 -94.69 32.74 -79.20
C GLY I 20 -95.92 31.89 -78.94
N THR I 21 -96.10 31.53 -77.67
CA THR I 21 -97.21 30.69 -77.23
C THR I 21 -97.97 31.39 -76.11
N GLY I 22 -99.29 31.24 -76.12
CA GLY I 22 -100.14 31.81 -75.09
C GLY I 22 -100.33 33.30 -75.25
N THR I 23 -101.07 33.88 -74.31
CA THR I 23 -101.34 35.31 -74.28
C THR I 23 -101.23 35.81 -72.84
N GLY I 24 -100.97 37.10 -72.70
CA GLY I 24 -100.85 37.71 -71.39
C GLY I 24 -99.43 37.64 -70.88
N ALA I 25 -99.26 37.19 -69.63
CA ALA I 25 -97.96 37.04 -69.02
C ALA I 25 -97.32 35.69 -69.30
N ALA I 26 -97.98 34.84 -70.07
CA ALA I 26 -97.44 33.53 -70.44
C ALA I 26 -96.79 33.53 -71.81
N PHE I 27 -96.73 34.66 -72.49
CA PHE I 27 -96.10 34.73 -73.80
C PHE I 27 -94.62 34.40 -73.70
N ALA I 28 -94.22 33.27 -74.29
CA ALA I 28 -92.85 32.79 -74.18
C ALA I 28 -92.36 32.31 -75.53
N ILE I 29 -91.10 32.59 -75.83
CA ILE I 29 -90.45 32.12 -77.05
C ILE I 29 -89.58 30.91 -76.66
N ALA I 30 -89.91 29.75 -77.21
CA ALA I 30 -89.20 28.53 -76.86
C ALA I 30 -87.77 28.57 -77.36
N ALA I 31 -86.89 27.89 -76.63
CA ALA I 31 -85.49 27.80 -77.02
C ALA I 31 -85.29 26.98 -78.29
N THR I 32 -86.26 26.14 -78.65
CA THR I 32 -86.18 25.34 -79.86
C THR I 32 -86.67 26.09 -81.09
N ALA I 33 -87.12 27.33 -80.93
CA ALA I 33 -87.55 28.17 -82.05
C ALA I 33 -86.73 29.46 -82.11
N CYS I 34 -85.50 29.41 -81.63
CA CYS I 34 -84.62 30.57 -81.60
C CYS I 34 -83.30 30.20 -82.27
N LEU I 35 -82.95 30.92 -83.33
CA LEU I 35 -81.68 30.67 -84.02
C LEU I 35 -80.53 31.30 -83.23
N ASN I 36 -79.49 30.50 -82.97
CA ASN I 36 -78.35 30.97 -82.20
C ASN I 36 -77.42 31.78 -83.10
N ASP I 37 -76.22 32.08 -82.61
CA ASP I 37 -75.25 32.89 -83.33
C ASP I 37 -74.57 32.14 -84.48
N ALA I 38 -75.05 30.96 -84.88
CA ALA I 38 -74.47 30.22 -85.98
C ALA I 38 -75.33 30.21 -87.23
N GLY I 39 -76.65 30.35 -87.10
CA GLY I 39 -77.53 30.37 -88.25
C GLY I 39 -78.38 29.13 -88.36
N THR I 40 -78.48 28.36 -87.28
CA THR I 40 -79.24 27.12 -87.25
C THR I 40 -80.20 27.14 -86.07
N THR I 41 -81.10 26.15 -86.05
CA THR I 41 -82.04 26.02 -84.95
C THR I 41 -81.31 25.54 -83.70
N ALA I 42 -81.36 26.33 -82.63
CA ALA I 42 -80.68 25.99 -81.40
C ALA I 42 -81.44 24.92 -80.63
N THR I 43 -80.89 24.51 -79.49
CA THR I 43 -81.49 23.46 -78.67
C THR I 43 -81.77 23.88 -77.23
N ALA I 44 -80.86 24.58 -76.57
CA ALA I 44 -81.05 24.92 -75.16
C ALA I 44 -80.37 26.26 -74.87
N PHE I 45 -81.00 27.05 -74.01
CA PHE I 45 -80.40 28.30 -73.56
C PHE I 45 -79.30 27.99 -72.56
N PRO I 46 -78.08 28.47 -72.77
CA PRO I 46 -76.98 28.14 -71.87
C PRO I 46 -77.04 28.97 -70.59
N THR I 47 -76.30 28.52 -69.59
CA THR I 47 -76.20 29.24 -68.33
C THR I 47 -75.49 30.57 -68.54
N PHE I 48 -75.87 31.56 -67.72
CA PHE I 48 -75.39 32.92 -67.90
C PHE I 48 -75.22 33.56 -66.53
N THR I 49 -74.73 34.80 -66.55
CA THR I 49 -74.69 35.65 -65.36
C THR I 49 -75.69 36.81 -65.45
N TYR I 50 -75.75 37.48 -66.60
CA TYR I 50 -76.79 38.47 -66.87
C TYR I 50 -77.08 38.44 -68.36
N TYR I 51 -78.33 38.73 -68.71
CA TYR I 51 -78.79 38.64 -70.08
C TYR I 51 -79.45 39.95 -70.51
N ASN I 52 -79.36 40.23 -71.81
CA ASN I 52 -79.94 41.42 -72.41
C ASN I 52 -80.95 41.01 -73.47
N LEU I 53 -82.10 41.67 -73.47
CA LEU I 53 -83.15 41.43 -74.46
C LEU I 53 -83.27 42.64 -75.38
N TYR I 54 -83.27 42.38 -76.68
CA TYR I 54 -83.35 43.43 -77.70
C TYR I 54 -84.61 43.22 -78.52
N VAL I 55 -85.63 44.03 -78.27
CA VAL I 55 -86.87 44.00 -79.03
C VAL I 55 -86.78 45.08 -80.10
N ASN I 56 -86.70 44.65 -81.37
CA ASN I 56 -86.57 45.56 -82.50
C ASN I 56 -85.35 46.46 -82.39
N GLY I 57 -84.26 45.94 -81.82
CA GLY I 57 -83.04 46.69 -81.64
C GLY I 57 -83.00 47.57 -80.41
N ILE I 58 -84.05 47.58 -79.60
CA ILE I 58 -84.13 48.42 -78.41
C ILE I 58 -83.85 47.56 -77.18
N LEU I 59 -82.91 47.99 -76.35
CA LEU I 59 -82.56 47.25 -75.14
C LEU I 59 -83.69 47.40 -74.12
N GLN I 60 -84.31 46.27 -73.74
CA GLN I 60 -85.40 46.30 -72.80
C GLN I 60 -84.88 46.18 -71.36
N PRO I 61 -85.62 46.71 -70.38
CA PRO I 61 -85.21 46.55 -68.98
C PRO I 61 -85.32 45.11 -68.50
N SER I 62 -85.00 44.88 -67.24
CA SER I 62 -85.01 43.55 -66.66
C SER I 62 -86.37 43.14 -66.12
N VAL I 63 -87.38 44.00 -66.24
CA VAL I 63 -88.71 43.68 -65.72
C VAL I 63 -89.67 43.22 -66.82
N ASN I 64 -89.32 43.37 -68.09
CA ASN I 64 -90.17 42.98 -69.20
C ASN I 64 -89.79 41.63 -69.80
N SER I 65 -88.94 40.86 -69.11
CA SER I 65 -88.53 39.57 -69.64
C SER I 65 -88.14 38.65 -68.49
N SER I 66 -88.23 37.35 -68.75
CA SER I 66 -87.84 36.31 -67.79
C SER I 66 -87.39 35.09 -68.58
N VAL I 67 -86.11 34.72 -68.43
CA VAL I 67 -85.51 33.67 -69.22
C VAL I 67 -85.15 32.49 -68.31
N THR I 68 -85.39 31.28 -68.81
CA THR I 68 -85.03 30.05 -68.13
C THR I 68 -84.07 29.26 -69.01
N THR I 69 -83.10 28.59 -68.39
CA THR I 69 -82.11 27.83 -69.11
C THR I 69 -82.58 26.38 -69.29
N GLY I 70 -81.69 25.52 -69.77
CA GLY I 70 -82.01 24.12 -69.96
C GLY I 70 -82.63 23.84 -71.31
N PRO I 71 -82.81 22.56 -71.64
CA PRO I 71 -83.43 22.20 -72.92
C PRO I 71 -84.84 22.73 -73.07
N THR I 72 -85.60 22.82 -71.98
CA THR I 72 -86.96 23.35 -71.99
C THR I 72 -87.02 24.83 -71.68
N GLY I 73 -85.95 25.56 -71.98
CA GLY I 73 -85.93 26.98 -71.68
C GLY I 73 -86.85 27.77 -72.58
N ALA I 74 -87.31 28.91 -72.07
CA ALA I 74 -88.21 29.78 -72.81
C ALA I 74 -88.18 31.17 -72.20
N ILE I 75 -87.91 32.18 -73.03
CA ILE I 75 -87.89 33.56 -72.56
C ILE I 75 -89.32 34.07 -72.45
N THR I 76 -89.72 34.46 -71.24
CA THR I 76 -91.08 34.91 -70.97
C THR I 76 -91.15 36.42 -71.17
N ILE I 77 -91.72 36.84 -72.29
CA ILE I 77 -91.88 38.26 -72.58
C ILE I 77 -93.36 38.62 -72.47
N PRO I 78 -93.80 39.16 -71.34
CA PRO I 78 -95.21 39.52 -71.20
C PRO I 78 -95.57 40.73 -72.05
N GLY I 79 -96.81 40.74 -72.53
CA GLY I 79 -97.30 41.83 -73.34
C GLY I 79 -96.93 41.78 -74.80
N GLY I 80 -96.22 40.74 -75.24
CA GLY I 80 -95.81 40.64 -76.63
C GLY I 80 -96.91 40.18 -77.58
N ASP I 81 -98.03 39.70 -77.06
CA ASP I 81 -99.13 39.26 -77.92
C ASP I 81 -99.72 40.43 -78.69
N ALA I 82 -99.88 41.58 -78.03
CA ALA I 82 -100.46 42.75 -78.69
C ALA I 82 -99.55 43.33 -79.76
N LEU I 83 -98.24 43.06 -79.68
CA LEU I 83 -97.31 43.58 -80.66
C LEU I 83 -97.40 42.78 -81.97
N ASP I 84 -96.74 43.30 -83.00
CA ASP I 84 -96.76 42.65 -84.29
C ASP I 84 -95.94 41.35 -84.25
N GLY I 85 -96.21 40.48 -85.22
CA GLY I 85 -95.54 39.20 -85.32
C GLY I 85 -94.21 39.22 -86.03
N GLY I 86 -93.83 40.34 -86.64
CA GLY I 86 -92.57 40.45 -87.33
C GLY I 86 -91.47 41.15 -86.58
N ILE I 87 -91.70 41.52 -85.33
CA ILE I 87 -90.71 42.23 -84.52
C ILE I 87 -89.55 41.28 -84.20
N PRO I 88 -88.33 41.61 -84.59
CA PRO I 88 -87.19 40.73 -84.26
C PRO I 88 -86.90 40.72 -82.77
N ILE I 89 -86.35 39.60 -82.30
CA ILE I 89 -85.93 39.44 -80.92
C ILE I 89 -84.48 39.00 -80.91
N THR I 90 -83.67 39.64 -80.07
CA THR I 90 -82.24 39.32 -79.94
C THR I 90 -81.95 39.14 -78.45
N ILE I 91 -81.64 37.92 -78.06
CA ILE I 91 -81.37 37.60 -76.66
C ILE I 91 -79.88 37.31 -76.52
N GLU I 92 -79.20 38.12 -75.72
CA GLU I 92 -77.75 38.02 -75.55
C GLU I 92 -77.44 37.54 -74.14
N PHE I 93 -76.72 36.41 -74.05
CA PHE I 93 -76.29 35.86 -72.77
C PHE I 93 -74.80 36.09 -72.60
N ILE I 94 -74.41 36.62 -71.45
CA ILE I 94 -73.01 36.86 -71.11
C ILE I 94 -72.57 35.73 -70.19
N VAL I 95 -71.85 34.76 -70.74
CA VAL I 95 -71.39 33.60 -69.98
C VAL I 95 -69.97 33.90 -69.51
N THR I 96 -69.81 34.13 -68.22
CA THR I 96 -68.50 34.41 -67.64
C THR I 96 -68.17 33.43 -66.52
N PRO J 2 -24.34 30.91 -46.87
CA PRO J 2 -25.47 31.79 -46.54
C PRO J 2 -26.40 31.19 -45.50
N ILE J 3 -27.41 31.94 -45.10
CA ILE J 3 -28.35 31.45 -44.09
C ILE J 3 -29.35 30.51 -44.75
N ILE J 4 -29.46 29.30 -44.21
CA ILE J 4 -30.39 28.32 -44.76
C ILE J 4 -31.81 28.71 -44.43
N GLN J 5 -32.70 28.66 -45.42
CA GLN J 5 -34.08 29.02 -45.25
C GLN J 5 -34.99 27.85 -45.60
N PRO J 6 -36.19 27.78 -45.02
CA PRO J 6 -37.10 26.68 -45.35
C PRO J 6 -37.47 26.68 -46.84
N PHE J 7 -37.57 25.48 -47.40
CA PHE J 7 -37.87 25.31 -48.81
C PHE J 7 -39.37 25.25 -49.03
N MET J 8 -39.84 26.03 -50.01
CA MET J 8 -41.24 26.03 -50.38
C MET J 8 -41.35 26.36 -51.87
N ALA J 9 -42.27 25.70 -52.55
CA ALA J 9 -42.39 25.87 -53.98
C ALA J 9 -43.85 25.71 -54.40
N SER J 10 -44.22 26.42 -55.45
CA SER J 10 -45.57 26.40 -56.00
C SER J 10 -45.54 25.83 -57.41
N ARG J 11 -46.32 24.78 -57.65
CA ARG J 11 -46.45 24.17 -58.96
C ARG J 11 -47.84 24.47 -59.49
N ARG J 12 -47.90 25.14 -60.64
CA ARG J 12 -49.16 25.59 -61.23
C ARG J 12 -49.40 24.87 -62.54
N PHE J 13 -50.58 24.26 -62.68
CA PHE J 13 -51.00 23.58 -63.89
C PHE J 13 -52.21 24.29 -64.46
N THR J 14 -52.19 24.55 -65.77
CA THR J 14 -53.23 25.30 -66.44
C THR J 14 -53.90 24.44 -67.51
N SER J 15 -55.22 24.49 -67.55
CA SER J 15 -56.02 23.77 -68.53
C SER J 15 -57.36 24.48 -68.69
N THR J 16 -58.31 23.81 -69.33
CA THR J 16 -59.64 24.35 -69.55
C THR J 16 -60.68 23.30 -69.19
N LEU J 17 -61.90 23.76 -68.93
CA LEU J 17 -62.98 22.86 -68.58
C LEU J 17 -63.44 22.01 -69.75
N GLY J 18 -63.00 22.34 -70.97
CA GLY J 18 -63.36 21.59 -72.15
C GLY J 18 -62.55 20.34 -72.40
N ALA J 19 -61.60 20.02 -71.52
CA ALA J 19 -60.76 18.85 -71.65
C ALA J 19 -61.04 17.85 -70.54
N GLY J 20 -62.31 17.69 -70.17
CA GLY J 20 -62.72 16.78 -69.13
C GLY J 20 -63.36 15.52 -69.70
N THR J 21 -63.52 14.54 -68.83
CA THR J 21 -64.10 13.25 -69.18
C THR J 21 -65.28 12.94 -68.27
N GLY J 22 -66.31 12.32 -68.84
CA GLY J 22 -67.48 11.93 -68.08
C GLY J 22 -68.38 13.10 -67.73
N THR J 23 -69.45 12.80 -67.00
CA THR J 23 -70.41 13.78 -66.55
C THR J 23 -70.80 13.49 -65.11
N GLY J 24 -71.26 14.52 -64.41
CA GLY J 24 -71.68 14.37 -63.02
C GLY J 24 -70.52 14.59 -62.08
N ALA J 25 -70.35 13.67 -61.13
CA ALA J 25 -69.27 13.73 -60.16
C ALA J 25 -67.99 13.07 -60.65
N ALA J 26 -67.99 12.55 -61.89
CA ALA J 26 -66.81 11.93 -62.46
C ALA J 26 -66.05 12.86 -63.39
N PHE J 27 -66.47 14.11 -63.52
CA PHE J 27 -65.77 15.07 -64.37
C PHE J 27 -64.36 15.32 -63.83
N ALA J 28 -63.36 14.88 -64.60
CA ALA J 28 -61.97 14.96 -64.16
C ALA J 28 -61.10 15.46 -65.30
N ILE J 29 -60.13 16.31 -64.97
CA ILE J 29 -59.15 16.80 -65.93
C ILE J 29 -57.86 15.99 -65.72
N ALA J 30 -57.46 15.24 -66.74
CA ALA J 30 -56.29 14.38 -66.62
C ALA J 30 -55.02 15.21 -66.50
N ALA J 31 -54.04 14.64 -65.78
CA ALA J 31 -52.75 15.30 -65.62
C ALA J 31 -51.97 15.38 -66.92
N THR J 32 -52.30 14.54 -67.91
CA THR J 32 -51.64 14.56 -69.20
C THR J 32 -52.24 15.59 -70.16
N ALA J 33 -53.28 16.30 -69.73
CA ALA J 33 -53.90 17.35 -70.54
C ALA J 33 -53.85 18.69 -69.80
N CYS J 34 -52.86 18.88 -68.94
CA CYS J 34 -52.71 20.10 -68.15
C CYS J 34 -51.31 20.63 -68.35
N LEU J 35 -51.21 21.87 -68.84
CA LEU J 35 -49.91 22.50 -69.04
C LEU J 35 -49.37 23.01 -67.71
N ASN J 36 -48.13 22.66 -67.39
CA ASN J 36 -47.53 23.06 -66.12
C ASN J 36 -47.02 24.50 -66.23
N ASP J 37 -46.23 24.92 -65.25
CA ASP J 37 -45.71 26.28 -65.19
C ASP J 37 -44.57 26.54 -66.18
N ALA J 38 -44.32 25.64 -67.14
CA ALA J 38 -43.27 25.85 -68.13
C ALA J 38 -43.80 26.15 -69.52
N GLY J 39 -45.01 25.69 -69.85
CA GLY J 39 -45.59 25.96 -71.15
C GLY J 39 -45.65 24.74 -72.04
N THR J 40 -45.51 23.56 -71.44
CA THR J 40 -45.52 22.30 -72.16
C THR J 40 -46.53 21.35 -71.53
N THR J 41 -46.79 20.24 -72.21
CA THR J 41 -47.69 19.22 -71.68
C THR J 41 -47.02 18.49 -70.53
N ALA J 42 -47.63 18.54 -69.35
CA ALA J 42 -47.08 17.91 -68.17
C ALA J 42 -47.30 16.40 -68.21
N THR J 43 -46.80 15.71 -67.19
CA THR J 43 -46.89 14.26 -67.10
C THR J 43 -47.57 13.75 -65.84
N ALA J 44 -47.27 14.30 -64.67
CA ALA J 44 -47.82 13.79 -63.42
C ALA J 44 -47.98 14.92 -62.43
N PHE J 45 -49.04 14.87 -61.64
CA PHE J 45 -49.24 15.84 -60.57
C PHE J 45 -48.31 15.50 -59.41
N PRO J 46 -47.49 16.44 -58.96
CA PRO J 46 -46.54 16.14 -57.89
C PRO J 46 -47.21 16.11 -56.52
N THR J 47 -46.51 15.53 -55.56
CA THR J 47 -46.99 15.48 -54.19
C THR J 47 -47.04 16.90 -53.61
N PHE J 48 -47.99 17.10 -52.69
CA PHE J 48 -48.25 18.43 -52.16
C PHE J 48 -48.65 18.30 -50.69
N THR J 49 -48.87 19.45 -50.06
CA THR J 49 -49.46 19.53 -48.73
C THR J 49 -50.87 20.09 -48.76
N TYR J 50 -51.10 21.17 -49.50
CA TYR J 50 -52.44 21.69 -49.76
C TYR J 50 -52.44 22.31 -51.14
N TYR J 51 -53.59 22.25 -51.81
CA TYR J 51 -53.71 22.70 -53.18
C TYR J 51 -54.87 23.68 -53.31
N ASN J 52 -54.74 24.60 -54.27
CA ASN J 52 -55.74 25.61 -54.56
C ASN J 52 -56.22 25.45 -55.99
N LEU J 53 -57.53 25.53 -56.20
CA LEU J 53 -58.14 25.45 -57.51
C LEU J 53 -58.71 26.81 -57.90
N TYR J 54 -58.37 27.27 -59.10
CA TYR J 54 -58.82 28.58 -59.60
C TYR J 54 -59.65 28.35 -60.85
N VAL J 55 -60.96 28.48 -60.72
CA VAL J 55 -61.88 28.37 -61.86
C VAL J 55 -62.19 29.78 -62.33
N ASN J 56 -61.70 30.12 -63.53
CA ASN J 56 -61.88 31.45 -64.11
C ASN J 56 -61.33 32.55 -63.21
N GLY J 57 -60.23 32.26 -62.51
CA GLY J 57 -59.61 33.20 -61.62
C GLY J 57 -60.21 33.29 -60.23
N ILE J 58 -61.23 32.49 -59.94
CA ILE J 58 -61.92 32.51 -58.65
C ILE J 58 -61.43 31.32 -57.83
N LEU J 59 -60.99 31.58 -56.61
CA LEU J 59 -60.50 30.53 -55.72
C LEU J 59 -61.69 29.70 -55.23
N GLN J 60 -61.70 28.42 -55.56
CA GLN J 60 -62.79 27.54 -55.16
C GLN J 60 -62.51 26.91 -53.80
N PRO J 61 -63.56 26.55 -53.05
CA PRO J 61 -63.36 25.87 -51.77
C PRO J 61 -62.79 24.47 -51.94
N SER J 62 -62.59 23.77 -50.82
CA SER J 62 -62.01 22.44 -50.83
C SER J 62 -63.04 21.34 -51.05
N VAL J 63 -64.31 21.69 -51.21
CA VAL J 63 -65.36 20.69 -51.39
C VAL J 63 -65.76 20.52 -52.86
N ASN J 64 -65.34 21.42 -53.74
CA ASN J 64 -65.69 21.35 -55.15
C ASN J 64 -64.58 20.76 -56.01
N SER J 65 -63.58 20.11 -55.40
CA SER J 65 -62.48 19.54 -56.17
C SER J 65 -61.86 18.39 -55.39
N SER J 66 -61.24 17.48 -56.12
CA SER J 66 -60.53 16.34 -55.54
C SER J 66 -59.40 15.96 -56.49
N VAL J 67 -58.16 16.07 -56.01
CA VAL J 67 -56.98 15.88 -56.84
C VAL J 67 -56.23 14.64 -56.37
N THR J 68 -55.73 13.87 -57.33
CA THR J 68 -54.90 12.70 -57.07
C THR J 68 -53.55 12.89 -57.75
N THR J 69 -52.50 12.43 -57.10
CA THR J 69 -51.14 12.57 -57.63
C THR J 69 -50.78 11.36 -58.48
N GLY J 70 -49.51 11.27 -58.88
CA GLY J 70 -49.04 10.17 -59.68
C GLY J 70 -49.21 10.40 -61.16
N PRO J 71 -48.64 9.51 -61.98
CA PRO J 71 -48.79 9.65 -63.44
C PRO J 71 -50.24 9.60 -63.90
N THR J 72 -51.10 8.84 -63.22
CA THR J 72 -52.51 8.74 -63.57
C THR J 72 -53.37 9.71 -62.78
N GLY J 73 -52.79 10.83 -62.35
CA GLY J 73 -53.54 11.79 -61.56
C GLY J 73 -54.58 12.51 -62.39
N ALA J 74 -55.63 12.97 -61.70
CA ALA J 74 -56.72 13.68 -62.36
C ALA J 74 -57.50 14.46 -61.31
N ILE J 75 -57.67 15.76 -61.54
CA ILE J 75 -58.42 16.61 -60.62
C ILE J 75 -59.91 16.40 -60.89
N THR J 76 -60.63 15.96 -59.86
CA THR J 76 -62.06 15.65 -59.98
C THR J 76 -62.86 16.89 -59.62
N ILE J 77 -63.38 17.58 -60.63
CA ILE J 77 -64.19 18.77 -60.42
C ILE J 77 -65.64 18.44 -60.75
N PRO J 78 -66.47 18.11 -59.76
CA PRO J 78 -67.87 17.79 -60.05
C PRO J 78 -68.66 19.03 -60.45
N GLY J 79 -69.63 18.82 -61.33
CA GLY J 79 -70.48 19.89 -61.80
C GLY J 79 -69.90 20.73 -62.92
N GLY J 80 -68.71 20.40 -63.41
CA GLY J 80 -68.09 21.18 -64.47
C GLY J 80 -68.65 20.91 -65.85
N ASP J 81 -69.43 19.84 -66.02
CA ASP J 81 -69.99 19.53 -67.33
C ASP J 81 -70.97 20.60 -67.78
N ALA J 82 -71.80 21.10 -66.86
CA ALA J 82 -72.78 22.12 -67.20
C ALA J 82 -72.14 23.46 -67.54
N LEU J 83 -70.91 23.70 -67.08
CA LEU J 83 -70.23 24.95 -67.36
C LEU J 83 -69.70 24.96 -68.79
N ASP J 84 -69.25 26.14 -69.23
CA ASP J 84 -68.73 26.29 -70.57
C ASP J 84 -67.38 25.56 -70.71
N GLY J 85 -67.01 25.27 -71.95
CA GLY J 85 -65.78 24.58 -72.26
C GLY J 85 -64.55 25.45 -72.35
N GLY J 86 -64.71 26.77 -72.31
CA GLY J 86 -63.59 27.68 -72.38
C GLY J 86 -63.13 28.26 -71.06
N ILE J 87 -63.72 27.82 -69.94
CA ILE J 87 -63.36 28.34 -68.62
C ILE J 87 -61.95 27.86 -68.27
N PRO J 88 -61.02 28.78 -68.00
CA PRO J 88 -59.67 28.36 -67.62
C PRO J 88 -59.65 27.70 -66.25
N ILE J 89 -58.68 26.82 -66.06
CA ILE J 89 -58.46 26.13 -64.79
C ILE J 89 -57.01 26.33 -64.39
N THR J 90 -56.79 26.71 -63.13
CA THR J 90 -55.44 26.94 -62.61
C THR J 90 -55.33 26.15 -61.29
N ILE J 91 -54.51 25.11 -61.29
CA ILE J 91 -54.34 24.26 -60.13
C ILE J 91 -52.94 24.53 -59.55
N GLU J 92 -52.91 25.00 -58.30
CA GLU J 92 -51.66 25.39 -57.65
C GLU J 92 -51.37 24.41 -56.52
N PHE J 93 -50.21 23.76 -56.58
CA PHE J 93 -49.76 22.84 -55.54
C PHE J 93 -48.63 23.49 -54.74
N ILE J 94 -48.76 23.47 -53.42
CA ILE J 94 -47.76 24.01 -52.52
C ILE J 94 -46.95 22.84 -51.98
N VAL J 95 -45.76 22.63 -52.53
CA VAL J 95 -44.90 21.52 -52.15
C VAL J 95 -43.92 22.05 -51.10
N THR J 96 -44.11 21.62 -49.85
CA THR J 96 -43.23 22.05 -48.76
C THR J 96 -42.63 20.84 -48.05
N PRO K 2 -7.37 25.36 -15.66
CA PRO K 2 -8.82 25.45 -15.48
C PRO K 2 -9.45 24.10 -15.17
N ILE K 3 -10.76 24.10 -14.94
CA ILE K 3 -11.47 22.87 -14.62
C ILE K 3 -11.72 22.09 -15.92
N ILE K 4 -11.29 20.84 -15.96
CA ILE K 4 -11.48 20.00 -17.13
C ILE K 4 -12.94 19.61 -17.24
N GLN K 5 -13.50 19.74 -18.44
CA GLN K 5 -14.90 19.42 -18.69
C GLN K 5 -15.00 18.35 -19.77
N PRO K 6 -16.07 17.55 -19.76
CA PRO K 6 -16.23 16.52 -20.79
C PRO K 6 -16.30 17.14 -22.18
N PHE K 7 -15.69 16.45 -23.15
CA PHE K 7 -15.63 16.92 -24.52
C PHE K 7 -16.84 16.43 -25.30
N MET K 8 -17.48 17.34 -26.02
CA MET K 8 -18.61 17.00 -26.88
C MET K 8 -18.63 17.98 -28.03
N ALA K 9 -18.98 17.47 -29.22
CA ALA K 9 -18.93 18.28 -30.42
C ALA K 9 -20.02 17.83 -31.38
N SER K 10 -20.53 18.77 -32.15
CA SER K 10 -21.58 18.52 -33.14
C SER K 10 -21.04 18.80 -34.53
N ARG K 11 -21.13 17.82 -35.42
CA ARG K 11 -20.72 17.97 -36.81
C ARG K 11 -21.96 17.94 -37.69
N ARG K 12 -22.18 19.02 -38.43
CA ARG K 12 -23.38 19.19 -39.24
C ARG K 12 -23.01 19.22 -40.71
N PHE K 13 -23.68 18.37 -41.49
CA PHE K 13 -23.49 18.30 -42.94
C PHE K 13 -24.79 18.68 -43.62
N THR K 14 -24.70 19.56 -44.62
CA THR K 14 -25.86 20.10 -45.31
C THR K 14 -25.82 19.71 -46.79
N SER K 15 -26.96 19.28 -47.30
CA SER K 15 -27.10 18.91 -48.70
C SER K 15 -28.59 19.04 -49.09
N THR K 16 -28.94 18.50 -50.24
CA THR K 16 -30.31 18.53 -50.74
C THR K 16 -30.70 17.14 -51.22
N LEU K 17 -32.02 16.91 -51.28
CA LEU K 17 -32.52 15.61 -51.74
C LEU K 17 -32.29 15.39 -53.22
N GLY K 18 -31.90 16.42 -53.96
CA GLY K 18 -31.64 16.30 -55.38
C GLY K 18 -30.27 15.77 -55.74
N ALA K 19 -29.45 15.43 -54.75
CA ALA K 19 -28.11 14.90 -54.98
C ALA K 19 -28.01 13.45 -54.51
N GLY K 20 -29.07 12.68 -54.73
CA GLY K 20 -29.11 11.28 -54.35
C GLY K 20 -28.92 10.35 -55.54
N THR K 21 -28.69 9.08 -55.23
CA THR K 21 -28.47 8.05 -56.23
C THR K 21 -29.45 6.90 -56.01
N GLY K 22 -29.92 6.33 -57.12
CA GLY K 22 -30.83 5.19 -57.06
C GLY K 22 -32.23 5.60 -56.68
N THR K 23 -33.09 4.58 -56.59
CA THR K 23 -34.49 4.76 -56.20
C THR K 23 -34.89 3.65 -55.24
N GLY K 24 -35.92 3.93 -54.43
CA GLY K 24 -36.41 2.95 -53.48
C GLY K 24 -35.68 3.08 -52.14
N ALA K 25 -35.22 1.94 -51.62
CA ALA K 25 -34.49 1.91 -50.37
C ALA K 25 -32.99 2.13 -50.54
N ALA K 26 -32.54 2.35 -51.78
CA ALA K 26 -31.13 2.59 -52.06
C ALA K 26 -30.82 4.08 -52.20
N PHE K 27 -31.80 4.96 -52.00
CA PHE K 27 -31.56 6.39 -52.11
C PHE K 27 -30.57 6.84 -51.03
N ALA K 28 -29.39 7.27 -51.45
CA ALA K 28 -28.32 7.63 -50.53
C ALA K 28 -27.66 8.93 -50.98
N ILE K 29 -27.33 9.78 -50.01
CA ILE K 29 -26.60 11.01 -50.28
C ILE K 29 -25.13 10.77 -49.90
N ALA K 30 -24.25 10.85 -50.90
CA ALA K 30 -22.84 10.56 -50.67
C ALA K 30 -22.21 11.62 -49.77
N ALA K 31 -21.20 11.18 -49.01
CA ALA K 31 -20.48 12.09 -48.13
C ALA K 31 -19.65 13.10 -48.91
N THR K 32 -19.35 12.83 -50.18
CA THR K 32 -18.60 13.76 -51.02
C THR K 32 -19.48 14.80 -51.67
N ALA K 33 -20.79 14.76 -51.45
CA ALA K 33 -21.73 15.75 -51.97
C ALA K 33 -22.48 16.43 -50.84
N CYS K 34 -21.88 16.51 -49.66
CA CYS K 34 -22.50 17.11 -48.48
C CYS K 34 -21.55 18.16 -47.92
N LEU K 35 -22.02 19.40 -47.86
CA LEU K 35 -21.21 20.47 -47.29
C LEU K 35 -21.23 20.41 -45.76
N ASN K 36 -20.05 20.43 -45.15
CA ASN K 36 -19.94 20.33 -43.70
C ASN K 36 -20.23 21.69 -43.07
N ASP K 37 -19.94 21.81 -41.78
CA ASP K 37 -20.19 23.04 -41.03
C ASP K 37 -19.22 24.17 -41.34
N ALA K 38 -18.39 24.05 -42.38
CA ALA K 38 -17.45 25.10 -42.75
C ALA K 38 -17.84 25.85 -44.01
N GLY K 39 -18.58 25.22 -44.92
CA GLY K 39 -19.00 25.86 -46.15
C GLY K 39 -18.29 25.34 -47.38
N THR K 40 -17.67 24.17 -47.26
CA THR K 40 -16.92 23.56 -48.34
C THR K 40 -17.39 22.12 -48.53
N THR K 41 -16.93 21.51 -49.62
CA THR K 41 -17.25 20.11 -49.90
C THR K 41 -16.49 19.21 -48.93
N ALA K 42 -17.23 18.41 -48.15
CA ALA K 42 -16.61 17.54 -47.17
C ALA K 42 -16.02 16.30 -47.85
N THR K 43 -15.41 15.44 -47.04
CA THR K 43 -14.76 14.24 -47.54
C THR K 43 -15.27 12.95 -46.92
N ALA K 44 -15.48 12.89 -45.61
CA ALA K 44 -15.88 11.66 -44.95
C ALA K 44 -16.75 11.97 -43.75
N PHE K 45 -17.75 11.13 -43.51
CA PHE K 45 -18.58 11.26 -42.32
C PHE K 45 -17.80 10.76 -41.11
N PRO K 46 -17.65 11.57 -40.06
CA PRO K 46 -16.86 11.15 -38.91
C PRO K 46 -17.63 10.19 -38.01
N THR K 47 -16.89 9.50 -37.15
CA THR K 47 -17.49 8.60 -36.18
C THR K 47 -18.35 9.37 -35.19
N PHE K 48 -19.40 8.72 -34.70
CA PHE K 48 -20.38 9.38 -33.85
C PHE K 48 -20.88 8.39 -32.80
N THR K 49 -21.75 8.88 -31.93
CA THR K 49 -22.50 8.05 -30.99
C THR K 49 -23.97 7.96 -31.35
N TYR K 50 -24.59 9.10 -31.67
CA TYR K 50 -25.94 9.13 -32.20
C TYR K 50 -26.05 10.31 -33.15
N TYR K 51 -26.89 10.17 -34.17
CA TYR K 51 -27.01 11.17 -35.22
C TYR K 51 -28.47 11.56 -35.40
N ASN K 52 -28.67 12.81 -35.83
CA ASN K 52 -30.00 13.36 -36.08
C ASN K 52 -30.10 13.79 -37.53
N LEU K 53 -31.21 13.46 -38.18
CA LEU K 53 -31.48 13.84 -39.56
C LEU K 53 -32.60 14.87 -39.60
N TYR K 54 -32.36 15.97 -40.31
CA TYR K 54 -33.33 17.06 -40.43
C TYR K 54 -33.72 17.22 -41.89
N VAL K 55 -34.91 16.75 -42.23
CA VAL K 55 -35.46 16.90 -43.58
C VAL K 55 -36.37 18.12 -43.58
N ASN K 56 -35.94 19.17 -44.28
CA ASN K 56 -36.68 20.44 -44.35
C ASN K 56 -36.91 21.04 -42.97
N GLY K 57 -35.94 20.87 -42.07
CA GLY K 57 -36.04 21.39 -40.72
C GLY K 57 -36.81 20.53 -39.75
N ILE K 58 -37.31 19.37 -40.18
CA ILE K 58 -38.10 18.49 -39.34
C ILE K 58 -37.22 17.32 -38.90
N LEU K 59 -37.17 17.07 -37.60
CA LEU K 59 -36.36 15.98 -37.06
C LEU K 59 -37.02 14.65 -37.39
N GLN K 60 -36.31 13.82 -38.15
CA GLN K 60 -36.85 12.52 -38.56
C GLN K 60 -36.50 11.45 -37.53
N PRO K 61 -37.33 10.40 -37.42
CA PRO K 61 -37.01 9.29 -36.51
C PRO K 61 -35.79 8.51 -36.95
N SER K 62 -35.43 7.48 -36.20
CA SER K 62 -34.26 6.66 -36.48
C SER K 62 -34.53 5.54 -37.45
N VAL K 63 -35.76 5.41 -37.95
CA VAL K 63 -36.11 4.33 -38.88
C VAL K 63 -36.13 4.79 -40.34
N ASN K 64 -36.09 6.10 -40.59
CA ASN K 64 -36.14 6.63 -41.94
C ASN K 64 -34.76 7.02 -42.47
N SER K 65 -33.68 6.59 -41.81
CA SER K 65 -32.35 6.94 -42.25
C SER K 65 -31.36 5.89 -41.78
N SER K 66 -30.25 5.79 -42.51
CA SER K 66 -29.16 4.87 -42.17
C SER K 66 -27.87 5.48 -42.68
N VAL K 67 -26.95 5.79 -41.76
CA VAL K 67 -25.73 6.51 -42.09
C VAL K 67 -24.52 5.59 -41.86
N THR K 68 -23.56 5.66 -42.78
CA THR K 68 -22.30 4.94 -42.67
C THR K 68 -21.15 5.93 -42.66
N THR K 69 -20.12 5.64 -41.88
CA THR K 69 -18.97 6.53 -41.75
C THR K 69 -17.91 6.15 -42.79
N GLY K 70 -16.73 6.76 -42.68
CA GLY K 70 -15.64 6.49 -43.58
C GLY K 70 -15.68 7.35 -44.82
N PRO K 71 -14.62 7.29 -45.63
CA PRO K 71 -14.58 8.08 -46.87
C PRO K 71 -15.71 7.74 -47.83
N THR K 72 -16.15 6.48 -47.86
CA THR K 72 -17.23 6.05 -48.74
C THR K 72 -18.59 6.08 -48.02
N GLY K 73 -18.73 6.95 -47.03
CA GLY K 73 -19.98 7.01 -46.30
C GLY K 73 -21.10 7.60 -47.12
N ALA K 74 -22.33 7.21 -46.77
CA ALA K 74 -23.51 7.69 -47.47
C ALA K 74 -24.73 7.48 -46.59
N ILE K 75 -25.50 8.54 -46.37
CA ILE K 75 -26.72 8.44 -45.57
C ILE K 75 -27.83 7.86 -46.43
N THR K 76 -28.37 6.73 -46.00
CA THR K 76 -29.40 6.01 -46.76
C THR K 76 -30.77 6.49 -46.30
N ILE K 77 -31.40 7.34 -47.11
CA ILE K 77 -32.73 7.86 -46.79
C ILE K 77 -33.73 7.22 -47.75
N PRO K 78 -34.42 6.16 -47.34
CA PRO K 78 -35.40 5.53 -48.24
C PRO K 78 -36.63 6.39 -48.43
N GLY K 79 -37.21 6.32 -49.62
CA GLY K 79 -38.40 7.07 -49.95
C GLY K 79 -38.17 8.50 -50.36
N GLY K 80 -36.92 8.95 -50.44
CA GLY K 80 -36.63 10.32 -50.82
C GLY K 80 -36.73 10.60 -52.31
N ASP K 81 -36.83 9.56 -53.13
CA ASP K 81 -36.94 9.77 -54.58
C ASP K 81 -38.26 10.46 -54.93
N ALA K 82 -39.35 10.07 -54.28
CA ALA K 82 -40.65 10.67 -54.57
C ALA K 82 -40.74 12.12 -54.12
N LEU K 83 -39.89 12.54 -53.17
CA LEU K 83 -39.92 13.90 -52.68
C LEU K 83 -39.25 14.84 -53.70
N ASP K 84 -39.39 16.14 -53.46
CA ASP K 84 -38.81 17.14 -54.34
C ASP K 84 -37.28 17.15 -54.21
N GLY K 85 -36.63 17.70 -55.24
CA GLY K 85 -35.19 17.77 -55.28
C GLY K 85 -34.58 18.96 -54.56
N GLY K 86 -35.40 19.90 -54.11
CA GLY K 86 -34.90 21.07 -53.40
C GLY K 86 -35.02 21.01 -51.90
N ILE K 87 -35.46 19.89 -51.33
CA ILE K 87 -35.63 19.76 -49.89
C ILE K 87 -34.26 19.74 -49.22
N PRO K 88 -33.98 20.66 -48.31
CA PRO K 88 -32.68 20.65 -47.62
C PRO K 88 -32.54 19.45 -46.70
N ILE K 89 -31.30 19.03 -46.50
CA ILE K 89 -30.96 17.94 -45.59
C ILE K 89 -29.89 18.43 -44.62
N THR K 90 -30.10 18.17 -43.33
CA THR K 90 -29.16 18.58 -42.30
C THR K 90 -28.87 17.35 -41.43
N ILE K 91 -27.65 16.86 -41.50
CA ILE K 91 -27.24 15.67 -40.77
C ILE K 91 -26.31 16.10 -39.64
N GLU K 92 -26.70 15.85 -38.40
CA GLU K 92 -25.95 16.29 -37.23
C GLU K 92 -25.38 15.06 -36.53
N PHE K 93 -24.06 15.02 -36.38
CA PHE K 93 -23.37 13.96 -35.66
C PHE K 93 -22.88 14.48 -34.31
N ILE K 94 -23.19 13.74 -33.25
CA ILE K 94 -22.75 14.09 -31.90
C ILE K 94 -21.55 13.20 -31.58
N VAL K 95 -20.36 13.77 -31.67
CA VAL K 95 -19.12 13.04 -31.42
C VAL K 95 -18.72 13.28 -29.97
N THR K 96 -18.86 12.25 -29.14
CA THR K 96 -18.51 12.34 -27.73
C THR K 96 -17.49 11.28 -27.34
N PRO L 2 4.94 11.60 15.20
CA PRO L 2 3.64 11.04 14.83
C PRO L 2 3.74 9.59 14.35
N ILE L 3 2.60 8.98 14.05
CA ILE L 3 2.59 7.60 13.59
C ILE L 3 2.97 7.56 12.12
N ILE L 4 3.98 6.76 11.79
CA ILE L 4 4.44 6.65 10.41
C ILE L 4 3.41 5.84 9.61
N GLN L 5 3.06 6.34 8.43
CA GLN L 5 2.09 5.69 7.57
C GLN L 5 2.72 5.37 6.21
N PRO L 6 2.22 4.34 5.52
CA PRO L 6 2.77 4.01 4.21
C PRO L 6 2.62 5.16 3.23
N PHE L 7 3.63 5.35 2.39
CA PHE L 7 3.65 6.44 1.42
C PHE L 7 3.00 6.00 0.13
N MET L 8 2.10 6.84 -0.39
CA MET L 8 1.46 6.58 -1.67
C MET L 8 1.11 7.92 -2.31
N ALA L 9 1.28 7.98 -3.63
CA ALA L 9 1.08 9.24 -4.33
C ALA L 9 0.55 8.96 -5.73
N SER L 10 -0.24 9.90 -6.23
CA SER L 10 -0.85 9.82 -7.55
C SER L 10 -0.31 10.94 -8.42
N ARG L 11 0.26 10.59 -9.57
CA ARG L 11 0.74 11.57 -10.54
C ARG L 11 -0.17 11.53 -11.77
N ARG L 12 -0.78 12.67 -12.08
CA ARG L 12 -1.76 12.76 -13.15
C ARG L 12 -1.22 13.66 -14.26
N PHE L 13 -1.24 13.15 -15.48
CA PHE L 13 -0.82 13.90 -16.66
C PHE L 13 -2.00 14.06 -17.60
N THR L 14 -2.22 15.27 -18.09
CA THR L 14 -3.36 15.60 -18.92
C THR L 14 -2.90 16.07 -20.30
N SER L 15 -3.57 15.56 -21.33
CA SER L 15 -3.28 15.93 -22.70
C SER L 15 -4.54 15.68 -23.54
N THR L 16 -4.38 15.70 -24.86
CA THR L 16 -5.48 15.47 -25.79
C THR L 16 -5.03 14.48 -26.86
N LEU L 17 -6.01 13.85 -27.50
CA LEU L 17 -5.71 12.88 -28.55
C LEU L 17 -5.16 13.55 -29.81
N GLY L 18 -5.25 14.87 -29.90
CA GLY L 18 -4.74 15.59 -31.05
C GLY L 18 -3.26 15.88 -31.03
N ALA L 19 -2.54 15.42 -30.01
CA ALA L 19 -1.10 15.63 -29.89
C ALA L 19 -0.36 14.30 -29.99
N GLY L 20 -0.81 13.42 -30.87
CA GLY L 20 -0.20 12.13 -31.07
C GLY L 20 0.62 12.08 -32.36
N THR L 21 1.42 11.02 -32.48
CA THR L 21 2.29 10.81 -33.62
C THR L 21 2.01 9.44 -34.24
N GLY L 22 2.08 9.39 -35.56
CA GLY L 22 1.88 8.14 -36.28
C GLY L 22 0.42 7.72 -36.34
N THR L 23 0.21 6.57 -36.96
CA THR L 23 -1.13 5.99 -37.09
C THR L 23 -1.05 4.49 -36.84
N GLY L 24 -2.18 3.91 -36.45
CA GLY L 24 -2.26 2.48 -36.19
C GLY L 24 -1.91 2.18 -34.74
N ALA L 25 -1.02 1.21 -34.54
CA ALA L 25 -0.59 0.82 -33.21
C ALA L 25 0.60 1.64 -32.71
N ALA L 26 1.06 2.60 -33.50
CA ALA L 26 2.17 3.46 -33.11
C ALA L 26 1.70 4.81 -32.57
N PHE L 27 0.39 5.02 -32.45
CA PHE L 27 -0.12 6.28 -31.91
C PHE L 27 0.31 6.45 -30.46
N ALA L 28 1.16 7.44 -30.21
CA ALA L 28 1.73 7.65 -28.89
C ALA L 28 1.70 9.13 -28.54
N ILE L 29 1.40 9.43 -27.28
CA ILE L 29 1.43 10.80 -26.77
C ILE L 29 2.74 10.97 -25.98
N ALA L 30 3.59 11.86 -26.46
CA ALA L 30 4.90 12.05 -25.84
C ALA L 30 4.75 12.65 -24.44
N ALA L 31 5.70 12.31 -23.57
CA ALA L 31 5.72 12.84 -22.22
C ALA L 31 6.02 14.33 -22.19
N THR L 32 6.61 14.88 -23.25
CA THR L 32 6.90 16.30 -23.34
C THR L 32 5.72 17.11 -23.84
N ALA L 33 4.61 16.47 -24.17
CA ALA L 33 3.39 17.16 -24.60
C ALA L 33 2.22 16.83 -23.67
N CYS L 34 2.51 16.52 -22.41
CA CYS L 34 1.50 16.15 -21.43
C CYS L 34 1.67 17.05 -20.21
N LEU L 35 0.63 17.80 -19.87
CA LEU L 35 0.68 18.64 -18.69
C LEU L 35 0.46 17.81 -17.43
N ASN L 36 1.35 17.96 -16.45
CA ASN L 36 1.27 17.19 -15.22
C ASN L 36 0.23 17.82 -14.28
N ASP L 37 0.21 17.36 -13.03
CA ASP L 37 -0.76 17.84 -12.04
C ASP L 37 -0.45 19.25 -11.52
N ALA L 38 0.47 19.99 -12.13
CA ALA L 38 0.78 21.35 -11.69
C ALA L 38 0.27 22.42 -12.64
N GLY L 39 0.12 22.11 -13.93
CA GLY L 39 -0.38 23.08 -14.89
C GLY L 39 0.69 23.56 -15.85
N THR L 40 1.78 22.82 -15.94
CA THR L 40 2.90 23.18 -16.80
C THR L 40 3.27 21.98 -17.68
N THR L 41 4.14 22.23 -18.65
CA THR L 41 4.62 21.17 -19.52
C THR L 41 5.58 20.27 -18.75
N ALA L 42 5.24 18.97 -18.66
CA ALA L 42 6.04 18.03 -17.91
C ALA L 42 7.29 17.64 -18.73
N THR L 43 8.11 16.78 -18.13
CA THR L 43 9.36 16.35 -18.76
C THR L 43 9.50 14.84 -18.90
N ALA L 44 9.13 14.06 -17.88
CA ALA L 44 9.33 12.62 -17.94
C ALA L 44 8.24 11.93 -17.13
N PHE L 45 7.79 10.78 -17.62
CA PHE L 45 6.84 9.97 -16.88
C PHE L 45 7.56 9.25 -15.74
N PRO L 46 7.11 9.41 -14.50
CA PRO L 46 7.81 8.79 -13.37
C PRO L 46 7.51 7.30 -13.26
N THR L 47 8.35 6.61 -12.50
CA THR L 47 8.16 5.19 -12.25
C THR L 47 6.88 4.97 -11.44
N PHE L 48 6.25 3.82 -11.67
CA PHE L 48 4.95 3.54 -11.08
C PHE L 48 4.87 2.05 -10.75
N THR L 49 3.74 1.66 -10.16
CA THR L 49 3.39 0.26 -9.96
C THR L 49 2.24 -0.19 -10.85
N TYR L 50 1.19 0.63 -10.94
CA TYR L 50 0.11 0.41 -11.90
C TYR L 50 -0.44 1.77 -12.30
N TYR L 51 -0.91 1.87 -13.53
CA TYR L 51 -1.36 3.12 -14.11
C TYR L 51 -2.77 2.98 -14.66
N ASN L 52 -3.51 4.09 -14.64
CA ASN L 52 -4.87 4.15 -15.16
C ASN L 52 -4.94 5.18 -16.27
N LEU L 53 -5.62 4.83 -17.35
CA LEU L 53 -5.83 5.73 -18.49
C LEU L 53 -7.29 6.13 -18.56
N TYR L 54 -7.54 7.43 -18.68
CA TYR L 54 -8.90 7.98 -18.73
C TYR L 54 -9.08 8.68 -20.07
N VAL L 55 -9.79 8.05 -20.98
CA VAL L 55 -10.12 8.65 -22.28
C VAL L 55 -11.51 9.26 -22.17
N ASN L 56 -11.58 10.59 -22.21
CA ASN L 56 -12.83 11.33 -22.09
C ASN L 56 -13.56 11.01 -20.78
N GLY L 57 -12.79 10.78 -19.72
CA GLY L 57 -13.35 10.46 -18.42
C GLY L 57 -13.72 9.01 -18.21
N ILE L 58 -13.48 8.14 -19.20
CA ILE L 58 -13.83 6.73 -19.11
C ILE L 58 -12.55 5.94 -18.83
N LEU L 59 -12.59 5.11 -17.80
CA LEU L 59 -11.43 4.29 -17.43
C LEU L 59 -11.26 3.17 -18.46
N GLN L 60 -10.11 3.18 -19.15
CA GLN L 60 -9.84 2.18 -20.17
C GLN L 60 -9.17 0.95 -19.56
N PRO L 61 -9.34 -0.22 -20.18
CA PRO L 61 -8.65 -1.42 -19.69
C PRO L 61 -7.15 -1.35 -19.90
N SER L 62 -6.44 -2.40 -19.50
CA SER L 62 -4.99 -2.45 -19.59
C SER L 62 -4.49 -2.94 -20.94
N VAL L 63 -5.39 -3.24 -21.88
CA VAL L 63 -4.99 -3.74 -23.19
C VAL L 63 -5.01 -2.65 -24.27
N ASN L 64 -5.61 -1.49 -23.98
CA ASN L 64 -5.70 -0.41 -24.95
C ASN L 64 -4.66 0.68 -24.73
N SER L 65 -3.63 0.40 -23.92
CA SER L 65 -2.61 1.41 -23.65
C SER L 65 -1.31 0.72 -23.27
N SER L 66 -0.21 1.43 -23.50
CA SER L 66 1.12 0.95 -23.13
C SER L 66 1.99 2.18 -22.85
N VAL L 67 2.47 2.29 -21.62
CA VAL L 67 3.19 3.48 -21.16
C VAL L 67 4.63 3.10 -20.85
N THR L 68 5.55 3.97 -21.23
CA THR L 68 6.97 3.83 -20.93
C THR L 68 7.43 5.04 -20.12
N THR L 69 8.33 4.80 -19.16
CA THR L 69 8.83 5.85 -18.29
C THR L 69 10.07 6.49 -18.91
N GLY L 70 10.75 7.34 -18.14
CA GLY L 70 11.95 7.99 -18.60
C GLY L 70 11.67 9.29 -19.33
N PRO L 71 12.73 10.05 -19.65
CA PRO L 71 12.55 11.30 -20.39
C PRO L 71 11.92 11.10 -21.76
N THR L 72 12.19 9.97 -22.42
CA THR L 72 11.63 9.67 -23.73
C THR L 72 10.37 8.83 -23.64
N GLY L 73 9.64 8.94 -22.53
CA GLY L 73 8.44 8.16 -22.35
C GLY L 73 7.32 8.61 -23.26
N ALA L 74 6.43 7.67 -23.58
CA ALA L 74 5.29 7.95 -24.45
C ALA L 74 4.23 6.88 -24.24
N ILE L 75 3.01 7.30 -23.96
CA ILE L 75 1.90 6.37 -23.77
C ILE L 75 1.39 5.94 -25.14
N THR L 76 1.45 4.63 -25.41
CA THR L 76 1.06 4.08 -26.70
C THR L 76 -0.41 3.71 -26.65
N ILE L 77 -1.26 4.54 -27.26
CA ILE L 77 -2.70 4.28 -27.31
C ILE L 77 -3.06 3.90 -28.74
N PRO L 78 -3.17 2.61 -29.05
CA PRO L 78 -3.54 2.21 -30.41
C PRO L 78 -4.99 2.51 -30.72
N GLY L 79 -5.25 2.83 -31.98
CA GLY L 79 -6.59 3.13 -32.43
C GLY L 79 -7.07 4.54 -32.17
N GLY L 80 -6.22 5.41 -31.60
CA GLY L 80 -6.62 6.77 -31.30
C GLY L 80 -6.62 7.70 -32.49
N ASP L 81 -6.04 7.28 -33.61
CA ASP L 81 -6.01 8.14 -34.80
C ASP L 81 -7.42 8.36 -35.34
N ALA L 82 -8.25 7.31 -35.35
CA ALA L 82 -9.62 7.44 -35.87
C ALA L 82 -10.49 8.30 -34.99
N LEU L 83 -10.14 8.46 -33.71
CA LEU L 83 -10.93 9.27 -32.80
C LEU L 83 -10.69 10.75 -33.05
N ASP L 84 -11.52 11.59 -32.42
CA ASP L 84 -11.39 13.03 -32.60
C ASP L 84 -10.13 13.54 -31.90
N GLY L 85 -9.69 14.72 -32.32
CA GLY L 85 -8.51 15.36 -31.77
C GLY L 85 -8.71 16.14 -30.50
N GLY L 86 -9.95 16.34 -30.07
CA GLY L 86 -10.24 17.07 -28.85
C GLY L 86 -10.54 16.22 -27.64
N ILE L 87 -10.44 14.90 -27.75
CA ILE L 87 -10.74 14.00 -26.63
C ILE L 87 -9.67 14.16 -25.56
N PRO L 88 -10.05 14.52 -24.33
CA PRO L 88 -9.05 14.65 -23.27
C PRO L 88 -8.47 13.30 -22.87
N ILE L 89 -7.23 13.33 -22.39
CA ILE L 89 -6.54 12.15 -21.89
C ILE L 89 -6.04 12.45 -20.49
N THR L 90 -6.29 11.52 -19.57
CA THR L 90 -5.85 11.66 -18.18
C THR L 90 -5.12 10.38 -17.78
N ILE L 91 -3.82 10.49 -17.56
CA ILE L 91 -2.98 9.35 -17.23
C ILE L 91 -2.58 9.46 -15.76
N GLU L 92 -2.99 8.49 -14.95
CA GLU L 92 -2.76 8.52 -13.51
C GLU L 92 -1.77 7.42 -13.15
N PHE L 93 -0.65 7.82 -12.53
CA PHE L 93 0.36 6.88 -12.06
C PHE L 93 0.30 6.79 -10.54
N ILE L 94 0.26 5.56 -10.03
CA ILE L 94 0.24 5.31 -8.59
C ILE L 94 1.65 4.90 -8.19
N VAL L 95 2.38 5.84 -7.60
CA VAL L 95 3.77 5.62 -7.20
C VAL L 95 3.75 5.21 -5.72
N THR L 96 4.03 3.94 -5.45
CA THR L 96 4.06 3.43 -4.08
C THR L 96 5.40 2.79 -3.76
N PRO M 2 17.55 -10.11 40.95
CA PRO M 2 16.80 -10.85 39.93
C PRO M 2 17.70 -11.70 39.03
N ILE M 3 17.09 -12.44 38.11
CA ILE M 3 17.86 -13.30 37.20
C ILE M 3 18.43 -12.43 36.09
N ILE M 4 19.75 -12.50 35.91
CA ILE M 4 20.40 -11.72 34.86
C ILE M 4 20.07 -12.32 33.50
N GLN M 5 19.70 -11.47 32.55
CA GLN M 5 19.35 -11.89 31.22
C GLN M 5 20.25 -11.23 30.18
N PRO M 6 20.46 -11.86 29.03
CA PRO M 6 21.31 -11.25 27.99
C PRO M 6 20.74 -9.91 27.54
N PHE M 7 21.64 -8.97 27.27
CA PHE M 7 21.25 -7.63 26.87
C PHE M 7 21.13 -7.55 25.35
N MET M 8 20.03 -6.96 24.89
CA MET M 8 19.81 -6.76 23.47
C MET M 8 18.93 -5.53 23.29
N ALA M 9 19.24 -4.75 22.26
CA ALA M 9 18.54 -3.49 22.06
C ALA M 9 18.45 -3.19 20.56
N SER M 10 17.38 -2.51 20.18
CA SER M 10 17.13 -2.13 18.79
C SER M 10 17.13 -0.61 18.69
N ARG M 11 17.98 -0.09 17.79
CA ARG M 11 18.04 1.33 17.51
C ARG M 11 17.49 1.59 16.13
N ARG M 12 16.43 2.39 16.03
CA ARG M 12 15.73 2.64 14.79
C ARG M 12 15.89 4.10 14.40
N PHE M 13 16.33 4.33 13.16
CA PHE M 13 16.49 5.66 12.60
C PHE M 13 15.55 5.82 11.41
N THR M 14 14.82 6.93 11.37
CA THR M 14 13.82 7.17 10.35
C THR M 14 14.18 8.40 9.53
N SER M 15 14.04 8.29 8.22
CA SER M 15 14.31 9.38 7.29
C SER M 15 13.51 9.14 6.02
N THR M 16 13.83 9.89 4.97
CA THR M 16 13.17 9.76 3.68
C THR M 16 14.22 9.71 2.58
N LEU M 17 13.82 9.16 1.42
CA LEU M 17 14.73 9.07 0.29
C LEU M 17 15.05 10.42 -0.33
N GLY M 18 14.32 11.48 0.05
CA GLY M 18 14.55 12.81 -0.46
C GLY M 18 15.66 13.57 0.23
N ALA M 19 16.34 12.97 1.19
CA ALA M 19 17.43 13.61 1.92
C ALA M 19 18.76 12.91 1.63
N GLY M 20 18.96 12.49 0.38
CA GLY M 20 20.17 11.83 -0.03
C GLY M 20 21.09 12.76 -0.83
N THR M 21 22.32 12.28 -1.02
CA THR M 21 23.34 13.03 -1.73
C THR M 21 23.90 12.18 -2.87
N GLY M 22 24.20 12.83 -3.99
CA GLY M 22 24.78 12.14 -5.13
C GLY M 22 23.77 11.31 -5.89
N THR M 23 24.27 10.65 -6.93
CA THR M 23 23.46 9.76 -7.77
C THR M 23 24.26 8.50 -8.08
N GLY M 24 23.53 7.43 -8.39
CA GLY M 24 24.16 6.17 -8.72
C GLY M 24 24.38 5.32 -7.48
N ALA M 25 25.60 4.80 -7.32
CA ALA M 25 25.95 3.98 -6.18
C ALA M 25 26.46 4.82 -5.00
N ALA M 26 26.48 6.14 -5.14
CA ALA M 26 26.91 7.03 -4.06
C ALA M 26 25.75 7.62 -3.29
N PHE M 27 24.52 7.24 -3.60
CA PHE M 27 23.35 7.74 -2.88
C PHE M 27 23.41 7.30 -1.42
N ALA M 28 23.59 8.27 -0.52
CA ALA M 28 23.75 7.97 0.90
C ALA M 28 22.91 8.93 1.73
N ILE M 29 22.31 8.41 2.79
CA ILE M 29 21.55 9.22 3.74
C ILE M 29 22.45 9.44 4.96
N ALA M 30 22.79 10.70 5.22
CA ALA M 30 23.69 11.02 6.31
C ALA M 30 23.04 10.73 7.66
N ALA M 31 23.89 10.37 8.63
CA ALA M 31 23.42 10.11 9.98
C ALA M 31 22.91 11.37 10.67
N THR M 32 23.30 12.55 10.20
CA THR M 32 22.83 13.81 10.77
C THR M 32 21.50 14.25 10.19
N ALA M 33 20.94 13.49 9.25
CA ALA M 33 19.62 13.79 8.68
C ALA M 33 18.67 12.64 8.89
N CYS M 34 18.87 11.87 9.96
CA CYS M 34 18.04 10.70 10.27
C CYS M 34 17.54 10.83 11.70
N LEU M 35 16.23 10.85 11.88
CA LEU M 35 15.65 10.93 13.21
C LEU M 35 15.69 9.56 13.88
N ASN M 36 16.21 9.52 15.11
CA ASN M 36 16.35 8.26 15.83
C ASN M 36 15.00 7.90 16.47
N ASP M 37 15.02 6.90 17.35
CA ASP M 37 13.81 6.41 18.00
C ASP M 37 13.26 7.34 19.08
N ALA M 38 13.75 8.58 19.19
CA ALA M 38 13.26 9.52 20.17
C ALA M 38 12.43 10.64 19.58
N GLY M 39 12.65 11.00 18.31
CA GLY M 39 11.89 12.05 17.66
C GLY M 39 12.70 13.31 17.44
N THR M 40 14.02 13.20 17.50
CA THR M 40 14.92 14.33 17.33
C THR M 40 15.97 13.98 16.28
N THR M 41 16.74 15.00 15.88
CA THR M 41 17.82 14.79 14.93
C THR M 41 18.97 14.06 15.61
N ALA M 42 19.33 12.89 15.09
CA ALA M 42 20.38 12.08 15.67
C ALA M 42 21.75 12.65 15.32
N THR M 43 22.79 12.00 15.82
CA THR M 43 24.17 12.45 15.60
C THR M 43 25.07 11.40 14.98
N ALA M 44 25.01 10.14 15.41
CA ALA M 44 25.92 9.12 14.90
C ALA M 44 25.23 7.76 14.92
N PHE M 45 25.51 6.96 13.90
CA PHE M 45 25.00 5.59 13.87
C PHE M 45 25.79 4.73 14.85
N PRO M 46 25.15 4.05 15.78
CA PRO M 46 25.88 3.26 16.79
C PRO M 46 26.37 1.94 16.21
N THR M 47 27.31 1.34 16.92
CA THR M 47 27.83 0.03 16.53
C THR M 47 26.74 -1.03 16.65
N PHE M 48 26.83 -2.04 15.79
CA PHE M 48 25.78 -3.05 15.69
C PHE M 48 26.43 -4.39 15.39
N THR M 49 25.57 -5.42 15.32
CA THR M 49 25.97 -6.74 14.83
C THR M 49 25.36 -7.07 13.48
N TYR M 50 24.06 -6.79 13.30
CA TYR M 50 23.41 -6.87 12.00
C TYR M 50 22.32 -5.82 11.96
N TYR M 51 22.07 -5.30 10.76
CA TYR M 51 21.13 -4.20 10.58
C TYR M 51 20.11 -4.55 9.51
N ASN M 52 18.91 -3.99 9.66
CA ASN M 52 17.81 -4.19 8.73
C ASN M 52 17.40 -2.85 8.14
N LEU M 53 17.17 -2.83 6.83
CA LEU M 53 16.72 -1.63 6.13
C LEU M 53 15.29 -1.83 5.65
N TYR M 54 14.43 -0.86 5.94
CA TYR M 54 13.00 -0.92 5.58
C TYR M 54 12.71 0.25 4.64
N VAL M 55 12.56 -0.05 3.36
CA VAL M 55 12.19 0.95 2.36
C VAL M 55 10.68 0.84 2.14
N ASN M 56 9.95 1.87 2.58
CA ASN M 56 8.49 1.91 2.48
C ASN M 56 7.84 0.73 3.19
N GLY M 57 8.43 0.30 4.30
CA GLY M 57 7.92 -0.82 5.07
C GLY M 57 8.32 -2.19 4.58
N ILE M 58 9.12 -2.27 3.51
CA ILE M 58 9.53 -3.53 2.93
C ILE M 58 10.98 -3.81 3.36
N LEU M 59 11.21 -5.00 3.91
CA LEU M 59 12.54 -5.38 4.36
C LEU M 59 13.42 -5.66 3.14
N GLN M 60 14.49 -4.88 2.99
CA GLN M 60 15.39 -5.04 1.86
C GLN M 60 16.50 -6.05 2.17
N PRO M 61 17.04 -6.71 1.16
CA PRO M 61 18.17 -7.63 1.38
C PRO M 61 19.43 -6.91 1.81
N SER M 62 20.50 -7.66 2.02
CA SER M 62 21.77 -7.11 2.48
C SER M 62 22.65 -6.61 1.35
N VAL M 63 22.19 -6.71 0.10
CA VAL M 63 22.99 -6.28 -1.05
C VAL M 63 22.59 -4.90 -1.57
N ASN M 64 21.44 -4.36 -1.12
CA ASN M 64 20.96 -3.08 -1.57
C ASN M 64 21.26 -1.95 -0.59
N SER M 65 22.14 -2.18 0.38
CA SER M 65 22.45 -1.16 1.38
C SER M 65 23.84 -1.40 1.93
N SER M 66 24.44 -0.32 2.42
CA SER M 66 25.75 -0.38 3.06
C SER M 66 25.82 0.75 4.08
N VAL M 67 25.97 0.39 5.36
CA VAL M 67 25.90 1.35 6.46
C VAL M 67 27.27 1.45 7.13
N THR M 68 27.66 2.67 7.48
CA THR M 68 28.88 2.94 8.21
C THR M 68 28.53 3.63 9.53
N THR M 69 29.26 3.29 10.59
CA THR M 69 29.01 3.87 11.90
C THR M 69 29.83 5.13 12.09
N GLY M 70 29.84 5.66 13.32
CA GLY M 70 30.60 6.86 13.63
C GLY M 70 29.82 8.12 13.38
N PRO M 71 30.38 9.26 13.80
CA PRO M 71 29.70 10.55 13.56
C PRO M 71 29.49 10.85 12.09
N THR M 72 30.39 10.42 11.22
CA THR M 72 30.28 10.64 9.77
C THR M 72 29.62 9.46 9.07
N GLY M 73 28.78 8.71 9.77
CA GLY M 73 28.14 7.56 9.17
C GLY M 73 27.10 7.95 8.14
N ALA M 74 26.87 7.05 7.19
CA ALA M 74 25.91 7.29 6.13
C ALA M 74 25.53 5.96 5.50
N ILE M 75 24.23 5.68 5.43
CA ILE M 75 23.74 4.44 4.82
C ILE M 75 23.75 4.61 3.31
N THR M 76 24.50 3.76 2.63
CA THR M 76 24.66 3.85 1.17
C THR M 76 23.60 2.97 0.51
N ILE M 77 22.55 3.60 -0.01
CA ILE M 77 21.48 2.89 -0.70
C ILE M 77 21.59 3.18 -2.19
N PRO M 78 22.20 2.29 -2.98
CA PRO M 78 22.31 2.54 -4.41
C PRO M 78 20.98 2.38 -5.12
N GLY M 79 20.79 3.18 -6.16
CA GLY M 79 19.57 3.14 -6.95
C GLY M 79 18.40 3.92 -6.38
N GLY M 80 18.59 4.61 -5.26
CA GLY M 80 17.51 5.37 -4.65
C GLY M 80 17.23 6.70 -5.32
N ASP M 81 18.11 7.16 -6.20
CA ASP M 81 17.88 8.43 -6.89
C ASP M 81 16.66 8.36 -7.79
N ALA M 82 16.49 7.24 -8.51
CA ALA M 82 15.37 7.09 -9.41
C ALA M 82 14.03 6.98 -8.68
N LEU M 83 14.05 6.58 -7.41
CA LEU M 83 12.83 6.46 -6.64
C LEU M 83 12.31 7.84 -6.22
N ASP M 84 11.09 7.86 -5.68
CA ASP M 84 10.48 9.10 -5.25
C ASP M 84 11.18 9.61 -3.99
N GLY M 85 11.01 10.91 -3.73
CA GLY M 85 11.61 11.57 -2.60
C GLY M 85 10.84 11.46 -1.30
N GLY M 86 9.62 10.93 -1.34
CA GLY M 86 8.81 10.76 -0.15
C GLY M 86 8.80 9.38 0.45
N ILE M 87 9.57 8.45 -0.09
CA ILE M 87 9.61 7.07 0.40
C ILE M 87 10.27 7.06 1.79
N PRO M 88 9.57 6.57 2.81
CA PRO M 88 10.18 6.50 4.14
C PRO M 88 11.30 5.48 4.21
N ILE M 89 12.24 5.72 5.10
CA ILE M 89 13.36 4.82 5.35
C ILE M 89 13.42 4.53 6.83
N THR M 90 13.54 3.24 7.18
CA THR M 90 13.62 2.81 8.58
C THR M 90 14.82 1.89 8.71
N ILE M 91 15.83 2.35 9.43
CA ILE M 91 17.07 1.60 9.61
C ILE M 91 17.12 1.10 11.05
N GLU M 92 17.14 -0.21 11.23
CA GLU M 92 17.10 -0.84 12.54
C GLU M 92 18.45 -1.50 12.82
N PHE M 93 19.09 -1.10 13.91
CA PHE M 93 20.35 -1.68 14.35
C PHE M 93 20.11 -2.54 15.59
N ILE M 94 20.61 -3.77 15.55
CA ILE M 94 20.50 -4.70 16.67
C ILE M 94 21.84 -4.69 17.39
N VAL M 95 21.89 -3.99 18.52
CA VAL M 95 23.11 -3.85 19.31
C VAL M 95 23.07 -4.91 20.40
N THR M 96 23.92 -5.93 20.26
CA THR M 96 23.99 -7.01 21.24
C THR M 96 25.40 -7.16 21.79
N PRO N 2 35.27 -35.29 59.54
CA PRO N 2 35.17 -35.63 58.11
C PRO N 2 36.51 -35.49 57.38
N ILE N 3 36.51 -35.83 56.09
CA ILE N 3 37.74 -35.75 55.30
C ILE N 3 37.96 -34.29 54.89
N ILE N 4 39.14 -33.76 55.21
CA ILE N 4 39.45 -32.38 54.86
C ILE N 4 39.70 -32.28 53.37
N GLN N 5 39.10 -31.27 52.73
CA GLN N 5 39.22 -31.06 51.30
C GLN N 5 39.81 -29.68 51.03
N PRO N 6 40.49 -29.51 49.89
CA PRO N 6 41.05 -28.20 49.57
C PRO N 6 39.96 -27.13 49.45
N PHE N 7 40.28 -25.93 49.92
CA PHE N 7 39.33 -24.83 49.93
C PHE N 7 39.43 -24.05 48.63
N MET N 8 38.27 -23.77 48.03
CA MET N 8 38.20 -22.98 46.82
C MET N 8 36.87 -22.26 46.79
N ALA N 9 36.89 -21.02 46.32
CA ALA N 9 35.69 -20.19 46.35
C ALA N 9 35.69 -19.24 45.16
N SER N 10 34.50 -18.92 44.68
CA SER N 10 34.30 -18.03 43.55
C SER N 10 33.55 -16.79 44.02
N ARG N 11 34.13 -15.61 43.77
CA ARG N 11 33.50 -14.34 44.09
C ARG N 11 33.12 -13.65 42.80
N ARG N 12 31.83 -13.38 42.62
CA ARG N 12 31.30 -12.81 41.39
C ARG N 12 30.76 -11.41 41.66
N PHE N 13 31.21 -10.45 40.86
CA PHE N 13 30.75 -9.08 40.94
C PHE N 13 30.07 -8.70 39.63
N THR N 14 28.88 -8.09 39.73
CA THR N 14 28.07 -7.76 38.58
C THR N 14 27.88 -6.25 38.47
N SER N 15 28.03 -5.73 37.26
CA SER N 15 27.83 -4.31 36.99
C SER N 15 27.49 -4.15 35.51
N THR N 16 27.55 -2.92 35.02
CA THR N 16 27.25 -2.61 33.63
C THR N 16 28.34 -1.70 33.07
N LEU N 17 28.45 -1.68 31.74
CA LEU N 17 29.45 -0.85 31.09
C LEU N 17 29.12 0.63 31.19
N GLY N 18 27.91 0.98 31.63
CA GLY N 18 27.51 2.36 31.77
C GLY N 18 27.94 3.03 33.07
N ALA N 19 28.68 2.32 33.91
CA ALA N 19 29.16 2.85 35.18
C ALA N 19 30.68 2.96 35.18
N GLY N 20 31.26 3.35 34.05
CA GLY N 20 32.69 3.50 33.91
C GLY N 20 33.12 4.96 33.93
N THR N 21 34.43 5.15 34.06
CA THR N 21 35.02 6.48 34.12
C THR N 21 36.11 6.61 33.06
N GLY N 22 36.20 7.79 32.46
CA GLY N 22 37.22 8.06 31.46
C GLY N 22 36.91 7.42 30.12
N THR N 23 37.84 7.62 29.18
CA THR N 23 37.74 7.06 27.84
C THR N 23 39.10 6.52 27.42
N GLY N 24 39.08 5.59 26.48
CA GLY N 24 40.31 5.00 25.97
C GLY N 24 40.73 3.80 26.78
N ALA N 25 42.00 3.77 27.19
CA ALA N 25 42.54 2.69 28.00
C ALA N 25 42.36 2.93 29.50
N ALA N 26 41.73 4.05 29.88
CA ALA N 26 41.47 4.35 31.28
C ALA N 26 40.06 3.97 31.72
N PHE N 27 39.27 3.37 30.84
CA PHE N 27 37.91 2.96 31.20
C PHE N 27 37.96 1.90 32.29
N ALA N 28 37.47 2.26 33.48
CA ALA N 28 37.54 1.37 34.64
C ALA N 28 36.21 1.38 35.37
N ILE N 29 35.80 0.21 35.85
CA ILE N 29 34.59 0.08 36.67
C ILE N 29 35.05 -0.03 38.13
N ALA N 30 34.65 0.94 38.94
CA ALA N 30 35.08 0.98 40.33
C ALA N 30 34.48 -0.18 41.12
N ALA N 31 35.23 -0.62 42.13
CA ALA N 31 34.74 -1.70 43.00
C ALA N 31 33.57 -1.26 43.86
N THR N 32 33.37 0.04 44.04
CA THR N 32 32.24 0.56 44.81
C THR N 32 30.97 0.69 43.98
N ALA N 33 31.03 0.37 42.69
CA ALA N 33 29.86 0.40 41.81
C ALA N 33 29.61 -0.97 41.21
N CYS N 34 30.01 -2.03 41.90
CA CYS N 34 29.85 -3.40 41.42
C CYS N 34 29.14 -4.20 42.50
N LEU N 35 27.99 -4.79 42.14
CA LEU N 35 27.25 -5.61 43.08
C LEU N 35 27.88 -7.00 43.16
N ASN N 36 28.15 -7.46 44.39
CA ASN N 36 28.80 -8.74 44.59
C ASN N 36 27.75 -9.86 44.47
N ASP N 37 28.13 -11.07 44.86
CA ASP N 37 27.26 -12.24 44.77
C ASP N 37 26.16 -12.26 45.82
N ALA N 38 25.92 -11.17 46.56
CA ALA N 38 24.86 -11.12 47.56
C ALA N 38 23.68 -10.26 47.16
N GLY N 39 23.89 -9.26 46.30
CA GLY N 39 22.81 -8.41 45.85
C GLY N 39 22.88 -7.01 46.42
N THR N 40 24.04 -6.63 46.94
CA THR N 40 24.25 -5.33 47.55
C THR N 40 25.49 -4.67 46.94
N THR N 41 25.68 -3.40 47.27
CA THR N 41 26.84 -2.67 46.80
C THR N 41 28.09 -3.15 47.55
N ALA N 42 29.07 -3.66 46.80
CA ALA N 42 30.27 -4.19 47.40
C ALA N 42 31.20 -3.05 47.83
N THR N 43 32.34 -3.43 48.41
CA THR N 43 33.31 -2.45 48.91
C THR N 43 34.71 -2.61 48.34
N ALA N 44 35.23 -3.83 48.22
CA ALA N 44 36.59 -4.02 47.76
C ALA N 44 36.70 -5.34 47.00
N PHE N 45 37.51 -5.35 45.96
CA PHE N 45 37.78 -6.58 45.23
C PHE N 45 38.74 -7.44 46.04
N PRO N 46 38.39 -8.69 46.34
CA PRO N 46 39.26 -9.53 47.16
C PRO N 46 40.44 -10.09 46.37
N THR N 47 41.43 -10.56 47.12
CA THR N 47 42.60 -11.18 46.50
C THR N 47 42.19 -12.47 45.80
N PHE N 48 42.93 -12.79 44.73
CA PHE N 48 42.57 -13.91 43.87
C PHE N 48 43.85 -14.56 43.37
N THR N 49 43.67 -15.64 42.60
CA THR N 49 44.75 -16.28 41.85
C THR N 49 44.61 -16.07 40.35
N TYR N 50 43.40 -16.25 39.81
CA TYR N 50 43.10 -15.90 38.44
C TYR N 50 41.64 -15.47 38.37
N TYR N 51 41.35 -14.55 37.45
CA TYR N 51 40.02 -13.96 37.34
C TYR N 51 39.51 -14.07 35.92
N ASN N 52 38.19 -14.16 35.80
CA ASN N 52 37.50 -14.26 34.52
C ASN N 52 36.56 -13.08 34.35
N LEU N 53 36.56 -12.48 33.17
CA LEU N 53 35.68 -11.37 32.84
C LEU N 53 34.64 -11.82 31.82
N TYR N 54 33.38 -11.53 32.09
CA TYR N 54 32.27 -11.93 31.23
C TYR N 54 31.56 -10.66 30.75
N VAL N 55 31.80 -10.29 29.50
CA VAL N 55 31.12 -9.16 28.87
C VAL N 55 29.94 -9.69 28.08
N ASN N 56 28.73 -9.39 28.55
CA ASN N 56 27.49 -9.86 27.93
C ASN N 56 27.43 -11.37 27.85
N GLY N 57 27.98 -12.05 28.86
CA GLY N 57 27.99 -13.49 28.90
C GLY N 57 29.11 -14.16 28.13
N ILE N 58 29.99 -13.39 27.50
CA ILE N 58 31.08 -13.91 26.69
C ILE N 58 32.37 -13.81 27.50
N LEU N 59 33.09 -14.92 27.61
CA LEU N 59 34.35 -14.95 28.36
C LEU N 59 35.42 -14.22 27.56
N GLN N 60 35.95 -13.14 28.13
CA GLN N 60 36.97 -12.35 27.45
C GLN N 60 38.36 -12.87 27.78
N PRO N 61 39.32 -12.67 26.87
CA PRO N 61 40.71 -13.08 27.15
C PRO N 61 41.35 -12.26 28.26
N SER N 62 42.60 -12.55 28.57
CA SER N 62 43.32 -11.88 29.64
C SER N 62 43.99 -10.58 29.21
N VAL N 63 43.85 -10.19 27.93
CA VAL N 63 44.49 -8.98 27.43
C VAL N 63 43.52 -7.80 27.34
N ASN N 64 42.21 -8.04 27.48
CA ASN N 64 41.20 -6.99 27.39
C ASN N 64 40.73 -6.50 28.76
N SER N 65 41.44 -6.85 29.83
CA SER N 65 41.03 -6.44 31.16
C SER N 65 42.23 -6.40 32.08
N SER N 66 42.12 -5.57 33.13
CA SER N 66 43.16 -5.45 34.15
C SER N 66 42.48 -5.06 35.45
N VAL N 67 42.59 -5.93 36.45
CA VAL N 67 41.87 -5.78 37.72
C VAL N 67 42.87 -5.53 38.84
N THR N 68 42.52 -4.62 39.74
CA THR N 68 43.30 -4.32 40.92
C THR N 68 42.44 -4.58 42.17
N THR N 69 43.06 -5.09 43.22
CA THR N 69 42.36 -5.42 44.45
C THR N 69 42.38 -4.22 45.39
N GLY N 70 41.93 -4.42 46.63
CA GLY N 70 41.91 -3.38 47.62
C GLY N 70 40.64 -2.56 47.58
N PRO N 71 40.46 -1.68 48.57
CA PRO N 71 39.28 -0.81 48.58
C PRO N 71 39.16 0.08 47.36
N THR N 72 40.29 0.53 46.81
CA THR N 72 40.31 1.39 45.63
C THR N 72 40.47 0.60 44.35
N GLY N 73 40.02 -0.66 44.35
CA GLY N 73 40.17 -1.49 43.17
C GLY N 73 39.25 -1.05 42.04
N ALA N 74 39.67 -1.36 40.81
CA ALA N 74 38.90 -1.00 39.63
C ALA N 74 39.36 -1.85 38.46
N ILE N 75 38.41 -2.53 37.81
CA ILE N 75 38.72 -3.35 36.65
C ILE N 75 38.87 -2.45 35.44
N THR N 76 40.06 -2.48 34.83
CA THR N 76 40.38 -1.63 33.68
C THR N 76 40.03 -2.37 32.40
N ILE N 77 38.90 -2.00 31.79
CA ILE N 77 38.47 -2.60 30.54
C ILE N 77 38.64 -1.59 29.42
N PRO N 78 39.74 -1.64 28.67
CA PRO N 78 39.92 -0.69 27.58
C PRO N 78 38.98 -0.95 26.42
N GLY N 79 38.59 0.12 25.74
CA GLY N 79 37.70 0.04 24.61
C GLY N 79 36.23 -0.08 24.94
N GLY N 80 35.86 -0.04 26.22
CA GLY N 80 34.47 -0.17 26.60
C GLY N 80 33.64 1.10 26.42
N ASP N 81 34.29 2.24 26.18
CA ASP N 81 33.56 3.48 25.97
C ASP N 81 32.70 3.42 24.71
N ALA N 82 33.25 2.85 23.63
CA ALA N 82 32.51 2.77 22.38
C ALA N 82 31.33 1.82 22.45
N LEU N 83 31.35 0.87 23.39
CA LEU N 83 30.25 -0.08 23.53
C LEU N 83 29.05 0.58 24.20
N ASP N 84 27.93 -0.13 24.19
CA ASP N 84 26.71 0.39 24.79
C ASP N 84 26.83 0.41 26.33
N GLY N 85 25.99 1.22 26.95
CA GLY N 85 25.98 1.38 28.38
C GLY N 85 25.18 0.35 29.15
N GLY N 86 24.43 -0.50 28.46
CA GLY N 86 23.64 -1.54 29.10
C GLY N 86 24.25 -2.91 29.10
N ILE N 87 25.47 -3.07 28.58
CA ILE N 87 26.12 -4.37 28.51
C ILE N 87 26.47 -4.84 29.92
N PRO N 88 25.97 -6.00 30.35
CA PRO N 88 26.30 -6.50 31.69
C PRO N 88 27.77 -6.91 31.77
N ILE N 89 28.30 -6.82 32.99
CA ILE N 89 29.68 -7.22 33.29
C ILE N 89 29.64 -8.19 34.47
N THR N 90 30.34 -9.32 34.33
CA THR N 90 30.41 -10.34 35.38
C THR N 90 31.88 -10.66 35.61
N ILE N 91 32.38 -10.29 36.78
CA ILE N 91 33.78 -10.49 37.12
C ILE N 91 33.85 -11.59 38.18
N GLU N 92 34.52 -12.69 37.85
CA GLU N 92 34.60 -13.86 38.71
C GLU N 92 36.03 -14.01 39.22
N PHE N 93 36.19 -14.00 40.54
CA PHE N 93 37.49 -14.21 41.18
C PHE N 93 37.53 -15.59 41.81
N ILE N 94 38.59 -16.34 41.52
CA ILE N 94 38.79 -17.67 42.08
C ILE N 94 39.81 -17.53 43.21
N VAL N 95 39.32 -17.53 44.44
CA VAL N 95 40.16 -17.37 45.62
C VAL N 95 40.50 -18.76 46.14
N THR N 96 41.76 -19.17 45.97
CA THR N 96 42.21 -20.48 46.43
C THR N 96 43.40 -20.35 47.37
N PRO O 2 60.21 -57.60 72.72
CA PRO O 2 60.52 -57.19 71.34
C PRO O 2 61.68 -56.21 71.29
N ILE O 3 62.07 -55.82 70.07
CA ILE O 3 63.18 -54.89 69.90
C ILE O 3 62.69 -53.47 70.17
N ILE O 4 63.36 -52.77 71.08
CA ILE O 4 62.99 -51.41 71.42
C ILE O 4 63.37 -50.48 70.28
N GLN O 5 62.45 -49.60 69.89
CA GLN O 5 62.67 -48.66 68.80
C GLN O 5 62.51 -47.24 69.30
N PRO O 6 63.17 -46.27 68.67
CA PRO O 6 63.03 -44.87 69.09
C PRO O 6 61.58 -44.41 68.98
N PHE O 7 61.16 -43.60 69.94
CA PHE O 7 59.80 -43.10 69.99
C PHE O 7 59.68 -41.79 69.21
N MET O 8 58.66 -41.72 68.36
CA MET O 8 58.38 -40.50 67.60
C MET O 8 56.88 -40.43 67.34
N ALA O 9 56.34 -39.23 67.41
CA ALA O 9 54.90 -39.06 67.28
C ALA O 9 54.61 -37.70 66.63
N SER O 10 53.52 -37.66 65.88
CA SER O 10 53.07 -36.47 65.19
C SER O 10 51.72 -36.03 65.76
N ARG O 11 51.65 -34.77 66.20
CA ARG O 11 50.42 -34.19 66.70
C ARG O 11 49.95 -33.13 65.71
N ARG O 12 48.75 -33.31 65.18
CA ARG O 12 48.21 -32.44 64.14
C ARG O 12 47.00 -31.71 64.67
N PHE O 13 47.01 -30.38 64.53
CA PHE O 13 45.90 -29.52 64.93
C PHE O 13 45.34 -28.83 63.70
N THR O 14 44.01 -28.85 63.56
CA THR O 14 43.34 -28.32 62.40
C THR O 14 42.42 -27.16 62.80
N SER O 15 42.47 -26.09 62.02
CA SER O 15 41.63 -24.92 62.24
C SER O 15 41.48 -24.18 60.90
N THR O 16 40.97 -22.95 60.97
CA THR O 16 40.78 -22.12 59.79
C THR O 16 41.33 -20.72 60.07
N LEU O 17 41.62 -19.99 59.00
CA LEU O 17 42.14 -18.64 59.13
C LEU O 17 41.09 -17.66 59.65
N GLY O 18 39.82 -18.07 59.68
CA GLY O 18 38.75 -17.21 60.16
C GLY O 18 38.58 -17.19 61.67
N ALA O 19 39.43 -17.90 62.40
CA ALA O 19 39.36 -17.94 63.87
C ALA O 19 40.60 -17.30 64.48
N GLY O 20 41.06 -16.20 63.89
CA GLY O 20 42.21 -15.48 64.36
C GLY O 20 41.83 -14.19 65.08
N THR O 21 42.82 -13.62 65.76
CA THR O 21 42.64 -12.39 66.53
C THR O 21 43.66 -11.35 66.09
N GLY O 22 43.22 -10.10 66.06
CA GLY O 22 44.10 -9.00 65.70
C GLY O 22 44.38 -8.94 64.21
N THR O 23 45.21 -7.96 63.84
CA THR O 23 45.62 -7.75 62.45
C THR O 23 47.10 -7.44 62.42
N GLY O 24 47.72 -7.69 61.27
CA GLY O 24 49.14 -7.43 61.08
C GLY O 24 49.98 -8.62 61.49
N ALA O 25 51.00 -8.37 62.31
CA ALA O 25 51.88 -9.41 62.80
C ALA O 25 51.38 -10.06 64.09
N ALA O 26 50.21 -9.63 64.59
CA ALA O 26 49.62 -10.20 65.79
C ALA O 26 48.56 -11.23 65.48
N PHE O 27 48.32 -11.56 64.21
CA PHE O 27 47.34 -12.56 63.85
C PHE O 27 47.74 -13.92 64.40
N ALA O 28 46.96 -14.43 65.35
CA ALA O 28 47.29 -15.68 66.03
C ALA O 28 46.05 -16.55 66.16
N ILE O 29 46.22 -17.85 65.97
CA ILE O 29 45.15 -18.81 66.16
C ILE O 29 45.36 -19.47 67.53
N ALA O 30 44.40 -19.28 68.43
CA ALA O 30 44.52 -19.79 69.79
C ALA O 30 44.48 -21.32 69.79
N ALA O 31 45.18 -21.90 70.77
CA ALA O 31 45.19 -23.34 70.93
C ALA O 31 43.83 -23.88 71.37
N THR O 32 42.97 -23.04 71.93
CA THR O 32 41.63 -23.46 72.34
C THR O 32 40.63 -23.41 71.21
N ALA O 33 41.04 -22.98 70.02
CA ALA O 33 40.17 -22.96 68.84
C ALA O 33 40.76 -23.80 67.72
N CYS O 34 41.53 -24.82 68.07
CA CYS O 34 42.17 -25.71 67.10
C CYS O 34 41.81 -27.14 67.44
N LEU O 35 41.18 -27.84 66.49
CA LEU O 35 40.84 -29.24 66.70
C LEU O 35 42.07 -30.12 66.49
N ASN O 36 42.34 -30.99 67.47
CA ASN O 36 43.51 -31.86 67.40
C ASN O 36 43.21 -33.06 66.50
N ASP O 37 44.09 -34.05 66.52
CA ASP O 37 43.97 -35.23 65.68
C ASP O 37 42.88 -36.20 66.15
N ALA O 38 42.01 -35.82 67.08
CA ALA O 38 40.93 -36.69 67.55
C ALA O 38 39.56 -36.25 67.07
N GLY O 39 39.36 -34.96 66.79
CA GLY O 39 38.08 -34.48 66.32
C GLY O 39 37.33 -33.66 67.36
N THR O 40 38.05 -33.19 68.37
CA THR O 40 37.46 -32.41 69.45
C THR O 40 38.26 -31.13 69.65
N THR O 41 37.72 -30.24 70.47
CA THR O 41 38.41 -28.99 70.79
C THR O 41 39.59 -29.28 71.71
N ALA O 42 40.80 -28.93 71.26
CA ALA O 42 41.99 -29.19 72.04
C ALA O 42 42.13 -28.18 73.17
N THR O 43 43.19 -28.33 73.96
CA THR O 43 43.44 -27.47 75.11
C THR O 43 44.78 -26.78 75.10
N ALA O 44 45.87 -27.47 74.74
CA ALA O 44 47.20 -26.87 74.80
C ALA O 44 48.08 -27.47 73.72
N PHE O 45 48.93 -26.64 73.13
CA PHE O 45 49.90 -27.13 72.16
C PHE O 45 51.02 -27.85 72.90
N PRO O 46 51.32 -29.10 72.55
CA PRO O 46 52.35 -29.85 73.27
C PRO O 46 53.76 -29.44 72.85
N THR O 47 54.72 -29.81 73.68
CA THR O 47 56.12 -29.54 73.37
C THR O 47 56.56 -30.33 72.14
N PHE O 48 57.50 -29.76 71.40
CA PHE O 48 57.91 -30.33 70.13
C PHE O 48 59.41 -30.10 69.94
N THR O 49 59.92 -30.62 68.82
CA THR O 49 61.27 -30.33 68.36
C THR O 49 61.28 -29.46 67.12
N TYR O 50 60.44 -29.78 66.13
CA TYR O 50 60.23 -28.92 64.98
C TYR O 50 58.78 -29.10 64.53
N TYR O 51 58.21 -28.04 63.98
CA TYR O 51 56.80 -28.02 63.61
C TYR O 51 56.64 -27.58 62.15
N ASN O 52 55.59 -28.08 61.52
CA ASN O 52 55.26 -27.76 60.13
C ASN O 52 53.88 -27.12 60.08
N LEU O 53 53.77 -26.05 59.30
CA LEU O 53 52.50 -25.35 59.09
C LEU O 53 52.02 -25.57 57.67
N TYR O 54 50.76 -25.97 57.52
CA TYR O 54 50.16 -26.25 56.22
C TYR O 54 48.99 -25.29 56.01
N VAL O 55 49.19 -24.29 55.18
CA VAL O 55 48.14 -23.34 54.82
C VAL O 55 47.54 -23.79 53.50
N ASN O 56 46.29 -24.25 53.54
CA ASN O 56 45.57 -24.76 52.38
C ASN O 56 46.31 -25.92 51.72
N GLY O 57 46.97 -26.75 52.54
CA GLY O 57 47.71 -27.89 52.04
C GLY O 57 49.11 -27.60 51.57
N ILE O 58 49.56 -26.35 51.65
CA ILE O 58 50.88 -25.94 51.19
C ILE O 58 51.80 -25.78 52.40
N LEU O 59 52.95 -26.44 52.37
CA LEU O 59 53.91 -26.36 53.47
C LEU O 59 54.56 -24.98 53.47
N GLN O 60 54.37 -24.24 54.55
CA GLN O 60 54.94 -22.90 54.65
C GLN O 60 56.34 -22.94 55.26
N PRO O 61 57.18 -21.97 54.94
CA PRO O 61 58.52 -21.91 55.55
C PRO O 61 58.47 -21.60 57.03
N SER O 62 59.63 -21.51 57.67
CA SER O 62 59.72 -21.26 59.10
C SER O 62 59.69 -19.78 59.47
N VAL O 63 59.58 -18.90 58.47
CA VAL O 63 59.57 -17.46 58.74
C VAL O 63 58.16 -16.86 58.73
N ASN O 64 57.16 -17.61 58.27
CA ASN O 64 55.80 -17.11 58.20
C ASN O 64 54.93 -17.61 59.35
N SER O 65 55.54 -18.16 60.41
CA SER O 65 54.77 -18.68 61.53
C SER O 65 55.62 -18.65 62.79
N SER O 66 54.94 -18.58 63.93
CA SER O 66 55.60 -18.61 65.24
C SER O 66 54.63 -19.23 66.22
N VAL O 67 55.00 -20.38 66.79
CA VAL O 67 54.12 -21.16 67.65
C VAL O 67 54.66 -21.17 69.07
N THR O 68 53.76 -21.04 70.04
CA THR O 68 54.09 -21.13 71.46
C THR O 68 53.30 -22.27 72.08
N THR O 69 53.92 -22.97 73.02
CA THR O 69 53.30 -24.11 73.68
C THR O 69 52.56 -23.65 74.93
N GLY O 70 52.09 -24.61 75.73
CA GLY O 70 51.38 -24.31 76.95
C GLY O 70 49.90 -24.13 76.73
N PRO O 71 49.14 -24.02 77.83
CA PRO O 71 47.69 -23.80 77.71
C PRO O 71 47.33 -22.52 76.97
N THR O 72 48.14 -21.47 77.09
CA THR O 72 47.90 -20.20 76.42
C THR O 72 48.65 -20.11 75.08
N GLY O 73 48.91 -21.25 74.45
CA GLY O 73 49.64 -21.24 73.20
C GLY O 73 48.81 -20.68 72.07
N ALA O 74 49.51 -20.13 71.08
CA ALA O 74 48.87 -19.54 69.91
C ALA O 74 49.87 -19.45 68.78
N ILE O 75 49.52 -19.99 67.62
CA ILE O 75 50.38 -19.93 66.44
C ILE O 75 50.25 -18.56 65.80
N THR O 76 51.36 -17.83 65.72
CA THR O 76 51.36 -16.46 65.21
C THR O 76 51.65 -16.52 63.70
N ILE O 77 50.61 -16.34 62.89
CA ILE O 77 50.74 -16.34 61.45
C ILE O 77 50.55 -14.92 60.94
N PRO O 78 51.62 -14.17 60.70
CA PRO O 78 51.46 -12.80 60.20
C PRO O 78 50.99 -12.77 58.75
N GLY O 79 50.20 -11.75 58.44
CA GLY O 79 49.67 -11.57 57.11
C GLY O 79 48.44 -12.38 56.78
N GLY O 80 47.91 -13.14 57.74
CA GLY O 80 46.74 -13.96 57.48
C GLY O 80 45.42 -13.19 57.49
N ASP O 81 45.43 -11.94 57.95
CA ASP O 81 44.20 -11.14 57.95
C ASP O 81 43.71 -10.87 56.54
N ALA O 82 44.63 -10.56 55.62
CA ALA O 82 44.24 -10.26 54.24
C ALA O 82 43.72 -11.49 53.51
N LEU O 83 44.07 -12.69 53.96
CA LEU O 83 43.61 -13.91 53.31
C LEU O 83 42.15 -14.19 53.68
N ASP O 84 41.56 -15.15 52.98
CA ASP O 84 40.18 -15.51 53.21
C ASP O 84 40.03 -16.23 54.56
N GLY O 85 38.80 -16.23 55.08
CA GLY O 85 38.49 -16.83 56.35
C GLY O 85 38.23 -18.32 56.31
N GLY O 86 38.13 -18.92 55.12
CA GLY O 86 37.89 -20.34 54.98
C GLY O 86 39.11 -21.18 54.69
N ILE O 87 40.30 -20.59 54.67
CA ILE O 87 41.53 -21.31 54.38
C ILE O 87 41.84 -22.26 55.53
N PRO O 88 41.94 -23.57 55.27
CA PRO O 88 42.28 -24.50 56.35
C PRO O 88 43.71 -24.32 56.84
N ILE O 89 43.92 -24.67 58.10
CA ILE O 89 45.25 -24.62 58.72
C ILE O 89 45.53 -25.97 59.35
N THR O 90 46.71 -26.52 59.08
CA THR O 90 47.13 -27.81 59.63
C THR O 90 48.50 -27.63 60.26
N ILE O 91 48.56 -27.74 61.57
CA ILE O 91 49.78 -27.55 62.33
C ILE O 91 50.24 -28.92 62.84
N GLU O 92 51.42 -29.36 62.40
CA GLU O 92 51.95 -30.67 62.74
C GLU O 92 53.15 -30.51 63.66
N PHE O 93 53.08 -31.11 64.84
CA PHE O 93 54.18 -31.11 65.80
C PHE O 93 54.83 -32.49 65.84
N ILE O 94 56.15 -32.52 65.72
CA ILE O 94 56.92 -33.76 65.78
C ILE O 94 57.52 -33.84 67.18
N VAL O 95 56.92 -34.65 68.03
CA VAL O 95 57.36 -34.81 69.41
C VAL O 95 58.28 -36.02 69.47
N THR O 96 59.57 -35.79 69.65
CA THR O 96 60.55 -36.87 69.73
C THR O 96 61.34 -36.79 71.02
N PRO P 2 90.62 -72.25 85.12
CA PRO P 2 90.88 -71.12 84.23
C PRO P 2 91.37 -69.88 84.98
N ILE P 3 91.70 -68.82 84.24
CA ILE P 3 92.19 -67.60 84.86
C ILE P 3 91.01 -66.83 85.43
N ILE P 4 91.08 -66.49 86.73
CA ILE P 4 90.01 -65.75 87.37
C ILE P 4 90.04 -64.30 86.89
N GLN P 5 88.87 -63.77 86.54
CA GLN P 5 88.75 -62.41 86.05
C GLN P 5 87.81 -61.61 86.93
N PRO P 6 87.98 -60.29 87.00
CA PRO P 6 87.06 -59.48 87.83
C PRO P 6 85.63 -59.59 87.34
N PHE P 7 84.71 -59.62 88.30
CA PHE P 7 83.29 -59.76 88.01
C PHE P 7 82.65 -58.41 87.79
N MET P 8 81.88 -58.29 86.71
CA MET P 8 81.14 -57.07 86.42
C MET P 8 79.89 -57.45 85.65
N ALA P 9 78.79 -56.75 85.95
CA ALA P 9 77.52 -57.09 85.36
C ALA P 9 76.68 -55.83 85.19
N SER P 10 75.84 -55.83 84.16
CA SER P 10 74.97 -54.71 83.84
C SER P 10 73.52 -55.16 83.97
N ARG P 11 72.75 -54.44 84.79
CA ARG P 11 71.32 -54.70 84.97
C ARG P 11 70.55 -53.55 84.34
N ARG P 12 69.70 -53.88 83.36
CA ARG P 12 68.97 -52.88 82.59
C ARG P 12 67.48 -53.03 82.86
N PHE P 13 66.84 -51.93 83.23
CA PHE P 13 65.40 -51.88 83.47
C PHE P 13 64.76 -50.93 82.47
N THR P 14 63.67 -51.37 81.84
CA THR P 14 63.02 -50.62 80.79
C THR P 14 61.59 -50.27 81.21
N SER P 15 61.20 -49.03 80.96
CA SER P 15 59.85 -48.54 81.25
C SER P 15 59.56 -47.35 80.35
N THR P 16 58.50 -46.62 80.67
CA THR P 16 58.10 -45.44 79.91
C THR P 16 57.79 -44.30 80.87
N LEU P 17 57.85 -43.07 80.33
CA LEU P 17 57.57 -41.90 81.15
C LEU P 17 56.10 -41.80 81.54
N GLY P 18 55.23 -42.60 80.94
CA GLY P 18 53.82 -42.59 81.26
C GLY P 18 53.42 -43.40 82.48
N ALA P 19 54.38 -44.01 83.17
CA ALA P 19 54.13 -44.80 84.36
C ALA P 19 54.74 -44.15 85.59
N GLY P 20 54.67 -42.82 85.67
CA GLY P 20 55.20 -42.07 86.78
C GLY P 20 54.10 -41.58 87.72
N THR P 21 54.54 -41.11 88.88
CA THR P 21 53.64 -40.62 89.92
C THR P 21 54.04 -39.21 90.32
N GLY P 22 53.04 -38.38 90.59
CA GLY P 22 53.28 -37.01 91.03
C GLY P 22 53.71 -36.11 89.89
N THR P 23 53.97 -34.85 90.25
CA THR P 23 54.43 -33.83 89.32
C THR P 23 55.53 -33.01 89.96
N GLY P 24 56.36 -32.40 89.13
CA GLY P 24 57.45 -31.57 89.61
C GLY P 24 58.71 -32.39 89.84
N ALA P 25 59.32 -32.22 91.01
CA ALA P 25 60.52 -32.95 91.38
C ALA P 25 60.22 -34.29 92.04
N ALA P 26 58.94 -34.64 92.17
CA ALA P 26 58.54 -35.92 92.76
C ALA P 26 58.22 -36.97 91.71
N PHE P 27 58.39 -36.66 90.43
CA PHE P 27 58.12 -37.63 89.37
C PHE P 27 59.07 -38.82 89.48
N ALA P 28 58.52 -39.98 89.81
CA ALA P 28 59.34 -41.17 90.05
C ALA P 28 58.71 -42.37 89.36
N ILE P 29 59.55 -43.23 88.79
CA ILE P 29 59.10 -44.47 88.18
C ILE P 29 59.40 -45.59 89.18
N ALA P 30 58.35 -46.26 89.66
CA ALA P 30 58.51 -47.30 90.66
C ALA P 30 59.25 -48.51 90.09
N ALA P 31 59.99 -49.19 90.97
CA ALA P 31 60.71 -50.39 90.56
C ALA P 31 59.76 -51.54 90.22
N THR P 32 58.52 -51.50 90.68
CA THR P 32 57.54 -52.52 90.37
C THR P 32 56.84 -52.29 89.04
N ALA P 33 57.15 -51.21 88.35
CA ALA P 33 56.59 -50.91 87.03
C ALA P 33 57.69 -50.78 85.99
N CYS P 34 58.82 -51.46 86.19
CA CYS P 34 59.95 -51.42 85.30
C CYS P 34 60.34 -52.84 84.91
N LEU P 35 60.31 -53.14 83.62
CA LEU P 35 60.70 -54.46 83.14
C LEU P 35 62.22 -54.58 83.11
N ASN P 36 62.75 -55.64 83.71
CA ASN P 36 64.19 -55.84 83.79
C ASN P 36 64.68 -56.42 82.47
N ASP P 37 65.93 -56.88 82.45
CA ASP P 37 66.57 -57.41 81.25
C ASP P 37 66.07 -58.81 80.87
N ALA P 38 65.00 -59.31 81.48
CA ALA P 38 64.45 -60.62 81.15
C ALA P 38 63.15 -60.56 80.38
N GLY P 39 62.36 -59.50 80.55
CA GLY P 39 61.10 -59.36 79.84
C GLY P 39 59.90 -59.53 80.73
N THR P 40 60.09 -59.42 82.04
CA THR P 40 59.03 -59.58 83.02
C THR P 40 59.03 -58.39 83.97
N THR P 41 57.98 -58.30 84.79
CA THR P 41 57.88 -57.24 85.78
C THR P 41 58.88 -57.50 86.90
N ALA P 42 59.79 -56.54 87.11
CA ALA P 42 60.82 -56.69 88.12
C ALA P 42 60.24 -56.43 89.52
N THR P 43 61.09 -56.55 90.53
CA THR P 43 60.68 -56.37 91.92
C THR P 43 61.47 -55.32 92.68
N ALA P 44 62.79 -55.27 92.53
CA ALA P 44 63.60 -54.33 93.31
C ALA P 44 64.82 -53.93 92.50
N PHE P 45 65.20 -52.67 92.64
CA PHE P 45 66.43 -52.19 92.00
C PHE P 45 67.63 -52.70 92.79
N PRO P 46 68.58 -53.38 92.15
CA PRO P 46 69.72 -53.94 92.87
C PRO P 46 70.76 -52.87 93.20
N THR P 47 71.63 -53.23 94.13
CA THR P 47 72.73 -52.34 94.50
C THR P 47 73.69 -52.17 93.33
N PHE P 48 74.32 -51.00 93.27
CA PHE P 48 75.16 -50.63 92.14
C PHE P 48 76.33 -49.80 92.63
N THR P 49 77.20 -49.45 91.69
CA THR P 49 78.27 -48.48 91.92
C THR P 49 78.03 -47.16 91.19
N TYR P 50 77.64 -47.23 89.92
CA TYR P 50 77.20 -46.07 89.18
C TYR P 50 76.13 -46.52 88.18
N TYR P 51 75.19 -45.63 87.89
CA TYR P 51 74.06 -45.94 87.04
C TYR P 51 73.93 -44.93 85.92
N ASN P 52 73.38 -45.40 84.79
CA ASN P 52 73.17 -44.57 83.61
C ASN P 52 71.68 -44.56 83.28
N LEU P 53 71.16 -43.38 82.96
CA LEU P 53 69.77 -43.20 82.58
C LEU P 53 69.69 -42.83 81.10
N TYR P 54 68.86 -43.54 80.35
CA TYR P 54 68.68 -43.33 78.92
C TYR P 54 67.24 -42.91 78.66
N VAL P 55 67.04 -41.63 78.39
CA VAL P 55 65.72 -41.11 78.03
C VAL P 55 65.65 -41.03 76.52
N ASN P 56 64.81 -41.87 75.91
CA ASN P 56 64.66 -41.94 74.46
C ASN P 56 65.97 -42.23 73.76
N GLY P 57 66.83 -43.05 74.39
CA GLY P 57 68.11 -43.40 73.84
C GLY P 57 69.22 -42.40 74.08
N ILE P 58 68.95 -41.30 74.78
CA ILE P 58 69.93 -40.26 75.04
C ILE P 58 70.43 -40.42 76.48
N LEU P 59 71.75 -40.47 76.64
CA LEU P 59 72.34 -40.61 77.97
C LEU P 59 72.20 -39.29 78.73
N GLN P 60 71.49 -39.34 79.85
CA GLN P 60 71.26 -38.14 80.64
C GLN P 60 72.37 -37.95 81.68
N PRO P 61 72.65 -36.71 82.08
CA PRO P 61 73.65 -36.49 83.13
C PRO P 61 73.21 -37.01 84.49
N SER P 62 74.04 -36.83 85.50
CA SER P 62 73.78 -37.33 86.84
C SER P 62 72.94 -36.37 87.68
N VAL P 63 72.55 -35.23 87.13
CA VAL P 63 71.77 -34.24 87.88
C VAL P 63 70.27 -34.31 87.56
N ASN P 64 69.88 -35.02 86.51
CA ASN P 64 68.48 -35.13 86.11
C ASN P 64 67.82 -36.42 86.58
N SER P 65 68.46 -37.14 87.50
CA SER P 65 67.89 -38.41 87.97
C SER P 65 68.40 -38.70 89.37
N SER P 66 67.62 -39.49 90.10
CA SER P 66 67.98 -39.93 91.45
C SER P 66 67.32 -41.27 91.69
N VAL P 67 68.13 -42.32 91.89
CA VAL P 67 67.64 -43.69 91.99
C VAL P 67 67.90 -44.20 93.40
N THR P 68 66.91 -44.94 93.93
CA THR P 68 67.00 -45.60 95.22
C THR P 68 66.84 -47.10 95.02
N THR P 69 67.58 -47.89 95.80
CA THR P 69 67.53 -49.34 95.69
C THR P 69 66.47 -49.89 96.64
N GLY P 70 66.43 -51.22 96.79
CA GLY P 70 65.49 -51.87 97.66
C GLY P 70 64.18 -52.17 96.99
N PRO P 71 63.30 -52.92 97.67
CA PRO P 71 61.99 -53.24 97.10
C PRO P 71 61.15 -52.01 96.80
N THR P 72 61.28 -50.95 97.61
CA THR P 72 60.53 -49.71 97.41
C THR P 72 61.33 -48.69 96.60
N GLY P 73 62.23 -49.16 95.75
CA GLY P 73 63.04 -48.24 94.97
C GLY P 73 62.23 -47.54 93.89
N ALA P 74 62.70 -46.35 93.52
CA ALA P 74 62.03 -45.55 92.51
C ALA P 74 63.01 -44.52 91.96
N ILE P 75 63.17 -44.49 90.65
CA ILE P 75 64.06 -43.52 90.00
C ILE P 75 63.34 -42.18 89.92
N THR P 76 63.91 -41.15 90.55
CA THR P 76 63.31 -39.83 90.61
C THR P 76 63.81 -39.00 89.43
N ILE P 77 62.96 -38.85 88.41
CA ILE P 77 63.31 -38.07 87.23
C ILE P 77 62.50 -36.77 87.25
N PRO P 78 63.06 -35.67 87.73
CA PRO P 78 62.31 -34.41 87.75
C PRO P 78 62.11 -33.83 86.36
N GLY P 79 60.97 -33.18 86.17
CA GLY P 79 60.65 -32.56 84.91
C GLY P 79 60.07 -33.49 83.86
N GLY P 80 59.85 -34.76 84.20
CA GLY P 80 59.32 -35.71 83.23
C GLY P 80 57.82 -35.60 83.02
N ASP P 81 57.11 -34.87 83.87
CA ASP P 81 55.67 -34.72 83.71
C ASP P 81 55.33 -33.97 82.42
N ALA P 82 56.10 -32.92 82.10
CA ALA P 82 55.83 -32.13 80.90
C ALA P 82 56.13 -32.91 79.63
N LEU P 83 56.97 -33.94 79.70
CA LEU P 83 57.30 -34.73 78.53
C LEU P 83 56.16 -35.68 78.18
N ASP P 84 56.27 -36.29 77.00
CA ASP P 84 55.24 -37.22 76.54
C ASP P 84 55.27 -38.50 77.37
N GLY P 85 54.15 -39.22 77.33
CA GLY P 85 54.00 -40.47 78.06
C GLY P 85 54.54 -41.69 77.38
N GLY P 86 54.95 -41.59 76.12
CA GLY P 86 55.50 -42.71 75.39
C GLY P 86 57.00 -42.76 75.30
N ILE P 87 57.71 -41.84 75.95
CA ILE P 87 59.16 -41.80 75.90
C ILE P 87 59.74 -43.00 76.64
N PRO P 88 60.52 -43.84 75.98
CA PRO P 88 61.12 -44.99 76.67
C PRO P 88 62.16 -44.56 77.70
N ILE P 89 62.32 -45.39 78.72
CA ILE P 89 63.31 -45.17 79.77
C ILE P 89 64.14 -46.44 79.89
N THR P 90 65.46 -46.27 79.93
CA THR P 90 66.38 -47.40 80.06
C THR P 90 67.36 -47.07 81.19
N ILE P 91 67.26 -47.81 82.29
CA ILE P 91 68.09 -47.58 83.46
C ILE P 91 69.09 -48.72 83.57
N GLU P 92 70.37 -48.40 83.49
CA GLU P 92 71.44 -49.39 83.48
C GLU P 92 72.23 -49.28 84.78
N PHE P 93 72.30 -50.37 85.53
CA PHE P 93 73.08 -50.44 86.76
C PHE P 93 74.32 -51.29 86.53
N ILE P 94 75.47 -50.75 86.93
CA ILE P 94 76.74 -51.46 86.80
C ILE P 94 77.08 -52.00 88.19
N VAL P 95 76.85 -53.30 88.39
CA VAL P 95 77.09 -53.95 89.67
C VAL P 95 78.48 -54.58 89.62
N THR P 96 79.42 -54.01 90.35
CA THR P 96 80.79 -54.51 90.39
C THR P 96 81.21 -54.82 91.82
N PRO Q 2 -58.13 52.17 -51.92
CA PRO Q 2 -59.51 51.71 -52.17
C PRO Q 2 -59.55 50.22 -52.51
N ILE Q 3 -60.77 49.70 -52.70
CA ILE Q 3 -60.94 48.29 -53.02
C ILE Q 3 -60.64 48.08 -54.51
N ILE Q 4 -59.74 47.17 -54.81
CA ILE Q 4 -59.38 46.89 -56.19
C ILE Q 4 -60.51 46.12 -56.85
N GLN Q 5 -60.89 46.54 -58.06
CA GLN Q 5 -61.98 45.92 -58.80
C GLN Q 5 -61.46 45.41 -60.14
N PRO Q 6 -62.09 44.38 -60.71
CA PRO Q 6 -61.64 43.88 -62.02
C PRO Q 6 -61.76 44.95 -63.09
N PHE Q 7 -60.79 44.96 -64.00
CA PHE Q 7 -60.71 45.94 -65.06
C PHE Q 7 -61.48 45.46 -66.28
N MET Q 8 -62.33 46.33 -66.83
CA MET Q 8 -63.07 46.03 -68.04
C MET Q 8 -63.33 47.33 -68.77
N ALA Q 9 -63.25 47.26 -70.11
CA ALA Q 9 -63.37 48.46 -70.91
C ALA Q 9 -64.01 48.12 -72.25
N SER Q 10 -64.74 49.08 -72.80
CA SER Q 10 -65.43 48.93 -74.07
C SER Q 10 -64.85 49.92 -75.07
N ARG Q 11 -64.38 49.41 -76.21
CA ARG Q 11 -63.88 50.25 -77.29
C ARG Q 11 -64.85 50.19 -78.46
N ARG Q 12 -65.39 51.34 -78.85
CA ARG Q 12 -66.42 51.43 -79.87
C ARG Q 12 -65.87 52.18 -81.08
N PHE Q 13 -66.00 51.56 -82.25
CA PHE Q 13 -65.59 52.15 -83.52
C PHE Q 13 -66.80 52.34 -84.41
N THR Q 14 -66.94 53.53 -84.99
CA THR Q 14 -68.10 53.89 -85.79
C THR Q 14 -67.68 54.19 -87.23
N SER Q 15 -68.45 53.65 -88.17
CA SER Q 15 -68.22 53.88 -89.60
C SER Q 15 -69.54 53.66 -90.33
N THR Q 16 -69.46 53.56 -91.65
CA THR Q 16 -70.63 53.34 -92.50
C THR Q 16 -70.34 52.23 -93.49
N LEU Q 17 -71.41 51.63 -94.01
CA LEU Q 17 -71.26 50.56 -94.98
C LEU Q 17 -70.73 51.05 -96.33
N GLY Q 18 -70.70 52.36 -96.55
CA GLY Q 18 -70.20 52.94 -97.78
C GLY Q 18 -68.70 53.08 -97.86
N ALA Q 19 -67.97 52.64 -96.84
CA ALA Q 19 -66.51 52.72 -96.81
C ALA Q 19 -65.90 51.32 -96.82
N GLY Q 20 -66.49 50.42 -97.59
CA GLY Q 20 -66.01 49.06 -97.71
C GLY Q 20 -65.27 48.82 -99.03
N THR Q 21 -64.59 47.68 -99.08
CA THR Q 21 -63.81 47.28 -100.24
C THR Q 21 -64.24 45.90 -100.71
N GLY Q 22 -64.26 45.71 -102.03
CA GLY Q 22 -64.61 44.44 -102.61
C GLY Q 22 -66.10 44.16 -102.56
N THR Q 23 -66.47 42.97 -103.05
CA THR Q 23 -67.85 42.52 -103.07
C THR Q 23 -67.89 41.04 -102.67
N GLY Q 24 -69.04 40.62 -102.17
CA GLY Q 24 -69.22 39.24 -101.78
C GLY Q 24 -68.84 39.03 -100.33
N ALA Q 25 -68.02 38.00 -100.07
CA ALA Q 25 -67.54 37.68 -98.74
C ALA Q 25 -66.26 38.44 -98.38
N ALA Q 26 -65.75 39.28 -99.29
CA ALA Q 26 -64.55 40.06 -99.04
C ALA Q 26 -64.87 41.48 -98.60
N PHE Q 27 -66.14 41.83 -98.43
CA PHE Q 27 -66.51 43.17 -97.99
C PHE Q 27 -65.97 43.43 -96.59
N ALA Q 28 -65.02 44.36 -96.48
CA ALA Q 28 -64.36 44.63 -95.21
C ALA Q 28 -64.23 46.13 -95.00
N ILE Q 29 -64.42 46.57 -93.76
CA ILE Q 29 -64.25 47.96 -93.39
C ILE Q 29 -62.89 48.07 -92.69
N ALA Q 30 -61.98 48.84 -93.29
CA ALA Q 30 -60.63 48.96 -92.76
C ALA Q 30 -60.63 49.70 -91.42
N ALA Q 31 -59.67 49.34 -90.58
CA ALA Q 31 -59.52 49.99 -89.29
C ALA Q 31 -59.09 51.44 -89.42
N THR Q 32 -58.51 51.82 -90.55
CA THR Q 32 -58.10 53.20 -90.78
C THR Q 32 -59.23 54.09 -91.29
N ALA Q 33 -60.41 53.52 -91.50
CA ALA Q 33 -61.59 54.28 -91.93
C ALA Q 33 -62.72 54.14 -90.92
N CYS Q 34 -62.38 53.92 -89.66
CA CYS Q 34 -63.37 53.75 -88.59
C CYS Q 34 -63.04 54.72 -87.47
N LEU Q 35 -63.99 55.59 -87.15
CA LEU Q 35 -63.80 56.54 -86.05
C LEU Q 35 -64.01 55.84 -84.71
N ASN Q 36 -63.05 56.00 -83.80
CA ASN Q 36 -63.13 55.35 -82.50
C ASN Q 36 -64.04 56.16 -81.58
N ASP Q 37 -64.03 55.82 -80.29
CA ASP Q 37 -64.89 56.47 -79.30
C ASP Q 37 -64.42 57.88 -78.93
N ALA Q 38 -63.48 58.48 -79.65
CA ALA Q 38 -63.02 59.83 -79.36
C ALA Q 38 -63.48 60.87 -80.38
N GLY Q 39 -63.75 60.46 -81.63
CA GLY Q 39 -64.21 61.38 -82.64
C GLY Q 39 -63.17 61.67 -83.70
N THR Q 40 -62.15 60.83 -83.78
CA THR Q 40 -61.06 60.99 -84.73
C THR Q 40 -60.85 59.70 -85.50
N THR Q 41 -60.02 59.77 -86.54
CA THR Q 41 -59.69 58.59 -87.34
C THR Q 41 -58.78 57.67 -86.53
N ALA Q 42 -59.22 56.44 -86.30
CA ALA Q 42 -58.46 55.50 -85.51
C ALA Q 42 -57.31 54.91 -86.34
N THR Q 43 -56.53 54.04 -85.72
CA THR Q 43 -55.38 53.43 -86.36
C THR Q 43 -55.38 51.91 -86.37
N ALA Q 44 -55.76 51.26 -85.26
CA ALA Q 44 -55.69 49.81 -85.19
C ALA Q 44 -56.78 49.30 -84.26
N PHE Q 45 -57.36 48.16 -84.62
CA PHE Q 45 -58.34 47.52 -83.75
C PHE Q 45 -57.62 46.84 -82.60
N PRO Q 46 -57.98 47.14 -81.35
CA PRO Q 46 -57.28 46.56 -80.21
C PRO Q 46 -57.69 45.12 -79.95
N THR Q 47 -56.88 44.43 -79.17
CA THR Q 47 -57.19 43.07 -78.77
C THR Q 47 -58.43 43.04 -77.88
N PHE Q 48 -59.17 41.94 -77.97
CA PHE Q 48 -60.44 41.83 -77.29
C PHE Q 48 -60.65 40.39 -76.81
N THR Q 49 -61.76 40.17 -76.13
CA THR Q 49 -62.23 38.83 -75.78
C THR Q 49 -63.46 38.43 -76.56
N TYR Q 50 -64.45 39.32 -76.67
CA TYR Q 50 -65.60 39.13 -77.55
C TYR Q 50 -66.03 40.49 -78.05
N TYR Q 51 -66.57 40.52 -79.27
CA TYR Q 51 -66.94 41.76 -79.92
C TYR Q 51 -68.39 41.70 -80.40
N ASN Q 52 -69.02 42.87 -80.44
CA ASN Q 52 -70.40 43.01 -80.88
C ASN Q 52 -70.45 43.95 -82.09
N LEU Q 53 -71.22 43.56 -83.10
CA LEU Q 53 -71.41 44.37 -84.30
C LEU Q 53 -72.83 44.90 -84.33
N TYR Q 54 -72.98 46.20 -84.56
CA TYR Q 54 -74.28 46.87 -84.60
C TYR Q 54 -74.48 47.47 -85.98
N VAL Q 55 -75.30 46.83 -86.79
CA VAL Q 55 -75.65 47.34 -88.12
C VAL Q 55 -76.97 48.09 -88.00
N ASN Q 56 -76.92 49.41 -88.16
CA ASN Q 56 -78.10 50.27 -88.04
C ASN Q 56 -78.76 50.15 -86.68
N GLY Q 57 -77.96 49.94 -85.63
CA GLY Q 57 -78.47 49.80 -84.28
C GLY Q 57 -78.94 48.41 -83.92
N ILE Q 58 -78.84 47.44 -84.83
CA ILE Q 58 -79.31 46.08 -84.59
C ILE Q 58 -78.10 45.20 -84.31
N LEU Q 59 -78.15 44.47 -83.20
CA LEU Q 59 -77.05 43.57 -82.82
C LEU Q 59 -77.04 42.37 -83.75
N GLN Q 60 -75.95 42.19 -84.49
CA GLN Q 60 -75.83 41.09 -85.43
C GLN Q 60 -75.23 39.86 -84.74
N PRO Q 61 -75.55 38.66 -85.23
CA PRO Q 61 -74.94 37.45 -84.67
C PRO Q 61 -73.45 37.35 -84.96
N SER Q 62 -72.82 36.28 -84.50
CA SER Q 62 -71.39 36.08 -84.66
C SER Q 62 -71.02 35.43 -85.99
N VAL Q 63 -72.00 35.13 -86.84
CA VAL Q 63 -71.72 34.49 -88.12
C VAL Q 63 -71.71 35.47 -89.29
N ASN Q 64 -72.18 36.70 -89.09
CA ASN Q 64 -72.24 37.71 -90.14
C ASN Q 64 -71.09 38.70 -90.09
N SER Q 65 -70.04 38.40 -89.31
CA SER Q 65 -68.92 39.32 -89.19
C SER Q 65 -67.67 38.55 -88.81
N SER Q 66 -66.52 39.13 -89.17
CA SER Q 66 -65.21 38.56 -88.83
C SER Q 66 -64.23 39.71 -88.71
N VAL Q 67 -63.67 39.90 -87.51
CA VAL Q 67 -62.82 41.05 -87.21
C VAL Q 67 -61.40 40.56 -86.94
N THR Q 68 -60.42 41.31 -87.45
CA THR Q 68 -59.02 41.06 -87.21
C THR Q 68 -58.39 42.28 -86.54
N THR Q 69 -57.47 42.04 -85.61
CA THR Q 69 -56.82 43.11 -84.88
C THR Q 69 -55.56 43.57 -85.62
N GLY Q 70 -54.77 44.42 -84.97
CA GLY Q 70 -53.54 44.91 -85.55
C GLY Q 70 -53.75 46.15 -86.39
N PRO Q 71 -52.65 46.78 -86.82
CA PRO Q 71 -52.76 47.97 -87.67
C PRO Q 71 -53.48 47.71 -88.98
N THR Q 72 -53.35 46.51 -89.55
CA THR Q 72 -54.02 46.15 -90.80
C THR Q 72 -55.35 45.44 -90.55
N GLY Q 73 -55.99 45.72 -89.42
CA GLY Q 73 -57.25 45.07 -89.11
C GLY Q 73 -58.38 45.55 -90.00
N ALA Q 74 -59.37 44.68 -90.18
CA ALA Q 74 -60.52 44.98 -91.01
C ALA Q 74 -61.66 44.04 -90.65
N ILE Q 75 -62.82 44.60 -90.34
CA ILE Q 75 -63.99 43.81 -90.01
C ILE Q 75 -64.63 43.30 -91.30
N THR Q 76 -64.70 41.98 -91.45
CA THR Q 76 -65.21 41.36 -92.67
C THR Q 76 -66.71 41.13 -92.50
N ILE Q 77 -67.51 41.98 -93.14
CA ILE Q 77 -68.97 41.85 -93.09
C ILE Q 77 -69.45 41.38 -94.46
N PRO Q 78 -69.70 40.08 -94.64
CA PRO Q 78 -70.18 39.59 -95.94
C PRO Q 78 -71.62 40.01 -96.20
N GLY Q 79 -71.92 40.24 -97.47
CA GLY Q 79 -73.25 40.63 -97.88
C GLY Q 79 -73.58 42.10 -97.72
N GLY Q 80 -72.63 42.92 -97.28
CA GLY Q 80 -72.88 44.33 -97.09
C GLY Q 80 -72.87 45.15 -98.37
N ASP Q 81 -72.39 44.59 -99.47
CA ASP Q 81 -72.38 45.31 -100.73
C ASP Q 81 -73.78 45.63 -101.22
N ALA Q 82 -74.70 44.67 -101.09
CA ALA Q 82 -76.08 44.88 -101.55
C ALA Q 82 -76.82 45.89 -100.70
N LEU Q 83 -76.38 46.13 -99.46
CA LEU Q 83 -77.04 47.09 -98.59
C LEU Q 83 -76.67 48.53 -99.01
N ASP Q 84 -77.38 49.49 -98.41
CA ASP Q 84 -77.14 50.89 -98.72
C ASP Q 84 -75.80 51.33 -98.14
N GLY Q 85 -75.28 52.43 -98.69
CA GLY Q 85 -74.02 52.99 -98.28
C GLY Q 85 -74.07 53.90 -97.07
N GLY Q 86 -75.26 54.26 -96.60
CA GLY Q 86 -75.41 55.11 -95.44
C GLY Q 86 -75.71 54.40 -94.15
N ILE Q 87 -75.73 53.08 -94.13
CA ILE Q 87 -76.04 52.31 -92.93
C ILE Q 87 -74.90 52.47 -91.92
N PRO Q 88 -75.17 52.97 -90.72
CA PRO Q 88 -74.10 53.10 -89.73
C PRO Q 88 -73.62 51.74 -89.24
N ILE Q 89 -72.36 51.71 -88.82
CA ILE Q 89 -71.75 50.51 -88.25
C ILE Q 89 -71.14 50.88 -86.91
N THR Q 90 -71.41 50.07 -85.90
CA THR Q 90 -70.88 50.28 -84.54
C THR Q 90 -70.25 48.98 -84.07
N ILE Q 91 -68.93 48.98 -83.94
CA ILE Q 91 -68.18 47.80 -83.54
C ILE Q 91 -67.69 48.01 -82.11
N GLU Q 92 -68.14 47.16 -81.19
CA GLU Q 92 -67.81 47.28 -79.78
C GLU Q 92 -66.90 46.15 -79.36
N PHE Q 93 -65.72 46.48 -78.84
CA PHE Q 93 -64.77 45.50 -78.33
C PHE Q 93 -64.75 45.55 -76.81
N ILE Q 94 -64.87 44.39 -76.19
CA ILE Q 94 -64.82 44.27 -74.73
C ILE Q 94 -63.43 43.77 -74.37
N VAL Q 95 -62.58 44.67 -73.91
CA VAL Q 95 -61.20 44.35 -73.56
C VAL Q 95 -61.17 44.09 -72.05
N THR Q 96 -60.99 42.83 -71.68
CA THR Q 96 -60.92 42.45 -70.27
C THR Q 96 -59.62 41.71 -69.97
N PRO R 2 -46.01 31.75 -24.92
CA PRO R 2 -46.88 31.00 -25.83
C PRO R 2 -46.12 30.00 -26.70
N ILE R 3 -46.84 29.23 -27.50
CA ILE R 3 -46.21 28.23 -28.36
C ILE R 3 -45.63 28.93 -29.58
N ILE R 4 -44.34 28.72 -29.83
CA ILE R 4 -43.68 29.34 -30.98
C ILE R 4 -44.15 28.65 -32.25
N GLN R 5 -44.50 29.45 -33.26
CA GLN R 5 -44.97 28.94 -34.53
C GLN R 5 -44.07 29.42 -35.66
N PRO R 6 -43.99 28.67 -36.77
CA PRO R 6 -43.15 29.11 -37.89
C PRO R 6 -43.63 30.45 -38.45
N PHE R 7 -42.67 31.27 -38.84
CA PHE R 7 -42.96 32.60 -39.35
C PHE R 7 -43.16 32.55 -40.86
N MET R 8 -44.23 33.20 -41.32
CA MET R 8 -44.52 33.30 -42.74
C MET R 8 -45.29 34.58 -42.99
N ALA R 9 -44.97 35.23 -44.10
CA ALA R 9 -45.55 36.54 -44.39
C ALA R 9 -45.71 36.70 -45.89
N SER R 10 -46.74 37.44 -46.28
CA SER R 10 -47.04 37.72 -47.68
C SER R 10 -46.91 39.22 -47.94
N ARG R 11 -46.08 39.57 -48.92
CA ARG R 11 -45.90 40.96 -49.33
C ARG R 11 -46.51 41.14 -50.71
N ARG R 12 -47.49 42.03 -50.81
CA ARG R 12 -48.25 42.23 -52.05
C ARG R 12 -47.98 43.62 -52.59
N PHE R 13 -47.59 43.70 -53.86
CA PHE R 13 -47.35 44.95 -54.55
C PHE R 13 -48.34 45.09 -55.70
N THR R 14 -48.97 46.26 -55.80
CA THR R 14 -50.01 46.51 -56.78
C THR R 14 -49.58 47.63 -57.74
N SER R 15 -49.81 47.40 -59.02
CA SER R 15 -49.51 48.38 -60.07
C SER R 15 -50.40 48.10 -61.27
N THR R 16 -50.07 48.72 -62.40
CA THR R 16 -50.81 48.54 -63.64
C THR R 16 -49.85 48.28 -64.78
N LEU R 17 -50.37 47.68 -65.86
CA LEU R 17 -49.54 47.40 -67.02
C LEU R 17 -49.13 48.67 -67.77
N GLY R 18 -49.75 49.80 -67.46
CA GLY R 18 -49.42 51.05 -68.10
C GLY R 18 -48.21 51.77 -67.55
N ALA R 19 -47.53 51.19 -66.57
CA ALA R 19 -46.34 51.78 -65.96
C ALA R 19 -45.11 50.94 -66.25
N GLY R 20 -45.02 50.40 -67.47
CA GLY R 20 -43.90 49.59 -67.89
C GLY R 20 -42.95 50.35 -68.81
N THR R 21 -41.78 49.75 -69.01
CA THR R 21 -40.74 50.32 -69.85
C THR R 21 -40.33 49.32 -70.92
N GLY R 22 -40.05 49.84 -72.12
CA GLY R 22 -39.60 49.00 -73.22
C GLY R 22 -40.72 48.21 -73.85
N THR R 23 -40.35 47.41 -74.84
CA THR R 23 -41.28 46.54 -75.55
C THR R 23 -40.63 45.18 -75.77
N GLY R 24 -41.46 44.16 -75.95
CA GLY R 24 -40.97 42.82 -76.19
C GLY R 24 -40.77 42.07 -74.89
N ALA R 25 -39.59 41.45 -74.75
CA ALA R 25 -39.24 40.71 -73.55
C ALA R 25 -38.59 41.59 -72.48
N ALA R 26 -38.45 42.89 -72.75
CA ALA R 26 -37.87 43.82 -71.78
C ALA R 26 -38.93 44.59 -71.00
N PHE R 27 -40.22 44.30 -71.22
CA PHE R 27 -41.27 44.98 -70.49
C PHE R 27 -41.18 44.66 -69.00
N ALA R 28 -40.86 45.68 -68.20
CA ALA R 28 -40.64 45.50 -66.77
C ALA R 28 -41.34 46.61 -66.00
N ILE R 29 -41.92 46.25 -64.86
CA ILE R 29 -42.54 47.21 -63.95
C ILE R 29 -41.55 47.45 -62.80
N ALA R 30 -41.08 48.69 -62.69
CA ALA R 30 -40.08 49.02 -61.68
C ALA R 30 -40.68 48.91 -60.28
N ALA R 31 -39.80 48.57 -59.33
CA ALA R 31 -40.22 48.47 -57.93
C ALA R 31 -40.57 49.82 -57.33
N THR R 32 -40.10 50.92 -57.94
CA THR R 32 -40.42 52.26 -57.47
C THR R 32 -41.74 52.78 -58.01
N ALA R 33 -42.43 52.00 -58.85
CA ALA R 33 -43.74 52.37 -59.38
C ALA R 33 -44.79 51.33 -59.00
N CYS R 34 -44.59 50.64 -57.88
CA CYS R 34 -45.50 49.60 -57.42
C CYS R 34 -45.89 49.90 -55.98
N LEU R 35 -47.19 50.05 -55.74
CA LEU R 35 -47.68 50.31 -54.39
C LEU R 35 -47.72 49.01 -53.60
N ASN R 36 -47.13 49.03 -52.41
CA ASN R 36 -47.06 47.84 -51.57
C ASN R 36 -48.39 47.66 -50.84
N ASP R 37 -48.41 46.75 -49.87
CA ASP R 37 -49.62 46.43 -49.11
C ASP R 37 -50.01 47.51 -48.10
N ALA R 38 -49.41 48.69 -48.13
CA ALA R 38 -49.75 49.77 -47.21
C ALA R 38 -50.51 50.91 -47.87
N GLY R 39 -50.33 51.12 -49.17
CA GLY R 39 -51.04 52.18 -49.87
C GLY R 39 -50.14 53.34 -50.26
N THR R 40 -48.83 53.10 -50.26
CA THR R 40 -47.84 54.12 -50.59
C THR R 40 -46.89 53.59 -51.65
N THR R 41 -46.06 54.49 -52.18
CA THR R 41 -45.06 54.09 -53.17
C THR R 41 -43.94 53.32 -52.47
N ALA R 42 -43.73 52.07 -52.90
CA ALA R 42 -42.72 51.23 -52.30
C ALA R 42 -41.32 51.63 -52.78
N THR R 43 -40.32 50.92 -52.27
CA THR R 43 -38.92 51.21 -52.61
C THR R 43 -38.16 50.03 -53.18
N ALA R 44 -38.31 48.82 -52.62
CA ALA R 44 -37.52 47.69 -53.08
C ALA R 44 -38.34 46.41 -52.89
N PHE R 45 -38.19 45.50 -53.84
CA PHE R 45 -38.82 44.19 -53.71
C PHE R 45 -38.04 43.34 -52.71
N PRO R 46 -38.70 42.82 -51.67
CA PRO R 46 -37.99 42.06 -50.65
C PRO R 46 -37.65 40.65 -51.12
N THR R 47 -36.72 40.02 -50.41
CA THR R 47 -36.35 38.65 -50.70
C THR R 47 -37.52 37.71 -50.42
N PHE R 48 -37.58 36.62 -51.18
CA PHE R 48 -38.71 35.71 -51.13
C PHE R 48 -38.22 34.28 -51.34
N THR R 49 -39.15 33.35 -51.26
CA THR R 49 -38.92 31.96 -51.64
C THR R 49 -39.63 31.57 -52.92
N TYR R 50 -40.90 31.95 -53.07
CA TYR R 50 -41.63 31.82 -54.32
C TYR R 50 -42.63 32.96 -54.40
N TYR R 51 -42.90 33.40 -55.63
CA TYR R 51 -43.75 34.56 -55.86
C TYR R 51 -44.87 34.21 -56.84
N ASN R 52 -46.00 34.90 -56.68
CA ASN R 52 -47.16 34.72 -57.53
C ASN R 52 -47.49 36.04 -58.22
N LEU R 53 -47.79 35.97 -59.51
CA LEU R 53 -48.17 37.13 -60.30
C LEU R 53 -49.65 37.02 -60.68
N TYR R 54 -50.39 38.09 -60.44
CA TYR R 54 -51.83 38.14 -60.72
C TYR R 54 -52.09 39.24 -61.75
N VAL R 55 -52.34 38.83 -62.99
CA VAL R 55 -52.68 39.78 -64.05
C VAL R 55 -54.19 39.80 -64.18
N ASN R 56 -54.80 40.93 -63.81
CA ASN R 56 -56.25 41.10 -63.84
C ASN R 56 -56.96 40.05 -62.99
N GLY R 57 -56.35 39.67 -61.87
CA GLY R 57 -56.91 38.68 -60.97
C GLY R 57 -56.66 37.24 -61.36
N ILE R 58 -55.95 36.99 -62.45
CA ILE R 58 -55.68 35.63 -62.93
C ILE R 58 -54.25 35.27 -62.55
N LEU R 59 -54.10 34.11 -61.90
CA LEU R 59 -52.77 33.64 -61.49
C LEU R 59 -51.99 33.18 -62.72
N GLN R 60 -50.87 33.83 -63.00
CA GLN R 60 -50.07 33.49 -64.15
C GLN R 60 -49.04 32.42 -63.80
N PRO R 61 -48.61 31.61 -64.78
CA PRO R 61 -47.57 30.61 -64.53
C PRO R 61 -46.22 31.25 -64.24
N SER R 62 -45.21 30.41 -64.01
CA SER R 62 -43.87 30.88 -63.67
C SER R 62 -43.02 31.19 -64.89
N VAL R 63 -43.56 31.02 -66.10
CA VAL R 63 -42.79 31.28 -67.32
C VAL R 63 -43.11 32.63 -67.94
N ASN R 64 -44.16 33.31 -67.50
CA ASN R 64 -44.56 34.60 -68.04
C ASN R 64 -44.10 35.78 -67.19
N SER R 65 -43.19 35.54 -66.24
CA SER R 65 -42.73 36.62 -65.37
C SER R 65 -41.33 36.30 -64.86
N SER R 66 -40.60 37.36 -64.52
CA SER R 66 -39.26 37.24 -63.94
C SER R 66 -39.03 38.43 -63.04
N VAL R 67 -38.84 38.19 -61.74
CA VAL R 67 -38.76 39.23 -60.73
C VAL R 67 -37.35 39.25 -60.15
N THR R 68 -36.83 40.46 -59.93
CA THR R 68 -35.54 40.67 -59.29
C THR R 68 -35.75 41.51 -58.03
N THR R 69 -34.99 41.22 -56.99
CA THR R 69 -35.11 41.91 -55.72
C THR R 69 -34.16 43.11 -55.70
N GLY R 70 -34.03 43.74 -54.53
CA GLY R 70 -33.15 44.88 -54.37
C GLY R 70 -33.82 46.20 -54.70
N PRO R 71 -33.15 47.31 -54.42
CA PRO R 71 -33.72 48.63 -54.74
C PRO R 71 -34.00 48.81 -56.22
N THR R 72 -33.19 48.22 -57.10
CA THR R 72 -33.36 48.32 -58.55
C THR R 72 -34.16 47.15 -59.10
N GLY R 73 -35.03 46.55 -58.28
CA GLY R 73 -35.81 45.42 -58.74
C GLY R 73 -36.87 45.81 -59.74
N ALA R 74 -37.23 44.86 -60.60
CA ALA R 74 -38.24 45.08 -61.62
C ALA R 74 -38.77 43.75 -62.10
N ILE R 75 -40.09 43.59 -62.08
CA ILE R 75 -40.73 42.36 -62.54
C ILE R 75 -40.80 42.39 -64.06
N THR R 76 -40.16 41.41 -64.70
CA THR R 76 -40.09 41.35 -66.16
C THR R 76 -41.26 40.53 -66.68
N ILE R 77 -42.27 41.21 -67.20
CA ILE R 77 -43.44 40.55 -67.77
C ILE R 77 -43.40 40.69 -69.28
N PRO R 78 -42.92 39.68 -70.01
CA PRO R 78 -42.88 39.78 -71.47
C PRO R 78 -44.26 39.69 -72.09
N GLY R 79 -44.45 40.40 -73.19
CA GLY R 79 -45.70 40.42 -73.90
C GLY R 79 -46.75 41.35 -73.35
N GLY R 80 -46.43 42.12 -72.31
CA GLY R 80 -47.41 43.02 -71.72
C GLY R 80 -47.61 44.32 -72.49
N ASP R 81 -46.75 44.61 -73.46
CA ASP R 81 -46.91 45.82 -74.25
C ASP R 81 -48.17 45.78 -75.09
N ALA R 82 -48.49 44.63 -75.68
CA ALA R 82 -49.67 44.51 -76.51
C ALA R 82 -50.97 44.59 -75.70
N LEU R 83 -50.90 44.31 -74.40
CA LEU R 83 -52.09 44.37 -73.55
C LEU R 83 -52.44 45.83 -73.23
N ASP R 84 -53.63 46.01 -72.65
CA ASP R 84 -54.09 47.35 -72.30
C ASP R 84 -53.28 47.90 -71.13
N GLY R 85 -53.32 49.22 -71.00
CA GLY R 85 -52.59 49.92 -69.96
C GLY R 85 -53.29 50.00 -68.62
N GLY R 86 -54.56 49.58 -68.54
CA GLY R 86 -55.30 49.61 -67.30
C GLY R 86 -55.40 48.29 -66.57
N ILE R 87 -54.74 47.25 -67.06
CA ILE R 87 -54.79 45.93 -66.44
C ILE R 87 -54.07 45.97 -65.10
N PRO R 88 -54.75 45.64 -64.00
CA PRO R 88 -54.06 45.64 -62.70
C PRO R 88 -53.03 44.52 -62.61
N ILE R 89 -52.02 44.75 -61.79
CA ILE R 89 -50.98 43.77 -61.52
C ILE R 89 -50.86 43.60 -60.01
N THR R 90 -50.84 42.35 -59.55
CA THR R 90 -50.72 42.04 -58.13
C THR R 90 -49.58 41.02 -57.97
N ILE R 91 -48.50 41.45 -57.34
CA ILE R 91 -47.32 40.61 -57.17
C ILE R 91 -47.23 40.23 -55.69
N GLU R 92 -47.32 38.94 -55.39
CA GLU R 92 -47.33 38.44 -54.03
C GLU R 92 -46.05 37.68 -53.75
N PHE R 93 -45.29 38.13 -52.74
CA PHE R 93 -44.07 37.47 -52.31
C PHE R 93 -44.32 36.74 -50.99
N ILE R 94 -43.92 35.48 -50.94
CA ILE R 94 -44.05 34.67 -49.74
C ILE R 94 -42.67 34.62 -49.08
N VAL R 95 -42.49 35.40 -48.03
CA VAL R 95 -41.21 35.49 -47.33
C VAL R 95 -41.28 34.54 -46.13
N THR R 96 -40.55 33.43 -46.22
CA THR R 96 -40.52 32.45 -45.14
C THR R 96 -39.10 32.21 -44.66
N PRO S 2 -29.53 6.76 -4.98
CA PRO S 2 -29.75 6.31 -6.36
C PRO S 2 -28.46 6.25 -7.17
N ILE S 3 -28.56 5.79 -8.42
CA ILE S 3 -27.38 5.69 -9.28
C ILE S 3 -27.06 7.07 -9.83
N ILE S 4 -25.83 7.52 -9.63
CA ILE S 4 -25.40 8.82 -10.12
C ILE S 4 -25.24 8.76 -11.64
N GLN S 5 -25.79 9.77 -12.32
CA GLN S 5 -25.73 9.84 -13.78
C GLN S 5 -25.03 11.12 -14.21
N PRO S 6 -24.41 11.13 -15.39
CA PRO S 6 -23.75 12.35 -15.87
C PRO S 6 -24.75 13.49 -16.03
N PHE S 7 -24.30 14.70 -15.68
CA PHE S 7 -25.14 15.88 -15.74
C PHE S 7 -25.05 16.53 -17.10
N MET S 8 -26.21 16.86 -17.67
CA MET S 8 -26.28 17.55 -18.95
C MET S 8 -27.55 18.38 -18.97
N ALA S 9 -27.45 19.57 -19.55
CA ALA S 9 -28.56 20.51 -19.54
C ALA S 9 -28.54 21.34 -20.82
N SER S 10 -29.73 21.73 -21.26
CA SER S 10 -29.91 22.53 -22.46
C SER S 10 -30.51 23.87 -22.08
N ARG S 11 -29.85 24.96 -22.46
CA ARG S 11 -30.34 26.31 -22.22
C ARG S 11 -30.73 26.93 -23.57
N ARG S 12 -32.00 27.30 -23.70
CA ARG S 12 -32.55 27.80 -24.95
C ARG S 12 -32.95 29.26 -24.78
N PHE S 13 -32.46 30.10 -25.69
CA PHE S 13 -32.79 31.52 -25.72
C PHE S 13 -33.51 31.84 -27.02
N THR S 14 -34.62 32.57 -26.91
CA THR S 14 -35.47 32.87 -28.05
C THR S 14 -35.53 34.37 -28.29
N SER S 15 -35.41 34.76 -29.55
CA SER S 15 -35.49 36.16 -29.95
C SER S 15 -35.92 36.22 -31.42
N THR S 16 -35.78 37.40 -32.02
CA THR S 16 -36.13 37.60 -33.42
C THR S 16 -35.00 38.36 -34.11
N LEU S 17 -34.96 38.24 -35.45
CA LEU S 17 -33.93 38.92 -36.22
C LEU S 17 -34.12 40.43 -36.24
N GLY S 18 -35.27 40.93 -35.78
CA GLY S 18 -35.54 42.35 -35.74
C GLY S 18 -34.96 43.08 -34.55
N ALA S 19 -34.24 42.39 -33.68
CA ALA S 19 -33.64 42.98 -32.49
C ALA S 19 -32.12 42.94 -32.57
N GLY S 20 -31.58 43.17 -33.77
CA GLY S 20 -30.15 43.17 -34.00
C GLY S 20 -29.60 44.58 -34.14
N THR S 21 -28.26 44.66 -34.10
CA THR S 21 -27.55 45.92 -34.19
C THR S 21 -26.52 45.85 -35.32
N GLY S 22 -26.35 46.96 -36.03
CA GLY S 22 -25.38 47.04 -37.10
C GLY S 22 -25.83 46.32 -38.35
N THR S 23 -24.95 46.33 -39.35
CA THR S 23 -25.18 45.67 -40.63
C THR S 23 -23.90 44.97 -41.08
N GLY S 24 -24.06 43.96 -41.91
CA GLY S 24 -22.92 43.22 -42.43
C GLY S 24 -22.56 42.06 -41.52
N ALA S 25 -21.28 41.95 -41.18
CA ALA S 25 -20.79 40.90 -40.31
C ALA S 25 -20.86 41.29 -38.83
N ALA S 26 -21.36 42.48 -38.53
CA ALA S 26 -21.50 42.93 -37.15
C ALA S 26 -22.91 42.74 -36.60
N PHE S 27 -23.81 42.14 -37.38
CA PHE S 27 -25.17 41.90 -36.92
C PHE S 27 -25.16 40.93 -35.73
N ALA S 28 -25.54 41.44 -34.56
CA ALA S 28 -25.48 40.65 -33.33
C ALA S 28 -26.75 40.86 -32.53
N ILE S 29 -27.24 39.79 -31.92
CA ILE S 29 -28.40 39.84 -31.03
C ILE S 29 -27.87 39.81 -29.59
N ALA S 30 -28.12 40.90 -28.86
CA ALA S 30 -27.60 41.02 -27.50
C ALA S 30 -28.27 40.00 -26.58
N ALA S 31 -27.51 39.57 -25.57
CA ALA S 31 -28.03 38.64 -24.57
C ALA S 31 -29.11 39.25 -23.70
N THR S 32 -29.18 40.58 -23.64
CA THR S 32 -30.20 41.28 -22.86
C THR S 32 -31.50 41.45 -23.63
N ALA S 33 -31.55 41.01 -24.89
CA ALA S 33 -32.76 41.08 -25.70
C ALA S 33 -33.17 39.69 -26.17
N CYS S 34 -32.83 38.66 -25.40
CA CYS S 34 -33.14 37.27 -25.73
C CYS S 34 -33.85 36.64 -24.55
N LEU S 35 -35.07 36.15 -24.79
CA LEU S 35 -35.82 35.48 -23.73
C LEU S 35 -35.32 34.05 -23.55
N ASN S 36 -35.02 33.68 -22.31
CA ASN S 36 -34.48 32.36 -22.02
C ASN S 36 -35.63 31.34 -21.97
N ASP S 37 -35.33 30.14 -21.50
CA ASP S 37 -36.31 29.05 -21.43
C ASP S 37 -37.35 29.23 -20.33
N ALA S 38 -37.44 30.40 -19.68
CA ALA S 38 -38.43 30.64 -18.63
C ALA S 38 -39.54 31.57 -19.06
N GLY S 39 -39.30 32.46 -20.02
CA GLY S 39 -40.33 33.37 -20.49
C GLY S 39 -40.09 34.80 -20.05
N THR S 40 -38.87 35.11 -19.63
CA THR S 40 -38.51 36.44 -19.16
C THR S 40 -37.26 36.91 -19.89
N THR S 41 -36.94 38.19 -19.70
CA THR S 41 -35.73 38.76 -20.30
C THR S 41 -34.50 38.23 -19.58
N ALA S 42 -33.61 37.57 -20.32
CA ALA S 42 -32.43 36.98 -19.73
C ALA S 42 -31.37 38.06 -19.46
N THR S 43 -30.25 37.63 -18.91
CA THR S 43 -29.16 38.55 -18.55
C THR S 43 -27.82 38.21 -19.18
N ALA S 44 -27.42 36.94 -19.21
CA ALA S 44 -26.10 36.58 -19.73
C ALA S 44 -26.17 35.19 -20.35
N PHE S 45 -25.43 35.01 -21.44
CA PHE S 45 -25.32 33.70 -22.05
C PHE S 45 -24.39 32.82 -21.22
N PRO S 46 -24.83 31.65 -20.79
CA PRO S 46 -24.00 30.81 -19.93
C PRO S 46 -22.92 30.08 -20.72
N THR S 47 -21.93 29.58 -19.99
CA THR S 47 -20.86 28.79 -20.61
C THR S 47 -21.42 27.49 -21.17
N PHE S 48 -20.79 27.01 -22.24
CA PHE S 48 -21.29 25.85 -22.96
C PHE S 48 -20.11 25.03 -23.48
N THR S 49 -20.44 23.92 -24.12
CA THR S 49 -19.47 23.12 -24.86
C THR S 49 -19.68 23.20 -26.37
N TYR S 50 -20.93 23.09 -26.82
CA TYR S 50 -21.28 23.34 -28.21
C TYR S 50 -22.70 23.90 -28.24
N TYR S 51 -22.96 24.77 -29.22
CA TYR S 51 -24.23 25.47 -29.31
C TYR S 51 -24.84 25.27 -30.70
N ASN S 52 -26.17 25.30 -30.74
CA ASN S 52 -26.94 25.15 -31.97
C ASN S 52 -27.77 26.40 -32.19
N LEU S 53 -27.79 26.89 -33.42
CA LEU S 53 -28.59 28.05 -33.82
C LEU S 53 -29.71 27.61 -34.73
N TYR S 54 -30.93 28.04 -34.42
CA TYR S 54 -32.13 27.68 -35.18
C TYR S 54 -32.74 28.96 -35.75
N VAL S 55 -32.55 29.18 -37.03
CA VAL S 55 -33.16 30.33 -37.72
C VAL S 55 -34.43 29.84 -38.40
N ASN S 56 -35.58 30.29 -37.90
CA ASN S 56 -36.89 29.89 -38.41
C ASN S 56 -37.09 28.38 -38.34
N GLY S 57 -36.55 27.75 -37.30
CA GLY S 57 -36.66 26.32 -37.12
C GLY S 57 -35.66 25.49 -37.89
N ILE S 58 -34.75 26.11 -38.63
CA ILE S 58 -33.76 25.41 -39.44
C ILE S 58 -32.42 25.46 -38.72
N LEU S 59 -31.80 24.30 -38.53
CA LEU S 59 -30.51 24.23 -37.85
C LEU S 59 -29.42 24.78 -38.77
N GLN S 60 -28.76 25.85 -38.34
CA GLN S 60 -27.72 26.48 -39.14
C GLN S 60 -26.36 25.85 -38.84
N PRO S 61 -25.44 25.88 -39.81
CA PRO S 61 -24.08 25.36 -39.57
C PRO S 61 -23.31 26.22 -38.57
N SER S 62 -22.07 25.83 -38.30
CA SER S 62 -21.23 26.53 -37.34
C SER S 62 -20.48 27.71 -37.94
N VAL S 63 -20.66 27.99 -39.22
CA VAL S 63 -19.95 29.09 -39.87
C VAL S 63 -20.81 30.34 -40.02
N ASN S 64 -22.12 30.24 -39.80
CA ASN S 64 -23.03 31.37 -39.93
C ASN S 64 -23.37 32.03 -38.59
N SER S 65 -22.63 31.71 -37.53
CA SER S 65 -22.93 32.27 -36.22
C SER S 65 -21.66 32.28 -35.38
N SER S 66 -21.64 33.20 -34.42
CA SER S 66 -20.54 33.32 -33.46
C SER S 66 -21.10 33.88 -32.17
N VAL S 67 -21.01 33.10 -31.09
CA VAL S 67 -21.63 33.44 -29.82
C VAL S 67 -20.55 33.69 -28.77
N THR S 68 -20.76 34.71 -27.95
CA THR S 68 -19.88 35.03 -26.83
C THR S 68 -20.68 34.97 -25.54
N THR S 69 -20.05 34.49 -24.48
CA THR S 69 -20.70 34.34 -23.18
C THR S 69 -20.52 35.62 -22.36
N GLY S 70 -20.91 35.57 -21.08
CA GLY S 70 -20.78 36.69 -20.20
C GLY S 70 -21.96 37.63 -20.25
N PRO S 71 -22.01 38.61 -19.34
CA PRO S 71 -23.10 39.58 -19.35
C PRO S 71 -23.20 40.37 -20.64
N THR S 72 -22.08 40.65 -21.29
CA THR S 72 -22.06 41.40 -22.54
C THR S 72 -22.05 40.48 -23.75
N GLY S 73 -22.61 39.27 -23.61
CA GLY S 73 -22.61 38.33 -24.71
C GLY S 73 -23.55 38.75 -25.83
N ALA S 74 -23.23 38.31 -27.04
CA ALA S 74 -24.04 38.63 -28.21
C ALA S 74 -23.74 37.63 -29.31
N ILE S 75 -24.77 37.00 -29.84
CA ILE S 75 -24.61 36.04 -30.94
C ILE S 75 -24.45 36.81 -32.24
N THR S 76 -23.31 36.61 -32.91
CA THR S 76 -22.99 37.33 -34.14
C THR S 76 -23.48 36.52 -35.32
N ILE S 77 -24.60 36.93 -35.90
CA ILE S 77 -25.16 36.27 -37.07
C ILE S 77 -24.97 37.15 -38.29
N PRO S 78 -23.93 36.92 -39.09
CA PRO S 78 -23.72 37.76 -40.28
C PRO S 78 -24.75 37.48 -41.36
N GLY S 79 -25.09 38.53 -42.10
CA GLY S 79 -26.04 38.43 -43.18
C GLY S 79 -27.50 38.48 -42.76
N GLY S 80 -27.79 38.66 -41.48
CA GLY S 80 -29.16 38.71 -41.01
C GLY S 80 -29.88 40.02 -41.27
N ASP S 81 -29.14 41.07 -41.66
CA ASP S 81 -29.78 42.35 -41.93
C ASP S 81 -30.70 42.27 -43.14
N ALA S 82 -30.28 41.55 -44.19
CA ALA S 82 -31.10 41.43 -45.40
C ALA S 82 -32.35 40.60 -45.16
N LEU S 83 -32.36 39.75 -44.14
CA LEU S 83 -33.52 38.93 -43.85
C LEU S 83 -34.62 39.76 -43.19
N ASP S 84 -35.80 39.16 -43.07
CA ASP S 84 -36.93 39.84 -42.46
C ASP S 84 -36.71 39.99 -40.94
N GLY S 85 -37.44 40.94 -40.35
CA GLY S 85 -37.34 41.22 -38.94
C GLY S 85 -38.18 40.34 -38.05
N GLY S 86 -39.05 39.51 -38.61
CA GLY S 86 -39.88 38.62 -37.84
C GLY S 86 -39.41 37.19 -37.75
N ILE S 87 -38.24 36.87 -38.30
CA ILE S 87 -37.72 35.51 -38.28
C ILE S 87 -37.33 35.14 -36.85
N PRO S 88 -37.90 34.08 -36.30
CA PRO S 88 -37.54 33.67 -34.93
C PRO S 88 -36.11 33.13 -34.88
N ILE S 89 -35.50 33.28 -33.71
CA ILE S 89 -34.16 32.77 -33.45
C ILE S 89 -34.21 31.92 -32.18
N THR S 90 -33.61 30.73 -32.24
CA THR S 90 -33.58 29.81 -31.12
C THR S 90 -32.13 29.36 -30.92
N ILE S 91 -31.53 29.78 -29.83
CA ILE S 91 -30.13 29.49 -29.53
C ILE S 91 -30.10 28.48 -28.39
N GLU S 92 -29.55 27.29 -28.65
CA GLU S 92 -29.53 26.20 -27.68
C GLU S 92 -28.10 25.96 -27.24
N PHE S 93 -27.85 26.07 -25.93
CA PHE S 93 -26.54 25.81 -25.34
C PHE S 93 -26.58 24.48 -24.59
N ILE S 94 -25.62 23.62 -24.86
CA ILE S 94 -25.50 22.33 -24.19
C ILE S 94 -24.41 22.47 -23.13
N VAL S 95 -24.82 22.62 -21.88
CA VAL S 95 -23.90 22.81 -20.77
C VAL S 95 -23.66 21.45 -20.13
N THR S 96 -22.46 20.90 -20.34
CA THR S 96 -22.09 19.61 -19.78
C THR S 96 -20.85 19.71 -18.92
N PRO T 2 -5.96 -16.57 8.94
CA PRO T 2 -5.71 -16.31 7.52
C PRO T 2 -4.46 -15.46 7.29
N ILE T 3 -4.11 -15.21 6.04
CA ILE T 3 -2.93 -14.42 5.72
C ILE T 3 -3.28 -12.94 5.88
N ILE T 4 -2.50 -12.23 6.69
CA ILE T 4 -2.72 -10.81 6.92
C ILE T 4 -2.32 -10.02 5.68
N GLN T 5 -3.18 -9.10 5.25
CA GLN T 5 -2.94 -8.30 4.07
C GLN T 5 -2.95 -6.82 4.44
N PRO T 6 -2.24 -5.98 3.68
CA PRO T 6 -2.23 -4.54 3.98
C PRO T 6 -3.63 -3.96 3.89
N PHE T 7 -3.92 -3.02 4.79
CA PHE T 7 -5.24 -2.39 4.87
C PHE T 7 -5.27 -1.16 3.98
N MET T 8 -6.33 -1.06 3.18
CA MET T 8 -6.54 0.10 2.33
C MET T 8 -8.04 0.29 2.13
N ALA T 9 -8.47 1.55 2.12
CA ALA T 9 -9.89 1.84 2.05
C ALA T 9 -10.10 3.15 1.29
N SER T 10 -11.24 3.22 0.61
CA SER T 10 -11.61 4.39 -0.19
C SER T 10 -12.87 5.01 0.41
N ARG T 11 -12.79 6.30 0.74
CA ARG T 11 -13.94 7.04 1.25
C ARG T 11 -14.38 8.05 0.19
N ARG T 12 -15.62 7.94 -0.26
CA ARG T 12 -16.14 8.75 -1.35
C ARG T 12 -17.25 9.65 -0.83
N PHE T 13 -17.12 10.95 -1.10
CA PHE T 13 -18.12 11.94 -0.72
C PHE T 13 -18.69 12.57 -1.98
N THR T 14 -20.02 12.67 -2.04
CA THR T 14 -20.72 13.16 -3.22
C THR T 14 -21.50 14.43 -2.89
N SER T 15 -21.40 15.42 -3.76
CA SER T 15 -22.12 16.67 -3.61
C SER T 15 -22.28 17.30 -5.00
N THR T 16 -22.67 18.57 -5.03
CA THR T 16 -22.85 19.32 -6.26
C THR T 16 -22.17 20.67 -6.14
N LEU T 17 -21.88 21.27 -7.30
CA LEU T 17 -21.23 22.57 -7.32
C LEU T 17 -22.15 23.69 -6.84
N GLY T 18 -23.45 23.42 -6.71
CA GLY T 18 -24.40 24.40 -6.25
C GLY T 18 -24.48 24.57 -4.75
N ALA T 19 -23.66 23.86 -4.00
CA ALA T 19 -23.64 23.95 -2.54
C ALA T 19 -22.32 24.53 -2.05
N GLY T 20 -21.79 25.52 -2.77
CA GLY T 20 -20.55 26.17 -2.42
C GLY T 20 -20.77 27.55 -1.81
N THR T 21 -19.70 28.08 -1.24
CA THR T 21 -19.72 29.38 -0.58
C THR T 21 -18.64 30.27 -1.17
N GLY T 22 -18.95 31.56 -1.30
CA GLY T 22 -18.01 32.52 -1.81
C GLY T 22 -17.82 32.44 -3.31
N THR T 23 -16.92 33.29 -3.82
CA THR T 23 -16.58 33.33 -5.23
C THR T 23 -15.07 33.50 -5.38
N GLY T 24 -14.56 33.08 -6.53
CA GLY T 24 -13.14 33.20 -6.81
C GLY T 24 -12.38 31.97 -6.32
N ALA T 25 -11.29 32.19 -5.59
CA ALA T 25 -10.49 31.12 -5.05
C ALA T 25 -10.97 30.64 -3.68
N ALA T 26 -12.06 31.23 -3.17
CA ALA T 26 -12.62 30.82 -1.89
C ALA T 26 -13.80 29.86 -2.04
N PHE T 27 -14.13 29.46 -3.26
CA PHE T 27 -15.23 28.53 -3.47
C PHE T 27 -14.92 27.18 -2.82
N ALA T 28 -15.68 26.84 -1.78
CA ALA T 28 -15.42 25.63 -1.01
C ALA T 28 -16.72 24.90 -0.74
N ILE T 29 -16.68 23.58 -0.80
CA ILE T 29 -17.83 22.74 -0.47
C ILE T 29 -17.60 22.19 0.94
N ALA T 30 -18.47 22.56 1.87
CA ALA T 30 -18.31 22.16 3.25
C ALA T 30 -18.50 20.64 3.41
N ALA T 31 -17.79 20.10 4.40
CA ALA T 31 -17.91 18.67 4.69
C ALA T 31 -19.28 18.30 5.26
N THR T 32 -20.03 19.27 5.78
CA THR T 32 -21.37 19.03 6.30
C THR T 32 -22.43 19.06 5.22
N ALA T 33 -22.05 19.34 3.97
CA ALA T 33 -22.99 19.35 2.85
C ALA T 33 -22.55 18.36 1.78
N CYS T 34 -21.86 17.29 2.18
CA CYS T 34 -21.36 16.27 1.27
C CYS T 34 -21.82 14.91 1.76
N LEU T 35 -22.56 14.20 0.91
CA LEU T 35 -23.02 12.86 1.27
C LEU T 35 -21.89 11.85 1.09
N ASN T 36 -21.64 11.06 2.12
CA ASN T 36 -20.56 10.08 2.09
C ASN T 36 -21.02 8.84 1.31
N ASP T 37 -20.23 7.77 1.39
CA ASP T 37 -20.51 6.53 0.67
C ASP T 37 -21.66 5.71 1.28
N ALA T 38 -22.43 6.27 2.22
CA ALA T 38 -23.54 5.55 2.82
C ALA T 38 -24.91 6.06 2.38
N GLY T 39 -25.00 7.34 1.99
CA GLY T 39 -26.26 7.90 1.54
C GLY T 39 -26.87 8.88 2.53
N THR T 40 -26.05 9.36 3.46
CA THR T 40 -26.49 10.29 4.48
C THR T 40 -25.57 11.50 4.52
N THR T 41 -25.98 12.52 5.28
CA THR T 41 -25.16 13.70 5.44
C THR T 41 -23.96 13.39 6.32
N ALA T 42 -22.76 13.58 5.79
CA ALA T 42 -21.54 13.28 6.51
C ALA T 42 -21.25 14.37 7.54
N THR T 43 -20.16 14.19 8.29
CA THR T 43 -19.77 15.12 9.34
C THR T 43 -18.37 15.68 9.19
N ALA T 44 -17.37 14.86 8.84
CA ALA T 44 -15.99 15.34 8.78
C ALA T 44 -15.24 14.55 7.71
N PHE T 45 -14.35 15.24 7.00
CA PHE T 45 -13.49 14.58 6.04
C PHE T 45 -12.39 13.82 6.78
N PRO T 46 -12.23 12.53 6.54
CA PRO T 46 -11.23 11.75 7.27
C PRO T 46 -9.82 11.99 6.74
N THR T 47 -8.85 11.60 7.55
CA THR T 47 -7.45 11.70 7.14
C THR T 47 -7.17 10.76 5.97
N PHE T 48 -6.22 11.17 5.13
CA PHE T 48 -5.94 10.45 3.90
C PHE T 48 -4.45 10.53 3.61
N THR T 49 -4.05 9.86 2.52
CA THR T 49 -2.71 9.97 1.97
C THR T 49 -2.69 10.73 0.64
N TYR T 50 -3.61 10.40 -0.26
CA TYR T 50 -3.83 11.18 -1.48
C TYR T 50 -5.31 11.09 -1.83
N TYR T 51 -5.81 12.16 -2.45
CA TYR T 51 -7.23 12.27 -2.75
C TYR T 51 -7.43 12.59 -4.23
N ASN T 52 -8.57 12.14 -4.75
CA ASN T 52 -8.94 12.36 -6.14
C ASN T 52 -10.26 13.13 -6.19
N LEU T 53 -10.33 14.13 -7.06
CA LEU T 53 -11.54 14.93 -7.27
C LEU T 53 -12.12 14.63 -8.63
N TYR T 54 -13.42 14.34 -8.67
CA TYR T 54 -14.12 14.00 -9.91
C TYR T 54 -15.21 15.04 -10.15
N VAL T 55 -14.96 15.95 -11.09
CA VAL T 55 -15.95 16.95 -11.47
C VAL T 55 -16.66 16.44 -12.71
N ASN T 56 -17.95 16.12 -12.55
CA ASN T 56 -18.78 15.57 -13.63
C ASN T 56 -18.18 14.29 -14.22
N GLY T 57 -17.57 13.48 -13.36
CA GLY T 57 -16.95 12.23 -13.78
C GLY T 57 -15.56 12.36 -14.35
N ILE T 58 -15.00 13.56 -14.41
CA ILE T 58 -13.68 13.79 -14.98
C ILE T 58 -12.68 13.97 -13.84
N LEU T 59 -11.60 13.21 -13.87
CA LEU T 59 -10.57 13.29 -12.83
C LEU T 59 -9.79 14.59 -13.00
N GLN T 60 -9.85 15.45 -11.98
CA GLN T 60 -9.17 16.73 -12.03
C GLN T 60 -7.74 16.60 -11.50
N PRO T 61 -6.83 17.46 -11.96
CA PRO T 61 -5.45 17.45 -11.42
C PRO T 61 -5.39 17.90 -9.97
N SER T 62 -4.19 17.93 -9.41
CA SER T 62 -3.99 18.29 -8.01
C SER T 62 -3.86 19.79 -7.80
N VAL T 63 -3.95 20.60 -8.85
CA VAL T 63 -3.82 22.04 -8.73
C VAL T 63 -5.16 22.77 -8.72
N ASN T 64 -6.26 22.08 -9.06
CA ASN T 64 -7.57 22.69 -9.10
C ASN T 64 -8.41 22.39 -7.86
N SER T 65 -7.79 21.88 -6.80
CA SER T 65 -8.53 21.54 -5.59
C SER T 65 -7.60 21.60 -4.39
N SER T 66 -8.20 21.83 -3.23
CA SER T 66 -7.48 21.86 -1.95
C SER T 66 -8.44 21.43 -0.87
N VAL T 67 -8.14 20.30 -0.21
CA VAL T 67 -9.04 19.69 0.76
C VAL T 67 -8.40 19.76 2.15
N THR T 68 -9.23 20.06 3.15
CA THR T 68 -8.83 20.07 4.55
C THR T 68 -9.68 19.06 5.32
N THR T 69 -9.06 18.39 6.29
CA THR T 69 -9.75 17.38 7.08
C THR T 69 -10.37 18.02 8.31
N GLY T 70 -10.87 17.19 9.22
CA GLY T 70 -11.48 17.66 10.45
C GLY T 70 -12.95 17.97 10.30
N PRO T 71 -13.62 18.25 11.41
CA PRO T 71 -15.05 18.59 11.35
C PRO T 71 -15.34 19.82 10.51
N THR T 72 -14.43 20.81 10.49
CA THR T 72 -14.59 22.02 9.71
C THR T 72 -13.92 21.92 8.34
N GLY T 73 -13.80 20.70 7.81
CA GLY T 73 -13.15 20.54 6.53
C GLY T 73 -13.99 21.06 5.38
N ALA T 74 -13.30 21.46 4.31
CA ALA T 74 -13.97 21.99 3.13
C ALA T 74 -13.03 21.89 1.94
N ILE T 75 -13.50 21.29 0.86
CA ILE T 75 -12.70 21.16 -0.36
C ILE T 75 -12.76 22.48 -1.11
N THR T 76 -11.59 23.09 -1.32
CA THR T 76 -11.49 24.39 -1.98
C THR T 76 -11.30 24.18 -3.47
N ILE T 77 -12.37 24.38 -4.23
CA ILE T 77 -12.32 24.24 -5.69
C ILE T 77 -12.42 25.62 -6.31
N PRO T 78 -11.30 26.23 -6.69
CA PRO T 78 -11.36 27.57 -7.30
C PRO T 78 -11.93 27.52 -8.71
N GLY T 79 -12.63 28.58 -9.08
CA GLY T 79 -13.22 28.68 -10.40
C GLY T 79 -14.54 27.96 -10.58
N GLY T 80 -15.08 27.35 -9.53
CA GLY T 80 -16.33 26.63 -9.64
C GLY T 80 -17.57 27.52 -9.65
N ASP T 81 -17.42 28.80 -9.30
CA ASP T 81 -18.57 29.70 -9.31
C ASP T 81 -19.12 29.90 -10.71
N ALA T 82 -18.23 30.03 -11.70
CA ALA T 82 -18.68 30.24 -13.08
C ALA T 82 -19.35 29.01 -13.67
N LEU T 83 -19.09 27.82 -13.12
CA LEU T 83 -19.69 26.60 -13.63
C LEU T 83 -21.14 26.50 -13.16
N ASP T 84 -21.86 25.53 -13.74
CA ASP T 84 -23.26 25.33 -13.39
C ASP T 84 -23.38 24.76 -11.98
N GLY T 85 -24.57 24.93 -11.40
CA GLY T 85 -24.86 24.46 -10.07
C GLY T 85 -25.26 23.01 -9.96
N GLY T 86 -25.48 22.32 -11.07
CA GLY T 86 -25.85 20.93 -11.06
C GLY T 86 -24.74 19.95 -11.33
N ILE T 87 -23.50 20.42 -11.48
CA ILE T 87 -22.36 19.56 -11.76
C ILE T 87 -22.07 18.68 -10.54
N PRO T 88 -22.10 17.36 -10.68
CA PRO T 88 -21.79 16.50 -9.54
C PRO T 88 -20.32 16.59 -9.15
N ILE T 89 -20.06 16.34 -7.87
CA ILE T 89 -18.71 16.32 -7.32
C ILE T 89 -18.52 15.00 -6.59
N THR T 90 -17.40 14.32 -6.87
CA THR T 90 -17.07 13.05 -6.23
C THR T 90 -15.65 13.15 -5.68
N ILE T 91 -15.53 13.15 -4.36
CA ILE T 91 -14.24 13.29 -3.70
C ILE T 91 -13.88 11.94 -3.08
N GLU T 92 -12.78 11.35 -3.53
CA GLU T 92 -12.34 10.03 -3.10
C GLU T 92 -11.08 10.15 -2.27
N PHE T 93 -11.13 9.67 -1.03
CA PHE T 93 -9.98 9.66 -0.14
C PHE T 93 -9.46 8.23 0.00
N ILE T 94 -8.16 8.06 -0.19
CA ILE T 94 -7.50 6.76 -0.05
C ILE T 94 -6.82 6.76 1.31
N VAL T 95 -7.44 6.08 2.27
CA VAL T 95 -6.94 6.01 3.64
C VAL T 95 -6.12 4.72 3.76
N THR T 96 -4.81 4.85 3.85
CA THR T 96 -3.93 3.69 3.98
C THR T 96 -3.06 3.80 5.22
N PRO U 2 23.69 -32.90 21.07
CA PRO U 2 24.01 -31.87 20.06
C PRO U 2 24.66 -30.63 20.67
N ILE U 3 25.02 -29.67 19.82
CA ILE U 3 25.66 -28.45 20.30
C ILE U 3 24.59 -27.52 20.85
N ILE U 4 24.77 -27.08 22.10
CA ILE U 4 23.81 -26.18 22.72
C ILE U 4 23.95 -24.79 22.11
N GLN U 5 22.81 -24.19 21.77
CA GLN U 5 22.79 -22.87 21.16
C GLN U 5 21.97 -21.91 22.02
N PRO U 6 22.26 -20.61 21.95
CA PRO U 6 21.48 -19.65 22.73
C PRO U 6 20.01 -19.67 22.35
N PHE U 7 19.15 -19.51 23.35
CA PHE U 7 17.71 -19.55 23.15
C PHE U 7 17.18 -18.16 22.83
N MET U 8 16.36 -18.07 21.78
CA MET U 8 15.73 -16.82 21.41
C MET U 8 14.39 -17.14 20.75
N ALA U 9 13.40 -16.31 21.04
CA ALA U 9 12.05 -16.58 20.55
C ALA U 9 11.33 -15.26 20.31
N SER U 10 10.43 -15.28 19.33
CA SER U 10 9.64 -14.11 18.95
C SER U 10 8.17 -14.41 19.20
N ARG U 11 7.53 -13.56 19.99
CA ARG U 11 6.10 -13.65 20.25
C ARG U 11 5.39 -12.51 19.57
N ARG U 12 4.46 -12.83 18.66
CA ARG U 12 3.77 -11.84 17.85
C ARG U 12 2.29 -11.82 18.20
N PHE U 13 1.78 -10.64 18.50
CA PHE U 13 0.37 -10.43 18.81
C PHE U 13 -0.24 -9.51 17.76
N THR U 14 -1.40 -9.91 17.23
CA THR U 14 -2.06 -9.19 16.16
C THR U 14 -3.41 -8.67 16.60
N SER U 15 -3.70 -7.43 16.26
CA SER U 15 -4.97 -6.79 16.59
C SER U 15 -5.22 -5.66 15.59
N THR U 16 -6.19 -4.80 15.89
CA THR U 16 -6.53 -3.67 15.04
C THR U 16 -6.67 -2.42 15.90
N LEU U 17 -6.54 -1.26 15.26
CA LEU U 17 -6.66 0.00 15.97
C LEU U 17 -8.08 0.28 16.43
N GLY U 18 -9.06 -0.49 15.95
CA GLY U 18 -10.44 -0.31 16.34
C GLY U 18 -10.84 -0.96 17.65
N ALA U 19 -9.89 -1.60 18.34
CA ALA U 19 -10.14 -2.26 19.61
C ALA U 19 -9.40 -1.55 20.74
N GLY U 20 -9.35 -0.23 20.70
CA GLY U 20 -8.69 0.56 21.70
C GLY U 20 -9.68 1.24 22.65
N THR U 21 -9.13 1.77 23.74
CA THR U 21 -9.91 2.43 24.77
C THR U 21 -9.37 3.83 25.01
N GLY U 22 -10.27 4.78 25.26
CA GLY U 22 -9.88 6.14 25.54
C GLY U 22 -9.44 6.90 24.31
N THR U 23 -9.04 8.16 24.54
CA THR U 23 -8.56 9.03 23.49
C THR U 23 -7.34 9.81 24.00
N GLY U 24 -6.51 10.25 23.06
CA GLY U 24 -5.33 11.02 23.41
C GLY U 24 -4.13 10.10 23.65
N ALA U 25 -3.45 10.32 24.77
CA ALA U 25 -2.30 9.51 25.13
C ALA U 25 -2.67 8.27 25.93
N ALA U 26 -3.97 8.05 26.17
CA ALA U 26 -4.44 6.88 26.89
C ALA U 26 -4.93 5.77 25.96
N PHE U 27 -4.81 5.95 24.65
CA PHE U 27 -5.23 4.92 23.71
C PHE U 27 -4.38 3.67 23.89
N ALA U 28 -5.01 2.59 24.34
CA ALA U 28 -4.30 1.35 24.65
C ALA U 28 -5.07 0.16 24.12
N ILE U 29 -4.35 -0.81 23.59
CA ILE U 29 -4.94 -2.07 23.12
C ILE U 29 -4.68 -3.12 24.20
N ALA U 30 -5.76 -3.63 24.79
CA ALA U 30 -5.63 -4.59 25.88
C ALA U 30 -5.04 -5.90 25.39
N ALA U 31 -4.32 -6.57 26.29
CA ALA U 31 -3.74 -7.88 25.97
C ALA U 31 -4.80 -8.95 25.78
N THR U 32 -6.00 -8.75 26.30
CA THR U 32 -7.09 -9.71 26.14
C THR U 32 -7.85 -9.52 24.84
N ALA U 33 -7.48 -8.54 24.03
CA ALA U 33 -8.09 -8.31 22.72
C ALA U 33 -7.05 -8.38 21.62
N CYS U 34 -5.98 -9.14 21.83
CA CYS U 34 -4.90 -9.29 20.87
C CYS U 34 -4.67 -10.76 20.60
N LEU U 35 -4.79 -11.17 19.34
CA LEU U 35 -4.56 -12.56 18.98
C LEU U 35 -3.06 -12.83 18.88
N ASN U 36 -2.60 -13.88 19.55
CA ASN U 36 -1.18 -14.21 19.56
C ASN U 36 -0.82 -14.95 18.28
N ASP U 37 0.38 -15.53 18.25
CA ASP U 37 0.89 -16.23 17.07
C ASP U 37 0.25 -17.60 16.85
N ALA U 38 -0.83 -17.94 17.56
CA ALA U 38 -1.51 -19.22 17.38
C ALA U 38 -2.85 -19.10 16.68
N GLY U 39 -3.52 -17.95 16.79
CA GLY U 39 -4.81 -17.76 16.14
C GLY U 39 -5.96 -17.73 17.10
N THR U 40 -5.67 -17.52 18.38
CA THR U 40 -6.68 -17.49 19.43
C THR U 40 -6.52 -16.22 20.25
N THR U 41 -7.50 -15.98 21.11
CA THR U 41 -7.45 -14.82 22.00
C THR U 41 -6.41 -15.07 23.09
N ALA U 42 -5.41 -14.19 23.17
CA ALA U 42 -4.34 -14.35 24.13
C ALA U 42 -4.81 -13.90 25.52
N THR U 43 -3.91 -14.01 26.50
CA THR U 43 -4.23 -13.68 27.88
C THR U 43 -3.30 -12.64 28.50
N ALA U 44 -1.98 -12.73 28.28
CA ALA U 44 -1.05 -11.81 28.92
C ALA U 44 0.15 -11.60 28.01
N PHE U 45 0.66 -10.37 28.01
CA PHE U 45 1.88 -10.07 27.27
C PHE U 45 3.08 -10.62 28.04
N PRO U 46 3.91 -11.45 27.41
CA PRO U 46 5.04 -12.05 28.13
C PRO U 46 6.19 -11.06 28.30
N THR U 47 7.09 -11.40 29.22
CA THR U 47 8.28 -10.60 29.44
C THR U 47 9.18 -10.63 28.21
N PHE U 48 9.91 -9.53 28.01
CA PHE U 48 10.70 -9.36 26.80
C PHE U 48 11.97 -8.60 27.15
N THR U 49 12.82 -8.41 26.14
CA THR U 49 13.98 -7.54 26.22
C THR U 49 13.82 -6.28 25.38
N TYR U 50 13.34 -6.42 24.14
CA TYR U 50 12.96 -5.28 23.31
C TYR U 50 11.81 -5.71 22.43
N TYR U 51 10.93 -4.77 22.11
CA TYR U 51 9.72 -5.06 21.35
C TYR U 51 9.62 -4.14 20.14
N ASN U 52 8.97 -4.65 19.10
CA ASN U 52 8.75 -3.91 17.86
C ASN U 52 7.26 -3.79 17.60
N LEU U 53 6.83 -2.60 17.20
CA LEU U 53 5.44 -2.33 16.88
C LEU U 53 5.31 -2.08 15.37
N TYR U 54 4.36 -2.77 14.74
CA TYR U 54 4.13 -2.67 13.30
C TYR U 54 2.72 -2.15 13.07
N VAL U 55 2.61 -0.87 12.71
CA VAL U 55 1.32 -0.27 12.38
C VAL U 55 1.17 -0.31 10.86
N ASN U 56 0.23 -1.13 10.38
CA ASN U 56 -0.02 -1.30 8.95
C ASN U 56 1.23 -1.79 8.21
N GLY U 57 2.03 -2.62 8.87
CA GLY U 57 3.24 -3.15 8.29
C GLY U 57 4.45 -2.23 8.38
N ILE U 58 4.32 -1.07 8.99
CA ILE U 58 5.41 -0.10 9.09
C ILE U 58 5.98 -0.17 10.51
N LEU U 59 7.29 -0.33 10.61
CA LEU U 59 7.96 -0.41 11.91
C LEU U 59 7.97 0.97 12.55
N GLN U 60 7.33 1.10 13.71
CA GLN U 60 7.26 2.38 14.40
C GLN U 60 8.45 2.55 15.34
N PRO U 61 8.85 3.79 15.62
CA PRO U 61 9.94 4.02 16.59
C PRO U 61 9.53 3.65 18.01
N SER U 62 10.44 3.85 18.96
CA SER U 62 10.22 3.50 20.35
C SER U 62 9.52 4.60 21.13
N VAL U 63 9.20 5.73 20.50
CA VAL U 63 8.56 6.84 21.20
C VAL U 63 7.04 6.89 20.96
N ASN U 64 6.52 6.12 20.00
CA ASN U 64 5.10 6.12 19.69
C ASN U 64 4.36 4.95 20.31
N SER U 65 4.98 4.25 21.27
CA SER U 65 4.34 3.09 21.88
C SER U 65 4.90 2.87 23.27
N SER U 66 4.09 2.24 24.12
CA SER U 66 4.49 1.88 25.48
C SER U 66 3.73 0.63 25.88
N VAL U 67 4.46 -0.46 26.14
CA VAL U 67 3.87 -1.76 26.39
C VAL U 67 4.14 -2.17 27.83
N THR U 68 3.14 -2.75 28.47
CA THR U 68 3.24 -3.30 29.81
C THR U 68 2.93 -4.80 29.77
N THR U 69 3.64 -5.58 30.58
CA THR U 69 3.46 -7.02 30.61
C THR U 69 2.41 -7.38 31.66
N GLY U 70 2.26 -8.68 31.93
CA GLY U 70 1.32 -9.15 32.92
C GLY U 70 -0.06 -9.39 32.34
N PRO U 71 -0.95 -10.00 33.14
CA PRO U 71 -2.32 -10.23 32.66
C PRO U 71 -3.06 -8.96 32.30
N THR U 72 -2.79 -7.85 32.99
CA THR U 72 -3.43 -6.57 32.72
C THR U 72 -2.60 -5.70 31.78
N GLY U 73 -1.79 -6.33 30.92
CA GLY U 73 -0.95 -5.57 30.02
C GLY U 73 -1.75 -4.89 28.92
N ALA U 74 -1.21 -3.79 28.43
CA ALA U 74 -1.86 -3.02 27.37
C ALA U 74 -0.83 -2.14 26.68
N ILE U 75 -0.75 -2.24 25.37
CA ILE U 75 0.18 -1.43 24.58
C ILE U 75 -0.42 -0.04 24.41
N THR U 76 0.29 0.98 24.91
CA THR U 76 -0.19 2.36 24.87
C THR U 76 0.31 3.01 23.60
N ILE U 77 -0.57 3.16 22.61
CA ILE U 77 -0.23 3.80 21.35
C ILE U 77 -0.93 5.16 21.29
N PRO U 78 -0.23 6.24 21.63
CA PRO U 78 -0.87 7.57 21.58
C PRO U 78 -1.10 8.03 20.16
N GLY U 79 -2.18 8.78 19.96
CA GLY U 79 -2.52 9.30 18.66
C GLY U 79 -3.25 8.35 17.74
N GLY U 80 -3.55 7.14 18.19
CA GLY U 80 -4.23 6.17 17.36
C GLY U 80 -5.72 6.39 17.21
N ASP U 81 -6.31 7.27 18.03
CA ASP U 81 -7.74 7.54 17.93
C ASP U 81 -8.09 8.19 16.60
N ALA U 82 -7.25 9.13 16.14
CA ALA U 82 -7.51 9.83 14.89
C ALA U 82 -7.36 8.92 13.68
N LEU U 83 -6.62 7.83 13.80
CA LEU U 83 -6.43 6.91 12.69
C LEU U 83 -7.68 6.04 12.49
N ASP U 84 -7.70 5.32 11.38
CA ASP U 84 -8.83 4.46 11.06
C ASP U 84 -8.87 3.26 12.01
N GLY U 85 -10.04 2.64 12.10
CA GLY U 85 -10.26 1.50 12.95
C GLY U 85 -9.88 0.16 12.36
N GLY U 86 -9.54 0.12 11.08
CA GLY U 86 -9.14 -1.11 10.43
C GLY U 86 -7.65 -1.31 10.26
N ILE U 87 -6.83 -0.41 10.79
CA ILE U 87 -5.38 -0.51 10.65
C ILE U 87 -4.87 -1.69 11.47
N PRO U 88 -4.21 -2.67 10.86
CA PRO U 88 -3.68 -3.80 11.62
C PRO U 88 -2.54 -3.37 12.55
N ILE U 89 -2.40 -4.12 13.64
CA ILE U 89 -1.33 -3.91 14.61
C ILE U 89 -0.61 -5.23 14.81
N THR U 90 0.72 -5.19 14.75
CA THR U 90 1.55 -6.39 14.96
C THR U 90 2.61 -6.05 15.99
N ILE U 91 2.51 -6.67 17.15
CA ILE U 91 3.43 -6.41 18.26
C ILE U 91 4.33 -7.65 18.42
N GLU U 92 5.63 -7.45 18.24
CA GLU U 92 6.59 -8.54 18.28
C GLU U 92 7.48 -8.38 19.51
N PHE U 93 7.49 -9.41 20.36
CA PHE U 93 8.32 -9.44 21.55
C PHE U 93 9.48 -10.42 21.33
N ILE U 94 10.69 -9.97 21.62
CA ILE U 94 11.89 -10.80 21.50
C ILE U 94 12.26 -11.24 22.91
N VAL U 95 11.91 -12.49 23.24
CA VAL U 95 12.17 -13.05 24.57
C VAL U 95 13.50 -13.81 24.49
N THR U 96 14.53 -13.25 25.12
CA THR U 96 15.84 -13.89 25.14
C THR U 96 16.33 -14.10 26.57
N PRO V 2 55.21 -40.59 36.59
CA PRO V 2 55.10 -39.16 36.24
C PRO V 2 54.93 -38.27 37.46
N ILE V 3 54.88 -36.96 37.23
CA ILE V 3 54.72 -36.01 38.33
C ILE V 3 53.25 -35.96 38.74
N ILE V 4 52.99 -36.19 40.02
CA ILE V 4 51.62 -36.17 40.52
C ILE V 4 51.12 -34.73 40.57
N GLN V 5 49.90 -34.52 40.07
CA GLN V 5 49.30 -33.19 40.02
C GLN V 5 48.00 -33.19 40.80
N PRO V 6 47.58 -32.03 41.34
CA PRO V 6 46.31 -31.97 42.06
C PRO V 6 45.14 -32.35 41.16
N PHE V 7 44.18 -33.06 41.75
CA PHE V 7 43.02 -33.53 41.02
C PHE V 7 41.91 -32.48 41.07
N MET V 8 41.33 -32.20 39.90
CA MET V 8 40.21 -31.27 39.80
C MET V 8 39.36 -31.69 38.62
N ALA V 9 38.04 -31.56 38.78
CA ALA V 9 37.11 -32.03 37.77
C ALA V 9 35.87 -31.16 37.77
N SER V 10 35.27 -31.01 36.59
CA SER V 10 34.07 -30.21 36.39
C SER V 10 32.94 -31.12 35.94
N ARG V 11 31.82 -31.09 36.68
CA ARG V 11 30.63 -31.84 36.33
C ARG V 11 29.55 -30.88 35.90
N ARG V 12 29.08 -31.02 34.66
CA ARG V 12 28.11 -30.09 34.08
C ARG V 12 26.80 -30.81 33.82
N PHE V 13 25.72 -30.23 34.31
CA PHE V 13 24.37 -30.76 34.12
C PHE V 13 23.56 -29.74 33.33
N THR V 14 22.85 -30.21 32.30
CA THR V 14 22.10 -29.35 31.41
C THR V 14 20.62 -29.69 31.46
N SER V 15 19.79 -28.66 31.53
CA SER V 15 18.33 -28.80 31.55
C SER V 15 17.72 -27.52 31.02
N THR V 16 16.41 -27.37 31.23
CA THR V 16 15.68 -26.19 30.80
C THR V 16 14.79 -25.71 31.94
N LEU V 17 14.41 -24.43 31.87
CA LEU V 17 13.55 -23.86 32.89
C LEU V 17 12.13 -24.41 32.84
N GLY V 18 11.76 -25.13 31.79
CA GLY V 18 10.45 -25.71 31.66
C GLY V 18 10.25 -27.02 32.37
N ALA V 19 11.26 -27.51 33.08
CA ALA V 19 11.18 -28.77 33.82
C ALA V 19 11.27 -28.52 35.32
N GLY V 20 10.65 -27.44 35.80
CA GLY V 20 10.65 -27.09 37.20
C GLY V 20 9.32 -27.41 37.87
N THR V 21 9.34 -27.35 39.19
CA THR V 21 8.18 -27.65 40.01
C THR V 21 7.89 -26.48 40.95
N GLY V 22 6.60 -26.21 41.17
CA GLY V 22 6.19 -25.15 42.06
C GLY V 22 6.36 -23.78 41.46
N THR V 23 6.03 -22.77 42.27
CA THR V 23 6.15 -21.37 41.89
C THR V 23 6.70 -20.58 43.07
N GLY V 24 7.32 -19.44 42.76
CA GLY V 24 7.88 -18.58 43.78
C GLY V 24 9.31 -18.96 44.10
N ALA V 25 9.61 -19.11 45.40
CA ALA V 25 10.95 -19.48 45.84
C ALA V 25 11.14 -20.99 45.92
N ALA V 26 10.11 -21.77 45.55
CA ALA V 26 10.19 -23.22 45.55
C ALA V 26 10.50 -23.79 44.16
N PHE V 27 10.71 -22.94 43.16
CA PHE V 27 11.03 -23.42 41.82
C PHE V 27 12.36 -24.17 41.83
N ALA V 28 12.30 -25.47 41.59
CA ALA V 28 13.49 -26.32 41.66
C ALA V 28 13.52 -27.27 40.47
N ILE V 29 14.72 -27.49 39.93
CA ILE V 29 14.94 -28.45 38.85
C ILE V 29 15.52 -29.71 39.48
N ALA V 30 14.78 -30.82 39.38
CA ALA V 30 15.21 -32.06 39.99
C ALA V 30 16.45 -32.61 39.31
N ALA V 31 17.27 -33.32 40.10
CA ALA V 31 18.47 -33.94 39.57
C ALA V 31 18.17 -35.09 38.61
N THR V 32 16.95 -35.64 38.67
CA THR V 32 16.54 -36.71 37.77
C THR V 32 16.02 -36.19 36.44
N ALA V 33 15.96 -34.87 36.26
CA ALA V 33 15.53 -34.27 35.00
C ALA V 33 16.62 -33.37 34.43
N CYS V 34 17.88 -33.67 34.74
CA CYS V 34 19.01 -32.88 34.29
C CYS V 34 20.00 -33.82 33.60
N LEU V 35 20.30 -33.54 32.34
CA LEU V 35 21.26 -34.34 31.60
C LEU V 35 22.68 -33.94 31.99
N ASN V 36 23.51 -34.92 32.34
CA ASN V 36 24.88 -34.66 32.77
C ASN V 36 25.76 -34.45 31.54
N ASP V 37 27.07 -34.42 31.76
CA ASP V 37 28.05 -34.18 30.70
C ASP V 37 28.23 -35.37 29.76
N ALA V 38 27.39 -36.40 29.83
CA ALA V 38 27.50 -37.56 28.94
C ALA V 38 26.41 -37.61 27.88
N GLY V 39 25.23 -37.03 28.14
CA GLY V 39 24.16 -37.03 27.17
C GLY V 39 23.01 -37.93 27.56
N THR V 40 22.95 -38.31 28.83
CA THR V 40 21.92 -39.20 29.35
C THR V 40 21.28 -38.56 30.58
N THR V 41 20.18 -39.18 31.03
CA THR V 41 19.50 -38.72 32.23
C THR V 41 20.34 -39.06 33.46
N ALA V 42 20.72 -38.05 34.23
CA ALA V 42 21.55 -38.26 35.40
C ALA V 42 20.72 -38.80 36.55
N THR V 43 21.38 -39.04 37.68
CA THR V 43 20.72 -39.60 38.86
C THR V 43 20.88 -38.76 40.12
N ALA V 44 22.07 -38.22 40.40
CA ALA V 44 22.29 -37.49 41.64
C ALA V 44 23.35 -36.41 41.41
N PHE V 45 23.15 -35.27 42.05
CA PHE V 45 24.14 -34.21 42.00
C PHE V 45 25.31 -34.57 42.90
N PRO V 46 26.54 -34.58 42.38
CA PRO V 46 27.68 -34.99 43.19
C PRO V 46 28.13 -33.87 44.14
N THR V 47 28.92 -34.27 45.13
CA THR V 47 29.48 -33.31 46.08
C THR V 47 30.45 -32.37 45.37
N PHE V 48 30.53 -31.14 45.88
CA PHE V 48 31.31 -30.10 45.22
C PHE V 48 31.94 -29.21 46.28
N THR V 49 32.72 -28.24 45.81
CA THR V 49 33.24 -27.16 46.65
C THR V 49 32.59 -25.82 46.35
N TYR V 50 32.45 -25.48 45.06
CA TYR V 50 31.69 -24.32 44.64
C TYR V 50 31.07 -24.64 43.28
N TYR V 51 29.89 -24.07 43.03
CA TYR V 51 29.13 -24.37 41.82
C TYR V 51 28.77 -23.08 41.09
N ASN V 52 28.65 -23.18 39.77
CA ASN V 52 28.28 -22.07 38.91
C ASN V 52 26.99 -22.40 38.18
N LEU V 53 26.08 -21.44 38.11
CA LEU V 53 24.82 -21.59 37.40
C LEU V 53 24.82 -20.68 36.17
N TYR V 54 24.47 -21.26 35.03
CA TYR V 54 24.45 -20.54 33.75
C TYR V 54 23.02 -20.54 33.22
N VAL V 55 22.34 -19.41 33.33
CA VAL V 55 20.99 -19.24 32.79
C VAL V 55 21.13 -18.57 31.43
N ASN V 56 20.82 -19.31 30.37
CA ASN V 56 20.92 -18.82 29.00
C ASN V 56 22.34 -18.35 28.66
N GLY V 57 23.34 -19.03 29.22
CA GLY V 57 24.73 -18.69 28.99
C GLY V 57 25.27 -17.58 29.86
N ILE V 58 24.47 -17.03 30.76
CA ILE V 58 24.87 -15.93 31.62
C ILE V 58 25.17 -16.48 33.01
N LEU V 59 26.34 -16.17 33.54
CA LEU V 59 26.75 -16.63 34.87
C LEU V 59 25.95 -15.88 35.93
N GLN V 60 25.16 -16.61 36.71
CA GLN V 60 24.34 -16.00 37.74
C GLN V 60 25.11 -15.90 39.06
N PRO V 61 24.78 -14.92 39.91
CA PRO V 61 25.43 -14.82 41.22
C PRO V 61 25.05 -15.99 42.13
N SER V 62 25.58 -15.97 43.35
CA SER V 62 25.34 -17.04 44.32
C SER V 62 24.07 -16.83 45.13
N VAL V 63 23.31 -15.76 44.89
CA VAL V 63 22.09 -15.49 45.65
C VAL V 63 20.83 -15.90 44.89
N ASN V 64 20.93 -16.20 43.60
CA ASN V 64 19.78 -16.58 42.79
C ASN V 64 19.66 -18.09 42.60
N SER V 65 20.39 -18.89 43.38
CA SER V 65 20.34 -20.33 43.23
C SER V 65 20.71 -20.99 44.54
N SER V 66 20.22 -22.22 44.72
CA SER V 66 20.53 -23.03 45.89
C SER V 66 20.45 -24.49 45.48
N VAL V 67 21.58 -25.20 45.58
CA VAL V 67 21.71 -26.56 45.08
C VAL V 67 21.93 -27.50 46.25
N THR V 68 21.28 -28.66 46.20
CA THR V 68 21.44 -29.72 47.17
C THR V 68 21.94 -30.99 46.47
N THR V 69 22.81 -31.73 47.13
CA THR V 69 23.39 -32.94 46.56
C THR V 69 22.52 -34.14 46.91
N GLY V 70 23.03 -35.34 46.61
CA GLY V 70 22.32 -36.56 46.91
C GLY V 70 21.36 -36.97 45.81
N PRO V 71 20.80 -38.18 45.92
CA PRO V 71 19.83 -38.64 44.92
C PRO V 71 18.61 -37.74 44.80
N THR V 72 18.16 -37.13 45.90
CA THR V 72 17.01 -36.24 45.89
C THR V 72 17.42 -34.78 45.73
N GLY V 73 18.56 -34.52 45.08
CA GLY V 73 19.01 -33.16 44.92
C GLY V 73 18.16 -32.38 43.94
N ALA V 74 18.14 -31.07 44.12
CA ALA V 74 17.36 -30.18 43.27
C ALA V 74 17.89 -28.77 43.40
N ILE V 75 18.22 -28.15 42.28
CA ILE V 75 18.71 -26.77 42.27
C ILE V 75 17.52 -25.82 42.41
N THR V 76 17.53 -25.03 43.47
CA THR V 76 16.42 -24.11 43.78
C THR V 76 16.70 -22.77 43.13
N ILE V 77 16.04 -22.49 42.01
CA ILE V 77 16.19 -21.22 41.31
C ILE V 77 14.93 -20.40 41.50
N PRO V 78 14.90 -19.47 42.46
CA PRO V 78 13.70 -18.66 42.65
C PRO V 78 13.49 -17.66 41.53
N GLY V 79 12.23 -17.39 41.23
CA GLY V 79 11.87 -16.45 40.19
C GLY V 79 11.89 -16.99 38.78
N GLY V 80 12.18 -18.28 38.60
CA GLY V 80 12.23 -18.87 37.28
C GLY V 80 10.88 -19.18 36.67
N ASP V 81 9.81 -19.13 37.47
CA ASP V 81 8.48 -19.40 36.93
C ASP V 81 8.05 -18.35 35.92
N ALA V 82 8.35 -17.08 36.20
CA ALA V 82 7.97 -16.01 35.30
C ALA V 82 8.75 -16.04 33.99
N LEU V 83 9.92 -16.68 33.97
CA LEU V 83 10.72 -16.76 32.76
C LEU V 83 10.14 -17.78 31.79
N ASP V 84 10.67 -17.80 30.58
CA ASP V 84 10.20 -18.72 29.56
C ASP V 84 10.64 -20.15 29.90
N GLY V 85 9.94 -21.11 29.31
CA GLY V 85 10.21 -22.51 29.52
C GLY V 85 11.30 -23.11 28.67
N GLY V 86 11.82 -22.37 27.69
CA GLY V 86 12.88 -22.85 26.84
C GLY V 86 14.27 -22.36 27.19
N ILE V 87 14.42 -21.61 28.28
CA ILE V 87 15.72 -21.08 28.68
C ILE V 87 16.62 -22.23 29.14
N PRO V 88 17.78 -22.42 28.51
CA PRO V 88 18.68 -23.48 28.94
C PRO V 88 19.28 -23.20 30.31
N ILE V 89 19.61 -24.28 31.02
CA ILE V 89 20.26 -24.20 32.32
C ILE V 89 21.52 -25.06 32.28
N THR V 90 22.63 -24.51 32.76
CA THR V 90 23.91 -25.22 32.79
C THR V 90 24.47 -25.09 34.20
N ILE V 91 24.52 -26.20 34.92
CA ILE V 91 24.99 -26.22 36.30
C ILE V 91 26.35 -26.91 36.32
N GLU V 92 27.39 -26.18 36.74
CA GLU V 92 28.75 -26.68 36.74
C GLU V 92 29.22 -26.86 38.17
N PHE V 93 29.62 -28.09 38.52
CA PHE V 93 30.16 -28.39 39.83
C PHE V 93 31.67 -28.62 39.73
N ILE V 94 32.42 -27.96 40.59
CA ILE V 94 33.87 -28.09 40.64
C ILE V 94 34.19 -29.01 41.81
N VAL V 95 34.49 -30.27 41.50
CA VAL V 95 34.79 -31.28 42.51
C VAL V 95 36.30 -31.34 42.68
N THR V 96 36.80 -30.84 43.81
CA THR V 96 38.23 -30.85 44.09
C THR V 96 38.53 -31.55 45.40
N PRO W 2 83.35 -42.60 58.90
CA PRO W 2 82.60 -41.36 59.08
C PRO W 2 81.79 -41.35 60.38
N ILE W 3 81.12 -40.23 60.65
CA ILE W 3 80.33 -40.11 61.88
C ILE W 3 79.01 -40.84 61.67
N ILE W 4 78.69 -41.76 62.58
CA ILE W 4 77.45 -42.51 62.50
C ILE W 4 76.28 -41.62 62.87
N GLN W 5 75.22 -41.64 62.07
CA GLN W 5 74.05 -40.82 62.29
C GLN W 5 72.82 -41.71 62.45
N PRO W 6 71.80 -41.23 63.18
CA PRO W 6 70.58 -42.04 63.33
C PRO W 6 69.92 -42.32 61.99
N PHE W 7 69.37 -43.52 61.86
CA PHE W 7 68.75 -43.95 60.62
C PHE W 7 67.27 -43.57 60.62
N MET W 8 66.81 -42.97 59.52
CA MET W 8 65.41 -42.64 59.35
C MET W 8 65.08 -42.67 57.87
N ALA W 9 63.88 -43.16 57.56
CA ALA W 9 63.51 -43.34 56.17
C ALA W 9 62.00 -43.13 56.02
N SER W 10 61.61 -42.65 54.85
CA SER W 10 60.21 -42.38 54.53
C SER W 10 59.79 -43.28 53.38
N ARG W 11 58.72 -44.05 53.58
CA ARG W 11 58.15 -44.91 52.55
C ARG W 11 56.80 -44.34 52.14
N ARG W 12 56.68 -44.00 50.86
CA ARG W 12 55.48 -43.35 50.33
C ARG W 12 54.78 -44.26 49.36
N PHE W 13 53.48 -44.48 49.58
CA PHE W 13 52.65 -45.29 48.70
C PHE W 13 51.56 -44.41 48.11
N THR W 14 51.37 -44.52 46.79
CA THR W 14 50.44 -43.68 46.06
C THR W 14 49.35 -44.52 45.42
N SER W 15 48.11 -44.07 45.54
CA SER W 15 46.96 -44.73 44.96
C SER W 15 45.85 -43.70 44.75
N THR W 16 44.64 -44.18 44.48
CA THR W 16 43.48 -43.32 44.28
C THR W 16 42.31 -43.85 45.08
N LEU W 17 41.34 -42.97 45.35
CA LEU W 17 40.16 -43.37 46.11
C LEU W 17 39.25 -44.31 45.32
N GLY W 18 39.48 -44.46 44.02
CA GLY W 18 38.69 -45.35 43.19
C GLY W 18 39.08 -46.80 43.24
N ALA W 19 40.06 -47.16 44.04
CA ALA W 19 40.53 -48.54 44.18
C ALA W 19 40.24 -49.08 45.57
N GLY W 20 39.09 -48.72 46.13
CA GLY W 20 38.69 -49.15 47.45
C GLY W 20 37.63 -50.24 47.40
N THR W 21 37.41 -50.86 48.55
CA THR W 21 36.45 -51.95 48.69
C THR W 21 35.46 -51.62 49.81
N GLY W 22 34.21 -52.00 49.60
CA GLY W 22 33.17 -51.78 50.60
C GLY W 22 32.71 -50.34 50.67
N THR W 23 31.78 -50.11 51.59
CA THR W 23 31.24 -48.78 51.83
C THR W 23 31.11 -48.55 53.34
N GLY W 24 31.11 -47.28 53.73
CA GLY W 24 30.98 -46.92 55.13
C GLY W 24 32.33 -46.85 55.80
N ALA W 25 32.47 -47.49 56.96
CA ALA W 25 33.71 -47.52 57.70
C ALA W 25 34.62 -48.67 57.28
N ALA W 26 34.21 -49.46 56.29
CA ALA W 26 35.03 -50.55 55.79
C ALA W 26 35.79 -50.18 54.52
N PHE W 27 35.70 -48.94 54.06
CA PHE W 27 36.42 -48.51 52.87
C PHE W 27 37.92 -48.59 53.11
N ALA W 28 38.59 -49.50 52.40
CA ALA W 28 40.00 -49.75 52.60
C ALA W 28 40.71 -49.86 51.26
N ILE W 29 41.91 -49.31 51.18
CA ILE W 29 42.75 -49.43 49.98
C ILE W 29 43.80 -50.52 50.27
N ALA W 30 43.75 -51.59 49.49
CA ALA W 30 44.65 -52.72 49.72
C ALA W 30 46.09 -52.33 49.41
N ALA W 31 47.02 -52.97 50.13
CA ALA W 31 48.44 -52.74 49.90
C ALA W 31 48.90 -53.25 48.55
N THR W 32 48.16 -54.17 47.94
CA THR W 32 48.50 -54.69 46.62
C THR W 32 48.00 -53.82 45.48
N ALA W 33 47.30 -52.72 45.80
CA ALA W 33 46.82 -51.78 44.79
C ALA W 33 47.37 -50.38 45.06
N CYS W 34 48.55 -50.30 45.68
CA CYS W 34 49.18 -49.03 46.02
C CYS W 34 50.60 -49.04 45.47
N LEU W 35 50.90 -48.07 44.61
CA LEU W 35 52.25 -47.96 44.06
C LEU W 35 53.18 -47.31 45.08
N ASN W 36 54.33 -47.94 45.33
CA ASN W 36 55.28 -47.44 46.31
C ASN W 36 56.11 -46.32 45.69
N ASP W 37 57.17 -45.93 46.38
CA ASP W 37 58.04 -44.84 45.94
C ASP W 37 58.95 -45.22 44.77
N ALA W 38 58.76 -46.36 44.12
CA ALA W 38 59.57 -46.77 42.99
C ALA W 38 58.85 -46.68 41.66
N GLY W 39 57.52 -46.80 41.64
CA GLY W 39 56.76 -46.72 40.41
C GLY W 39 56.19 -48.04 39.97
N THR W 40 56.13 -49.00 40.89
CA THR W 40 55.63 -50.34 40.60
C THR W 40 54.58 -50.71 41.63
N THR W 41 53.90 -51.83 41.37
CA THR W 41 52.90 -52.33 42.30
C THR W 41 53.58 -52.92 43.54
N ALA W 42 53.27 -52.37 44.71
CA ALA W 42 53.90 -52.81 45.94
C ALA W 42 53.29 -54.13 46.40
N THR W 43 53.79 -54.65 47.52
CA THR W 43 53.34 -55.92 48.07
C THR W 43 52.85 -55.85 49.50
N ALA W 44 53.54 -55.13 50.39
CA ALA W 44 53.16 -55.10 51.80
C ALA W 44 53.53 -53.76 52.40
N PHE W 45 52.68 -53.27 53.29
CA PHE W 45 52.98 -52.04 54.02
C PHE W 45 54.02 -52.35 55.10
N PRO W 46 55.14 -51.63 55.13
CA PRO W 46 56.19 -51.93 56.09
C PRO W 46 55.85 -51.38 57.48
N THR W 47 56.56 -51.89 58.48
CA THR W 47 56.40 -51.41 59.84
C THR W 47 56.85 -49.97 59.95
N PHE W 48 56.21 -49.24 60.87
CA PHE W 48 56.44 -47.81 61.00
C PHE W 48 56.36 -47.41 62.46
N THR W 49 56.58 -46.13 62.72
CA THR W 49 56.35 -45.53 64.03
C THR W 49 55.17 -44.57 64.02
N TYR W 50 55.08 -43.71 63.01
CA TYR W 50 53.90 -42.89 62.78
C TYR W 50 53.76 -42.67 61.28
N TYR W 51 52.51 -42.54 60.83
CA TYR W 51 52.20 -42.45 59.41
C TYR W 51 51.35 -41.22 59.13
N ASN W 52 51.51 -40.68 57.92
CA ASN W 52 50.77 -39.51 57.47
C ASN W 52 49.96 -39.89 56.23
N LEU W 53 48.71 -39.45 56.19
CA LEU W 53 47.82 -39.67 55.05
C LEU W 53 47.56 -38.35 54.34
N TYR W 54 47.74 -38.34 53.02
CA TYR W 54 47.55 -37.14 52.20
C TYR W 54 46.43 -37.40 51.20
N VAL W 55 45.26 -36.84 51.47
CA VAL W 55 44.13 -36.95 50.55
C VAL W 55 44.11 -35.68 49.70
N ASN W 56 44.38 -35.84 48.41
CA ASN W 56 44.45 -34.72 47.46
C ASN W 56 45.45 -33.66 47.89
N GLY W 57 46.56 -34.10 48.49
CA GLY W 57 47.59 -33.19 48.96
C GLY W 57 47.34 -32.56 50.31
N ILE W 58 46.24 -32.90 50.97
CA ILE W 58 45.88 -32.33 52.27
C ILE W 58 46.21 -33.35 53.35
N LEU W 59 46.96 -32.93 54.36
CA LEU W 59 47.33 -33.82 55.46
C LEU W 59 46.11 -34.07 56.34
N GLN W 60 45.69 -35.32 56.43
CA GLN W 60 44.53 -35.67 57.22
C GLN W 60 44.92 -35.98 58.67
N PRO W 61 44.01 -35.78 59.62
CA PRO W 61 44.29 -36.14 61.01
C PRO W 61 44.42 -37.63 61.23
N SER W 62 44.67 -38.04 62.46
CA SER W 62 44.86 -39.45 62.79
C SER W 62 43.56 -40.18 63.07
N VAL W 63 42.41 -39.51 62.98
CA VAL W 63 41.13 -40.14 63.26
C VAL W 63 40.38 -40.55 61.98
N ASN W 64 40.83 -40.09 60.81
CA ASN W 64 40.17 -40.40 59.55
C ASN W 64 40.87 -41.52 58.78
N SER W 65 41.77 -42.26 59.43
CA SER W 65 42.49 -43.33 58.75
C SER W 65 42.94 -44.37 59.76
N SER W 66 43.11 -45.60 59.27
CA SER W 66 43.61 -46.71 60.08
C SER W 66 44.36 -47.66 59.17
N VAL W 67 45.66 -47.82 59.41
CA VAL W 67 46.54 -48.59 58.54
C VAL W 67 47.03 -49.83 59.26
N THR W 68 47.08 -50.95 58.54
CA THR W 68 47.61 -52.21 59.04
C THR W 68 48.78 -52.64 58.16
N THR W 69 49.79 -53.22 58.78
CA THR W 69 50.99 -53.65 58.07
C THR W 69 50.82 -55.09 57.59
N GLY W 70 51.90 -55.69 57.09
CA GLY W 70 51.87 -57.05 56.62
C GLY W 70 51.45 -57.17 55.17
N PRO W 71 51.57 -58.38 54.60
CA PRO W 71 51.15 -58.58 53.21
C PRO W 71 49.67 -58.29 52.98
N THR W 72 48.82 -58.54 53.97
CA THR W 72 47.39 -58.27 53.86
C THR W 72 47.01 -56.90 54.42
N GLY W 73 47.94 -55.96 54.39
CA GLY W 73 47.66 -54.64 54.93
C GLY W 73 46.70 -53.86 54.06
N ALA W 74 45.97 -52.94 54.71
CA ALA W 74 45.00 -52.11 54.01
C ALA W 74 44.70 -50.88 54.85
N ILE W 75 44.84 -49.70 54.25
CA ILE W 75 44.55 -48.45 54.94
C ILE W 75 43.04 -48.23 54.95
N THR W 76 42.47 -48.16 56.16
CA THR W 76 41.02 -48.01 56.32
C THR W 76 40.68 -46.54 56.38
N ILE W 77 40.15 -46.00 55.28
CA ILE W 77 39.74 -44.60 55.22
C ILE W 77 38.22 -44.54 55.20
N PRO W 78 37.57 -44.31 56.34
CA PRO W 78 36.11 -44.23 56.35
C PRO W 78 35.60 -42.97 55.69
N GLY W 79 34.44 -43.08 55.06
CA GLY W 79 33.82 -41.96 54.39
C GLY W 79 34.34 -41.66 53.00
N GLY W 80 35.27 -42.46 52.48
CA GLY W 80 35.82 -42.22 51.16
C GLY W 80 34.93 -42.66 50.02
N ASP W 81 33.88 -43.43 50.30
CA ASP W 81 32.97 -43.88 49.24
C ASP W 81 32.24 -42.70 48.61
N ALA W 82 31.79 -41.74 49.43
CA ALA W 82 31.06 -40.59 48.92
C ALA W 82 31.95 -39.65 48.09
N LEU W 83 33.26 -39.71 48.29
CA LEU W 83 34.17 -38.85 47.54
C LEU W 83 34.36 -39.39 46.13
N ASP W 84 35.00 -38.58 45.28
CA ASP W 84 35.24 -38.95 43.90
C ASP W 84 36.28 -40.07 43.83
N GLY W 85 36.28 -40.78 42.70
CA GLY W 85 37.19 -41.88 42.47
C GLY W 85 38.55 -41.49 41.95
N GLY W 86 38.76 -40.23 41.59
CA GLY W 86 40.04 -39.76 41.09
C GLY W 86 40.90 -39.05 42.10
N ILE W 87 40.48 -38.97 43.36
CA ILE W 87 41.24 -38.27 44.39
C ILE W 87 42.52 -39.05 44.69
N PRO W 88 43.69 -38.44 44.53
CA PRO W 88 44.94 -39.15 44.84
C PRO W 88 45.08 -39.40 46.34
N ILE W 89 45.80 -40.47 46.66
CA ILE W 89 46.11 -40.83 48.04
C ILE W 89 47.62 -41.01 48.17
N THR W 90 48.19 -40.40 49.19
CA THR W 90 49.64 -40.50 49.45
C THR W 90 49.83 -40.89 50.91
N ILE W 91 50.33 -42.10 51.13
CA ILE W 91 50.51 -42.64 52.47
C ILE W 91 52.01 -42.67 52.75
N GLU W 92 52.45 -41.93 53.77
CA GLU W 92 53.86 -41.81 54.10
C GLU W 92 54.13 -42.50 55.42
N PHE W 93 55.04 -43.47 55.42
CA PHE W 93 55.44 -44.18 56.63
C PHE W 93 56.85 -43.73 57.02
N ILE W 94 57.01 -43.37 58.29
CA ILE W 94 58.30 -42.96 58.84
C ILE W 94 58.86 -44.16 59.60
N VAL W 95 59.80 -44.86 58.99
CA VAL W 95 60.41 -46.04 59.59
C VAL W 95 61.69 -45.61 60.28
N THR W 96 61.68 -45.60 61.61
CA THR W 96 62.85 -45.21 62.39
C THR W 96 63.26 -46.32 63.36
N PRO X 2 104.68 -44.93 87.75
CA PRO X 2 103.38 -44.33 88.08
C PRO X 2 102.49 -45.28 88.88
N ILE X 3 101.31 -44.81 89.28
CA ILE X 3 100.40 -45.64 90.05
C ILE X 3 99.68 -46.59 89.11
N ILE X 4 99.75 -47.89 89.41
CA ILE X 4 99.09 -48.89 88.59
C ILE X 4 97.59 -48.82 88.80
N GLN X 5 96.83 -48.84 87.71
CA GLN X 5 95.38 -48.76 87.76
C GLN X 5 94.77 -49.98 87.09
N PRO X 6 93.55 -50.37 87.50
CA PRO X 6 92.91 -51.52 86.86
C PRO X 6 92.69 -51.30 85.37
N PHE X 7 92.88 -52.37 84.60
CA PHE X 7 92.75 -52.31 83.16
C PHE X 7 91.32 -52.59 82.74
N MET X 8 90.80 -51.73 81.86
CA MET X 8 89.46 -51.91 81.31
C MET X 8 89.44 -51.31 79.91
N ALA X 9 88.72 -51.98 79.01
CA ALA X 9 88.71 -51.57 77.62
C ALA X 9 87.36 -51.88 77.01
N SER X 10 86.96 -51.06 76.04
CA SER X 10 85.69 -51.22 75.33
C SER X 10 85.97 -51.49 73.86
N ARG X 11 85.44 -52.59 73.36
CA ARG X 11 85.55 -52.95 71.94
C ARG X 11 84.19 -52.80 71.29
N ARG X 12 84.10 -51.94 70.28
CA ARG X 12 82.84 -51.61 69.63
C ARG X 12 82.88 -52.09 68.19
N PHE X 13 81.85 -52.85 67.80
CA PHE X 13 81.69 -53.35 66.45
C PHE X 13 80.42 -52.78 65.85
N THR X 14 80.52 -52.26 64.62
CA THR X 14 79.42 -51.59 63.96
C THR X 14 79.03 -52.33 62.68
N SER X 15 77.73 -52.51 62.49
CA SER X 15 77.18 -53.16 61.30
C SER X 15 75.75 -52.66 61.10
N THR X 16 75.02 -53.35 60.23
CA THR X 16 73.63 -53.03 59.93
C THR X 16 72.79 -54.29 59.97
N LEU X 17 71.48 -54.10 60.15
CA LEU X 17 70.57 -55.23 60.20
C LEU X 17 70.40 -55.90 58.84
N GLY X 18 70.88 -55.28 57.77
CA GLY X 18 70.78 -55.84 56.44
C GLY X 18 71.85 -56.85 56.08
N ALA X 19 72.75 -57.17 57.01
CA ALA X 19 73.82 -58.13 56.80
C ALA X 19 73.63 -59.36 57.67
N GLY X 20 72.39 -59.79 57.85
CA GLY X 20 72.06 -60.95 58.65
C GLY X 20 71.73 -62.16 57.79
N THR X 21 71.69 -63.31 58.46
CA THR X 21 71.40 -64.59 57.82
C THR X 21 70.23 -65.27 58.50
N GLY X 22 69.39 -65.93 57.70
CA GLY X 22 68.25 -66.67 58.23
C GLY X 22 67.12 -65.76 58.65
N THR X 23 66.06 -66.39 59.18
CA THR X 23 64.89 -65.68 59.66
C THR X 23 64.43 -66.31 60.98
N GLY X 24 63.72 -65.53 61.77
CA GLY X 24 63.20 -66.02 63.05
C GLY X 24 64.21 -65.78 64.16
N ALA X 25 64.46 -66.82 64.96
CA ALA X 25 65.42 -66.76 66.04
C ALA X 25 66.85 -67.08 65.61
N ALA X 26 67.05 -67.35 64.33
CA ALA X 26 68.38 -67.64 63.80
C ALA X 26 69.04 -66.42 63.15
N PHE X 27 68.39 -65.26 63.19
CA PHE X 27 68.97 -64.05 62.62
C PHE X 27 70.25 -63.67 63.36
N ALA X 28 71.38 -63.77 62.67
CA ALA X 28 72.68 -63.54 63.29
C ALA X 28 73.54 -62.68 62.37
N ILE X 29 74.29 -61.76 62.97
CA ILE X 29 75.24 -60.93 62.24
C ILE X 29 76.63 -61.52 62.48
N ALA X 30 77.27 -61.98 61.40
CA ALA X 30 78.57 -62.63 61.51
C ALA X 30 79.64 -61.64 61.94
N ALA X 31 80.64 -62.15 62.67
CA ALA X 31 81.75 -61.33 63.10
C ALA X 31 82.62 -60.86 61.94
N THR X 32 82.56 -61.54 60.80
CA THR X 32 83.32 -61.15 59.62
C THR X 32 82.63 -60.08 58.79
N ALA X 33 81.43 -59.66 59.20
CA ALA X 33 80.69 -58.60 58.52
C ALA X 33 80.41 -57.44 59.47
N CYS X 34 81.26 -57.25 60.47
CA CYS X 34 81.09 -56.20 61.47
C CYS X 34 82.38 -55.39 61.54
N LEU X 35 82.28 -54.10 61.29
CA LEU X 35 83.45 -53.23 61.36
C LEU X 35 83.75 -52.89 62.83
N ASN X 36 84.99 -53.08 63.24
CA ASN X 36 85.39 -52.83 64.62
C ASN X 36 85.62 -51.33 64.82
N ASP X 37 86.21 -50.97 65.96
CA ASP X 37 86.45 -49.57 66.32
C ASP X 37 87.60 -48.94 65.54
N ALA X 38 88.12 -49.58 64.48
CA ALA X 38 89.19 -49.01 63.69
C ALA X 38 88.75 -48.54 62.31
N GLY X 39 87.69 -49.12 61.76
CA GLY X 39 87.20 -48.71 60.45
C GLY X 39 87.46 -49.74 59.37
N THR X 40 87.76 -50.97 59.77
CA THR X 40 88.06 -52.05 58.85
C THR X 40 87.21 -53.26 59.18
N THR X 41 87.23 -54.25 58.29
CA THR X 41 86.51 -55.49 58.51
C THR X 41 87.19 -56.31 59.60
N ALA X 42 86.47 -56.59 60.68
CA ALA X 42 87.03 -57.33 61.79
C ALA X 42 87.11 -58.82 61.47
N THR X 43 87.63 -59.59 62.42
CA THR X 43 87.81 -61.03 62.24
C THR X 43 87.14 -61.89 63.29
N ALA X 44 87.21 -61.51 64.57
CA ALA X 44 86.66 -62.35 65.63
C ALA X 44 86.18 -61.47 66.78
N PHE X 45 85.08 -61.87 67.39
CA PHE X 45 84.59 -61.18 68.58
C PHE X 45 85.46 -61.56 69.77
N PRO X 46 86.04 -60.60 70.49
CA PRO X 46 86.92 -60.93 71.60
C PRO X 46 86.14 -61.33 72.85
N THR X 47 86.85 -61.97 73.77
CA THR X 47 86.26 -62.35 75.04
C THR X 47 85.88 -61.11 75.85
N PHE X 48 84.83 -61.25 76.65
CA PHE X 48 84.26 -60.12 77.37
C PHE X 48 83.76 -60.59 78.73
N THR X 49 83.26 -59.64 79.51
CA THR X 49 82.55 -59.93 80.75
C THR X 49 81.06 -59.62 80.65
N TYR X 50 80.70 -58.47 80.07
CA TYR X 50 79.33 -58.16 79.74
C TYR X 50 79.33 -57.29 78.49
N TYR X 51 78.28 -57.43 77.68
CA TYR X 51 78.20 -56.74 76.40
C TYR X 51 76.89 -55.97 76.29
N ASN X 52 76.93 -54.88 75.53
CA ASN X 52 75.78 -54.02 75.30
C ASN X 52 75.49 -53.98 73.80
N LEU X 53 74.21 -54.09 73.45
CA LEU X 53 73.75 -54.03 72.07
C LEU X 53 72.97 -52.74 71.86
N TYR X 54 73.32 -51.99 70.81
CA TYR X 54 72.68 -50.72 70.49
C TYR X 54 72.03 -50.84 69.12
N VAL X 55 70.71 -50.97 69.10
CA VAL X 55 69.94 -51.02 67.85
C VAL X 55 69.41 -49.62 67.58
N ASN X 56 69.93 -48.97 66.55
CA ASN X 56 69.56 -47.61 66.18
C ASN X 56 69.80 -46.62 67.32
N GLY X 57 70.86 -46.85 68.09
CA GLY X 57 71.19 -46.00 69.21
C GLY X 57 70.46 -46.29 70.50
N ILE X 58 69.59 -47.29 70.52
CA ILE X 58 68.80 -47.64 71.69
C ILE X 58 69.43 -48.86 72.35
N LEU X 59 69.69 -48.77 73.64
CA LEU X 59 70.28 -49.87 74.40
C LEU X 59 69.24 -50.97 74.58
N GLN X 60 69.51 -52.15 74.04
CA GLN X 60 68.58 -53.26 74.13
C GLN X 60 68.85 -54.08 75.39
N PRO X 61 67.82 -54.76 75.93
CA PRO X 61 68.03 -55.62 77.09
C PRO X 61 68.87 -56.85 76.76
N SER X 62 69.10 -57.70 77.76
CA SER X 62 69.93 -58.89 77.59
C SER X 62 69.16 -60.09 77.06
N VAL X 63 67.86 -59.94 76.79
CA VAL X 63 67.05 -61.06 76.30
C VAL X 63 66.83 -61.00 74.79
N ASN X 64 67.15 -59.90 74.13
CA ASN X 64 66.96 -59.74 72.71
C ASN X 64 68.24 -59.96 71.90
N SER X 65 69.28 -60.53 72.52
CA SER X 65 70.54 -60.75 71.82
C SER X 65 71.29 -61.89 72.46
N SER X 66 72.14 -62.52 71.66
CA SER X 66 73.00 -63.62 72.13
C SER X 66 74.26 -63.60 71.28
N VAL X 67 75.41 -63.38 71.93
CA VAL X 67 76.68 -63.19 71.23
C VAL X 67 77.61 -64.35 71.58
N THR X 68 78.34 -64.83 70.57
CA THR X 68 79.35 -65.85 70.72
C THR X 68 80.69 -65.30 70.28
N THR X 69 81.77 -65.69 70.97
CA THR X 69 83.10 -65.22 70.66
C THR X 69 83.77 -66.16 69.66
N GLY X 70 85.06 -65.96 69.42
CA GLY X 70 85.82 -66.79 68.51
C GLY X 70 85.75 -66.31 67.07
N PRO X 71 86.54 -66.91 66.20
CA PRO X 71 86.51 -66.52 64.78
C PRO X 71 85.15 -66.73 64.13
N THR X 72 84.40 -67.74 64.55
CA THR X 72 83.07 -68.02 64.01
C THR X 72 81.97 -67.38 64.85
N GLY X 73 82.27 -66.29 65.53
CA GLY X 73 81.28 -65.64 66.36
C GLY X 73 80.20 -64.96 65.55
N ALA X 74 79.03 -64.84 66.16
CA ALA X 74 77.89 -64.21 65.50
C ALA X 74 76.87 -63.79 66.56
N ILE X 75 76.48 -62.52 66.54
CA ILE X 75 75.49 -62.01 67.48
C ILE X 75 74.10 -62.42 67.00
N THR X 76 73.39 -63.18 67.83
CA THR X 76 72.07 -63.69 67.47
C THR X 76 71.01 -62.70 67.94
N ILE X 77 70.46 -61.93 67.01
CA ILE X 77 69.42 -60.96 67.31
C ILE X 77 68.10 -61.48 66.74
N PRO X 78 67.26 -62.12 67.55
CA PRO X 78 65.98 -62.62 67.03
C PRO X 78 65.00 -61.49 66.75
N GLY X 79 64.18 -61.69 65.73
CA GLY X 79 63.19 -60.71 65.34
C GLY X 79 63.69 -59.58 64.47
N GLY X 80 64.97 -59.59 64.09
CA GLY X 80 65.52 -58.53 63.26
C GLY X 80 65.16 -58.63 61.79
N ASP X 81 64.63 -59.77 61.35
CA ASP X 81 64.25 -59.91 59.95
C ASP X 81 63.13 -58.96 59.57
N ALA X 82 62.14 -58.80 60.44
CA ALA X 82 61.01 -57.91 60.15
C ALA X 82 61.41 -56.44 60.14
N LEU X 83 62.52 -56.09 60.79
CA LEU X 83 62.97 -54.70 60.81
C LEU X 83 63.62 -54.33 59.49
N ASP X 84 63.88 -53.03 59.32
CA ASP X 84 64.49 -52.54 58.09
C ASP X 84 65.95 -52.98 58.02
N GLY X 85 66.49 -52.96 56.80
CA GLY X 85 67.85 -53.35 56.55
C GLY X 85 68.89 -52.28 56.76
N GLY X 86 68.48 -51.03 57.00
CA GLY X 86 69.40 -49.94 57.24
C GLY X 86 69.61 -49.56 58.68
N ILE X 87 69.01 -50.31 59.63
CA ILE X 87 69.14 -49.99 61.05
C ILE X 87 70.58 -50.27 61.50
N PRO X 88 71.28 -49.28 62.04
CA PRO X 88 72.65 -49.53 62.50
C PRO X 88 72.67 -50.42 63.74
N ILE X 89 73.77 -51.15 63.89
CA ILE X 89 74.00 -52.01 65.04
C ILE X 89 75.34 -51.65 65.65
N THR X 90 75.36 -51.48 66.97
CA THR X 90 76.58 -51.14 67.70
C THR X 90 76.72 -52.12 68.87
N ILE X 91 77.72 -52.99 68.79
CA ILE X 91 77.95 -54.01 69.80
C ILE X 91 79.19 -53.62 70.60
N GLU X 92 79.02 -53.40 71.90
CA GLU X 92 80.10 -52.94 72.76
C GLU X 92 80.47 -54.05 73.73
N PHE X 93 81.73 -54.46 73.72
CA PHE X 93 82.26 -55.46 74.63
C PHE X 93 83.15 -54.79 75.67
N ILE X 94 82.91 -55.09 76.94
CA ILE X 94 83.70 -54.57 78.04
C ILE X 94 84.67 -55.67 78.46
N VAL X 95 85.92 -55.55 78.05
CA VAL X 95 86.94 -56.56 78.34
C VAL X 95 87.69 -56.08 79.58
N THR X 96 87.47 -56.76 80.71
CA THR X 96 88.15 -56.41 81.95
C THR X 96 88.90 -57.61 82.52
#